data_9DNP
# 
_entry.id   9DNP 
# 
_audit_conform.dict_name       mmcif_pdbx.dic 
_audit_conform.dict_version    5.404 
_audit_conform.dict_location   http://mmcif.pdb.org/dictionaries/ascii/mmcif_pdbx.dic 
# 
loop_
_database_2.database_id 
_database_2.database_code 
_database_2.pdbx_database_accession 
_database_2.pdbx_DOI 
PDB   9DNP         pdb_00009dnp 10.2210/pdb9dnp/pdb 
WWPDB D_1000288523 ?            ?                   
# 
_pdbx_audit_revision_history.ordinal             1 
_pdbx_audit_revision_history.data_content_type   'Structure model' 
_pdbx_audit_revision_history.major_revision      1 
_pdbx_audit_revision_history.minor_revision      0 
_pdbx_audit_revision_history.revision_date       2025-08-13 
_pdbx_audit_revision_history.part_number         ? 
# 
_pdbx_audit_revision_details.ordinal             1 
_pdbx_audit_revision_details.revision_ordinal    1 
_pdbx_audit_revision_details.data_content_type   'Structure model' 
_pdbx_audit_revision_details.provider            repository 
_pdbx_audit_revision_details.type                'Initial release' 
_pdbx_audit_revision_details.description         ? 
_pdbx_audit_revision_details.details             ? 
# 
_pdbx_database_status.status_code                     REL 
_pdbx_database_status.status_code_sf                  REL 
_pdbx_database_status.status_code_mr                  ? 
_pdbx_database_status.entry_id                        9DNP 
_pdbx_database_status.recvd_initial_deposition_date   2024-09-17 
_pdbx_database_status.SG_entry                        N 
_pdbx_database_status.deposit_site                    RCSB 
_pdbx_database_status.process_site                    RCSB 
_pdbx_database_status.status_code_cs                  ? 
_pdbx_database_status.status_code_nmr_data            ? 
_pdbx_database_status.methods_development_category    ? 
_pdbx_database_status.pdb_format_compatible           Y 
# 
loop_
_pdbx_database_related.db_name 
_pdbx_database_related.details 
_pdbx_database_related.db_id 
_pdbx_database_related.content_type 
PDB . 9DNO unspecified 
PDB . 9DNQ unspecified 
PDB . 9DNR unspecified 
# 
_pdbx_contact_author.id                 3 
_pdbx_contact_author.email              yuc020@health.ucsd.edu 
_pdbx_contact_author.name_first         Yuan 
_pdbx_contact_author.name_last          Chen 
_pdbx_contact_author.name_mi            ? 
_pdbx_contact_author.role               'principal investigator/group leader' 
_pdbx_contact_author.identifier_ORCID   0000-0002-1510-182X 
# 
loop_
_audit_author.name 
_audit_author.pdbx_ordinal 
_audit_author.identifier_ORCID 
'Huang, S.'  1 0000-0003-3862-564X 
'Wu, J.'     2 0000-0002-8031-9462 
'Taylor, S.' 3 0000-0002-7702-6108 
'Chen, Y.'   4 0000-0002-1510-182X 
# 
_citation.abstract                  ? 
_citation.abstract_id_CAS           ? 
_citation.book_id_ISBN              ? 
_citation.book_publisher            ? 
_citation.book_publisher_city       ? 
_citation.book_title                ? 
_citation.coordinate_linkage        ? 
_citation.country                   ? 
_citation.database_id_Medline       ? 
_citation.details                   ? 
_citation.id                        primary 
_citation.journal_abbrev            'To Be Published' 
_citation.journal_id_ASTM           ? 
_citation.journal_id_CSD            0353 
_citation.journal_id_ISSN           ? 
_citation.journal_full              ? 
_citation.journal_issue             ? 
_citation.journal_volume            ? 
_citation.language                  ? 
_citation.page_first                ? 
_citation.page_last                 ? 
_citation.title                     'Structural Flexibility and Selectivity of N-End Rule Ligases' 
_citation.year                      ? 
_citation.database_id_CSD           ? 
_citation.pdbx_database_id_DOI      ? 
_citation.pdbx_database_id_PubMed   ? 
_citation.pdbx_database_id_patent   ? 
_citation.unpublished_flag          ? 
# 
loop_
_citation_author.citation_id 
_citation_author.name 
_citation_author.ordinal 
_citation_author.identifier_ORCID 
primary 'Huang, S.'  1 0000-0003-3862-564X 
primary 'Wu, J.'     2 0000-0002-8031-9462 
primary 'Taylor, S.' 3 0000-0002-7702-6108 
primary 'Chen, Y.'   4 0000-0002-1510-182X 
# 
loop_
_entity.id 
_entity.type 
_entity.src_method 
_entity.pdbx_description 
_entity.formula_weight 
_entity.pdbx_number_of_molecules 
_entity.pdbx_ec 
_entity.pdbx_mutation 
_entity.pdbx_fragment 
_entity.details 
1 polymer     man 'E3 ubiquitin-protein ligase UBR2' 8083.191 2   ? ? 'UBR-box domain (UNP residues 98-168)' ? 
2 polymer     syn ARG-PHE-PHE-NH2                    467.564  2   ? ? ?                                      ? 
3 non-polymer syn 'ZINC ION'                         65.409   6   ? ? ?                                      ? 
4 water       nat water                              18.015   225 ? ? ?                                      ? 
# 
_entity_name_com.entity_id   1 
_entity_name_com.name        'N-recognin-2,Ubiquitin-protein ligase E3-alpha-2,Ubiquitin-protein ligase E3-alpha-II' 
# 
loop_
_entity_poly.entity_id 
_entity_poly.type 
_entity_poly.nstd_linkage 
_entity_poly.nstd_monomer 
_entity_poly.pdbx_seq_one_letter_code 
_entity_poly.pdbx_seq_one_letter_code_can 
_entity_poly.pdbx_strand_id 
_entity_poly.pdbx_target_identifier 
1 'polypeptide(L)' no no  LGSLCGRVFKVGEPTYSCRDCAVDPTCVLCMECFLGSIHRDHRYRMTTSGGGGFCDCGDTEAWKEGPYCQKHE 
LGSLCGRVFKVGEPTYSCRDCAVDPTCVLCMECFLGSIHRDHRYRMTTSGGGGFCDCGDTEAWKEGPYCQKHE A,B ? 
2 'polypeptide(L)' no yes 'RFF(NH2)'                                                                RFFX C,D ? 
# 
loop_
_pdbx_entity_nonpoly.entity_id 
_pdbx_entity_nonpoly.name 
_pdbx_entity_nonpoly.comp_id 
3 'ZINC ION' ZN  
4 water      HOH 
# 
loop_
_entity_poly_seq.entity_id 
_entity_poly_seq.num 
_entity_poly_seq.mon_id 
_entity_poly_seq.hetero 
1 1  LEU n 
1 2  GLY n 
1 3  SER n 
1 4  LEU n 
1 5  CYS n 
1 6  GLY n 
1 7  ARG n 
1 8  VAL n 
1 9  PHE n 
1 10 LYS n 
1 11 VAL n 
1 12 GLY n 
1 13 GLU n 
1 14 PRO n 
1 15 THR n 
1 16 TYR n 
1 17 SER n 
1 18 CYS n 
1 19 ARG n 
1 20 ASP n 
1 21 CYS n 
1 22 ALA n 
1 23 VAL n 
1 24 ASP n 
1 25 PRO n 
1 26 THR n 
1 27 CYS n 
1 28 VAL n 
1 29 LEU n 
1 30 CYS n 
1 31 MET n 
1 32 GLU n 
1 33 CYS n 
1 34 PHE n 
1 35 LEU n 
1 36 GLY n 
1 37 SER n 
1 38 ILE n 
1 39 HIS n 
1 40 ARG n 
1 41 ASP n 
1 42 HIS n 
1 43 ARG n 
1 44 TYR n 
1 45 ARG n 
1 46 MET n 
1 47 THR n 
1 48 THR n 
1 49 SER n 
1 50 GLY n 
1 51 GLY n 
1 52 GLY n 
1 53 GLY n 
1 54 PHE n 
1 55 CYS n 
1 56 ASP n 
1 57 CYS n 
1 58 GLY n 
1 59 ASP n 
1 60 THR n 
1 61 GLU n 
1 62 ALA n 
1 63 TRP n 
1 64 LYS n 
1 65 GLU n 
1 66 GLY n 
1 67 PRO n 
1 68 TYR n 
1 69 CYS n 
1 70 GLN n 
1 71 LYS n 
1 72 HIS n 
1 73 GLU n 
2 1  ARG n 
2 2  PHE n 
2 3  PHE n 
2 4  NH2 n 
# 
_entity_src_gen.entity_id                          1 
_entity_src_gen.pdbx_src_id                        1 
_entity_src_gen.pdbx_alt_source_flag               sample 
_entity_src_gen.pdbx_seq_type                      'Biological sequence' 
_entity_src_gen.pdbx_beg_seq_num                   1 
_entity_src_gen.pdbx_end_seq_num                   73 
_entity_src_gen.gene_src_common_name               human 
_entity_src_gen.gene_src_genus                     ? 
_entity_src_gen.pdbx_gene_src_gene                 'UBR2, C6orf133, KIAA0349' 
_entity_src_gen.gene_src_species                   ? 
_entity_src_gen.gene_src_strain                    ? 
_entity_src_gen.gene_src_tissue                    ? 
_entity_src_gen.gene_src_tissue_fraction           ? 
_entity_src_gen.gene_src_details                   ? 
_entity_src_gen.pdbx_gene_src_fragment             ? 
_entity_src_gen.pdbx_gene_src_scientific_name      'Homo sapiens' 
_entity_src_gen.pdbx_gene_src_ncbi_taxonomy_id     9606 
_entity_src_gen.pdbx_gene_src_variant              ? 
_entity_src_gen.pdbx_gene_src_cell_line            ? 
_entity_src_gen.pdbx_gene_src_atcc                 ? 
_entity_src_gen.pdbx_gene_src_organ                ? 
_entity_src_gen.pdbx_gene_src_organelle            ? 
_entity_src_gen.pdbx_gene_src_cell                 ? 
_entity_src_gen.pdbx_gene_src_cellular_location    ? 
_entity_src_gen.host_org_common_name               ? 
_entity_src_gen.pdbx_host_org_scientific_name      'Escherichia coli BL21(DE3)' 
_entity_src_gen.pdbx_host_org_ncbi_taxonomy_id     469008 
_entity_src_gen.host_org_genus                     ? 
_entity_src_gen.pdbx_host_org_gene                 ? 
_entity_src_gen.pdbx_host_org_organ                ? 
_entity_src_gen.host_org_species                   ? 
_entity_src_gen.pdbx_host_org_tissue               ? 
_entity_src_gen.pdbx_host_org_tissue_fraction      ? 
_entity_src_gen.pdbx_host_org_strain               ? 
_entity_src_gen.pdbx_host_org_variant              ? 
_entity_src_gen.pdbx_host_org_cell_line            ? 
_entity_src_gen.pdbx_host_org_atcc                 ? 
_entity_src_gen.pdbx_host_org_culture_collection   ? 
_entity_src_gen.pdbx_host_org_cell                 ? 
_entity_src_gen.pdbx_host_org_organelle            ? 
_entity_src_gen.pdbx_host_org_cellular_location    ? 
_entity_src_gen.pdbx_host_org_vector_type          plasmid 
_entity_src_gen.pdbx_host_org_vector               ? 
_entity_src_gen.host_org_details                   'Amp resistance, N-terminal GST tag' 
_entity_src_gen.expression_system_id               ? 
_entity_src_gen.plasmid_name                       pGEX-6p-1-hUBR1-UBRbox 
_entity_src_gen.plasmid_details                    ? 
_entity_src_gen.pdbx_description                   ? 
# 
_pdbx_entity_src_syn.entity_id              2 
_pdbx_entity_src_syn.pdbx_src_id            1 
_pdbx_entity_src_syn.pdbx_alt_source_flag   sample 
_pdbx_entity_src_syn.pdbx_beg_seq_num       1 
_pdbx_entity_src_syn.pdbx_end_seq_num       4 
_pdbx_entity_src_syn.organism_scientific    'synthetic construct' 
_pdbx_entity_src_syn.organism_common_name   ? 
_pdbx_entity_src_syn.ncbi_taxonomy_id       32630 
_pdbx_entity_src_syn.details                ? 
# 
loop_
_chem_comp.id 
_chem_comp.type 
_chem_comp.mon_nstd_flag 
_chem_comp.name 
_chem_comp.pdbx_synonyms 
_chem_comp.formula 
_chem_comp.formula_weight 
ALA 'L-peptide linking' y ALANINE         ? 'C3 H7 N O2'     89.093  
ARG 'L-peptide linking' y ARGININE        ? 'C6 H15 N4 O2 1' 175.209 
ASP 'L-peptide linking' y 'ASPARTIC ACID' ? 'C4 H7 N O4'     133.103 
CYS 'L-peptide linking' y CYSTEINE        ? 'C3 H7 N O2 S'   121.158 
GLN 'L-peptide linking' y GLUTAMINE       ? 'C5 H10 N2 O3'   146.144 
GLU 'L-peptide linking' y 'GLUTAMIC ACID' ? 'C5 H9 N O4'     147.129 
GLY 'peptide linking'   y GLYCINE         ? 'C2 H5 N O2'     75.067  
HIS 'L-peptide linking' y HISTIDINE       ? 'C6 H10 N3 O2 1' 156.162 
HOH non-polymer         . WATER           ? 'H2 O'           18.015  
ILE 'L-peptide linking' y ISOLEUCINE      ? 'C6 H13 N O2'    131.173 
LEU 'L-peptide linking' y LEUCINE         ? 'C6 H13 N O2'    131.173 
LYS 'L-peptide linking' y LYSINE          ? 'C6 H15 N2 O2 1' 147.195 
MET 'L-peptide linking' y METHIONINE      ? 'C5 H11 N O2 S'  149.211 
NH2 non-polymer         . 'AMINO GROUP'   ? 'H2 N'           16.023  
PHE 'L-peptide linking' y PHENYLALANINE   ? 'C9 H11 N O2'    165.189 
PRO 'L-peptide linking' y PROLINE         ? 'C5 H9 N O2'     115.130 
SER 'L-peptide linking' y SERINE          ? 'C3 H7 N O3'     105.093 
THR 'L-peptide linking' y THREONINE       ? 'C4 H9 N O3'     119.119 
TRP 'L-peptide linking' y TRYPTOPHAN      ? 'C11 H12 N2 O2'  204.225 
TYR 'L-peptide linking' y TYROSINE        ? 'C9 H11 N O3'    181.189 
VAL 'L-peptide linking' y VALINE          ? 'C5 H11 N O2'    117.146 
ZN  non-polymer         . 'ZINC ION'      ? 'Zn 2'           65.409  
# 
loop_
_pdbx_poly_seq_scheme.asym_id 
_pdbx_poly_seq_scheme.entity_id 
_pdbx_poly_seq_scheme.seq_id 
_pdbx_poly_seq_scheme.mon_id 
_pdbx_poly_seq_scheme.ndb_seq_num 
_pdbx_poly_seq_scheme.pdb_seq_num 
_pdbx_poly_seq_scheme.auth_seq_num 
_pdbx_poly_seq_scheme.pdb_mon_id 
_pdbx_poly_seq_scheme.auth_mon_id 
_pdbx_poly_seq_scheme.pdb_strand_id 
_pdbx_poly_seq_scheme.pdb_ins_code 
_pdbx_poly_seq_scheme.hetero 
A 1 1  LEU 1  95  ?   ?   ?   A . n 
A 1 2  GLY 2  96  96  GLY GLY A . n 
A 1 3  SER 3  97  97  SER SER A . n 
A 1 4  LEU 4  98  98  LEU LEU A . n 
A 1 5  CYS 5  99  99  CYS CYS A . n 
A 1 6  GLY 6  100 100 GLY GLY A . n 
A 1 7  ARG 7  101 101 ARG ARG A . n 
A 1 8  VAL 8  102 102 VAL VAL A . n 
A 1 9  PHE 9  103 103 PHE PHE A . n 
A 1 10 LYS 10 104 104 LYS LYS A . n 
A 1 11 VAL 11 105 105 VAL VAL A . n 
A 1 12 GLY 12 106 106 GLY GLY A . n 
A 1 13 GLU 13 107 107 GLU GLU A . n 
A 1 14 PRO 14 108 108 PRO PRO A . n 
A 1 15 THR 15 109 109 THR THR A . n 
A 1 16 TYR 16 110 110 TYR TYR A . n 
A 1 17 SER 17 111 111 SER SER A . n 
A 1 18 CYS 18 112 112 CYS CYS A . n 
A 1 19 ARG 19 113 113 ARG ARG A . n 
A 1 20 ASP 20 114 114 ASP ASP A . n 
A 1 21 CYS 21 115 115 CYS CYS A . n 
A 1 22 ALA 22 116 116 ALA ALA A . n 
A 1 23 VAL 23 117 117 VAL VAL A . n 
A 1 24 ASP 24 118 118 ASP ASP A . n 
A 1 25 PRO 25 119 119 PRO PRO A . n 
A 1 26 THR 26 120 120 THR THR A . n 
A 1 27 CYS 27 121 121 CYS CYS A . n 
A 1 28 VAL 28 122 122 VAL VAL A . n 
A 1 29 LEU 29 123 123 LEU LEU A . n 
A 1 30 CYS 30 124 124 CYS CYS A . n 
A 1 31 MET 31 125 125 MET MET A . n 
A 1 32 GLU 32 126 126 GLU GLU A . n 
A 1 33 CYS 33 127 127 CYS CYS A . n 
A 1 34 PHE 34 128 128 PHE PHE A . n 
A 1 35 LEU 35 129 129 LEU LEU A . n 
A 1 36 GLY 36 130 130 GLY GLY A . n 
A 1 37 SER 37 131 131 SER SER A . n 
A 1 38 ILE 38 132 132 ILE ILE A . n 
A 1 39 HIS 39 133 133 HIS HIS A . n 
A 1 40 ARG 40 134 134 ARG ARG A . n 
A 1 41 ASP 41 135 135 ASP ASP A . n 
A 1 42 HIS 42 136 136 HIS HIS A . n 
A 1 43 ARG 43 137 137 ARG ARG A . n 
A 1 44 TYR 44 138 138 TYR TYR A . n 
A 1 45 ARG 45 139 139 ARG ARG A . n 
A 1 46 MET 46 140 140 MET MET A . n 
A 1 47 THR 47 141 141 THR THR A . n 
A 1 48 THR 48 142 142 THR THR A . n 
A 1 49 SER 49 143 143 SER SER A . n 
A 1 50 GLY 50 144 144 GLY GLY A . n 
A 1 51 GLY 51 145 145 GLY GLY A . n 
A 1 52 GLY 52 146 146 GLY GLY A . n 
A 1 53 GLY 53 147 147 GLY GLY A . n 
A 1 54 PHE 54 148 148 PHE PHE A . n 
A 1 55 CYS 55 149 149 CYS CYS A . n 
A 1 56 ASP 56 150 150 ASP ASP A . n 
A 1 57 CYS 57 151 151 CYS CYS A . n 
A 1 58 GLY 58 152 152 GLY GLY A . n 
A 1 59 ASP 59 153 153 ASP ASP A . n 
A 1 60 THR 60 154 154 THR THR A . n 
A 1 61 GLU 61 155 155 GLU GLU A . n 
A 1 62 ALA 62 156 156 ALA ALA A . n 
A 1 63 TRP 63 157 157 TRP TRP A . n 
A 1 64 LYS 64 158 158 LYS LYS A . n 
A 1 65 GLU 65 159 159 GLU GLU A . n 
A 1 66 GLY 66 160 160 GLY GLY A . n 
A 1 67 PRO 67 161 161 PRO PRO A . n 
A 1 68 TYR 68 162 162 TYR TYR A . n 
A 1 69 CYS 69 163 163 CYS CYS A . n 
A 1 70 GLN 70 164 164 GLN GLN A . n 
A 1 71 LYS 71 165 165 LYS LYS A . n 
A 1 72 HIS 72 166 166 HIS HIS A . n 
A 1 73 GLU 73 167 167 GLU GLU A . n 
B 2 1  ARG 1  1   1   ARG ARG C . n 
B 2 2  PHE 2  2   2   PHE PHE C . n 
B 2 3  PHE 3  3   3   PHE PHE C . n 
B 2 4  NH2 4  4   4   NH2 PHE C . n 
C 1 1  LEU 1  95  95  LEU LEU B . n 
C 1 2  GLY 2  96  96  GLY GLY B . n 
C 1 3  SER 3  97  97  SER SER B . n 
C 1 4  LEU 4  98  98  LEU LEU B . n 
C 1 5  CYS 5  99  99  CYS CYS B . n 
C 1 6  GLY 6  100 100 GLY GLY B . n 
C 1 7  ARG 7  101 101 ARG ARG B . n 
C 1 8  VAL 8  102 102 VAL VAL B . n 
C 1 9  PHE 9  103 103 PHE PHE B . n 
C 1 10 LYS 10 104 104 LYS LYS B . n 
C 1 11 VAL 11 105 105 VAL VAL B . n 
C 1 12 GLY 12 106 106 GLY GLY B . n 
C 1 13 GLU 13 107 107 GLU GLU B . n 
C 1 14 PRO 14 108 108 PRO PRO B . n 
C 1 15 THR 15 109 109 THR THR B . n 
C 1 16 TYR 16 110 110 TYR TYR B . n 
C 1 17 SER 17 111 111 SER SER B . n 
C 1 18 CYS 18 112 112 CYS CYS B . n 
C 1 19 ARG 19 113 113 ARG ARG B . n 
C 1 20 ASP 20 114 114 ASP ASP B . n 
C 1 21 CYS 21 115 115 CYS CYS B . n 
C 1 22 ALA 22 116 116 ALA ALA B . n 
C 1 23 VAL 23 117 117 VAL VAL B . n 
C 1 24 ASP 24 118 118 ASP ASP B . n 
C 1 25 PRO 25 119 119 PRO PRO B . n 
C 1 26 THR 26 120 120 THR THR B . n 
C 1 27 CYS 27 121 121 CYS CYS B . n 
C 1 28 VAL 28 122 122 VAL VAL B . n 
C 1 29 LEU 29 123 123 LEU LEU B . n 
C 1 30 CYS 30 124 124 CYS CYS B . n 
C 1 31 MET 31 125 125 MET MET B . n 
C 1 32 GLU 32 126 126 GLU GLU B . n 
C 1 33 CYS 33 127 127 CYS CYS B . n 
C 1 34 PHE 34 128 128 PHE PHE B . n 
C 1 35 LEU 35 129 129 LEU LEU B . n 
C 1 36 GLY 36 130 130 GLY GLY B . n 
C 1 37 SER 37 131 131 SER SER B . n 
C 1 38 ILE 38 132 132 ILE ILE B . n 
C 1 39 HIS 39 133 133 HIS HIS B . n 
C 1 40 ARG 40 134 134 ARG ARG B . n 
C 1 41 ASP 41 135 135 ASP ASP B . n 
C 1 42 HIS 42 136 136 HIS HIS B . n 
C 1 43 ARG 43 137 137 ARG ARG B . n 
C 1 44 TYR 44 138 138 TYR TYR B . n 
C 1 45 ARG 45 139 139 ARG ARG B . n 
C 1 46 MET 46 140 140 MET MET B . n 
C 1 47 THR 47 141 141 THR THR B . n 
C 1 48 THR 48 142 142 THR THR B . n 
C 1 49 SER 49 143 143 SER SER B . n 
C 1 50 GLY 50 144 144 GLY GLY B . n 
C 1 51 GLY 51 145 145 GLY GLY B . n 
C 1 52 GLY 52 146 146 GLY GLY B . n 
C 1 53 GLY 53 147 147 GLY GLY B . n 
C 1 54 PHE 54 148 148 PHE PHE B . n 
C 1 55 CYS 55 149 149 CYS CYS B . n 
C 1 56 ASP 56 150 150 ASP ASP B . n 
C 1 57 CYS 57 151 151 CYS CYS B . n 
C 1 58 GLY 58 152 152 GLY GLY B . n 
C 1 59 ASP 59 153 153 ASP ASP B . n 
C 1 60 THR 60 154 154 THR THR B . n 
C 1 61 GLU 61 155 155 GLU GLU B . n 
C 1 62 ALA 62 156 156 ALA ALA B . n 
C 1 63 TRP 63 157 157 TRP TRP B . n 
C 1 64 LYS 64 158 158 LYS LYS B . n 
C 1 65 GLU 65 159 159 GLU GLU B . n 
C 1 66 GLY 66 160 160 GLY GLY B . n 
C 1 67 PRO 67 161 161 PRO PRO B . n 
C 1 68 TYR 68 162 162 TYR TYR B . n 
C 1 69 CYS 69 163 163 CYS CYS B . n 
C 1 70 GLN 70 164 164 GLN GLN B . n 
C 1 71 LYS 71 165 165 LYS LYS B . n 
C 1 72 HIS 72 166 166 HIS HIS B . n 
C 1 73 GLU 73 167 167 GLU GLU B . n 
D 2 1  ARG 1  1   1   ARG ARG D . n 
D 2 2  PHE 2  2   2   PHE PHE D . n 
D 2 3  PHE 3  3   3   PHE PHE D . n 
D 2 4  NH2 4  4   4   NH2 PHE D . n 
# 
_pdbx_entity_instance_feature.ordinal        1 
_pdbx_entity_instance_feature.comp_id        ZN 
_pdbx_entity_instance_feature.asym_id        ? 
_pdbx_entity_instance_feature.seq_num        ? 
_pdbx_entity_instance_feature.auth_comp_id   ZN 
_pdbx_entity_instance_feature.auth_asym_id   ? 
_pdbx_entity_instance_feature.auth_seq_num   ? 
_pdbx_entity_instance_feature.feature_type   'SUBJECT OF INVESTIGATION' 
_pdbx_entity_instance_feature.details        ? 
# 
loop_
_pdbx_nonpoly_scheme.asym_id 
_pdbx_nonpoly_scheme.entity_id 
_pdbx_nonpoly_scheme.mon_id 
_pdbx_nonpoly_scheme.ndb_seq_num 
_pdbx_nonpoly_scheme.pdb_seq_num 
_pdbx_nonpoly_scheme.auth_seq_num 
_pdbx_nonpoly_scheme.pdb_mon_id 
_pdbx_nonpoly_scheme.auth_mon_id 
_pdbx_nonpoly_scheme.pdb_strand_id 
_pdbx_nonpoly_scheme.pdb_ins_code 
E 3 ZN  1   201 1   ZN  ZN  A . 
F 3 ZN  1   202 2   ZN  ZN  A . 
G 3 ZN  1   203 3   ZN  ZN  A . 
H 3 ZN  1   201 1   ZN  ZN  B . 
I 3 ZN  1   202 2   ZN  ZN  B . 
J 3 ZN  1   203 3   ZN  ZN  B . 
K 4 HOH 1   301 188 HOH HOH A . 
K 4 HOH 2   302 11  HOH HOH A . 
K 4 HOH 3   303 31  HOH HOH A . 
K 4 HOH 4   304 21  HOH HOH A . 
K 4 HOH 5   305 107 HOH HOH A . 
K 4 HOH 6   306 66  HOH HOH A . 
K 4 HOH 7   307 129 HOH HOH A . 
K 4 HOH 8   308 133 HOH HOH A . 
K 4 HOH 9   309 55  HOH HOH A . 
K 4 HOH 10  310 81  HOH HOH A . 
K 4 HOH 11  311 165 HOH HOH A . 
K 4 HOH 12  312 50  HOH HOH A . 
K 4 HOH 13  313 9   HOH HOH A . 
K 4 HOH 14  314 103 HOH HOH A . 
K 4 HOH 15  315 94  HOH HOH A . 
K 4 HOH 16  316 2   HOH HOH A . 
K 4 HOH 17  317 89  HOH HOH A . 
K 4 HOH 18  318 75  HOH HOH A . 
K 4 HOH 19  319 70  HOH HOH A . 
K 4 HOH 20  320 215 HOH HOH A . 
K 4 HOH 21  321 151 HOH HOH A . 
K 4 HOH 22  322 79  HOH HOH A . 
K 4 HOH 23  323 115 HOH HOH A . 
K 4 HOH 24  324 96  HOH HOH A . 
K 4 HOH 25  325 38  HOH HOH A . 
K 4 HOH 26  326 15  HOH HOH A . 
K 4 HOH 27  327 152 HOH HOH A . 
K 4 HOH 28  328 223 HOH HOH A . 
K 4 HOH 29  329 12  HOH HOH A . 
K 4 HOH 30  330 34  HOH HOH A . 
K 4 HOH 31  331 37  HOH HOH A . 
K 4 HOH 32  332 104 HOH HOH A . 
K 4 HOH 33  333 87  HOH HOH A . 
K 4 HOH 34  334 57  HOH HOH A . 
K 4 HOH 35  335 51  HOH HOH A . 
K 4 HOH 36  336 158 HOH HOH A . 
K 4 HOH 37  337 189 HOH HOH A . 
K 4 HOH 38  338 142 HOH HOH A . 
K 4 HOH 39  339 58  HOH HOH A . 
K 4 HOH 40  340 128 HOH HOH A . 
K 4 HOH 41  341 92  HOH HOH A . 
K 4 HOH 42  342 127 HOH HOH A . 
K 4 HOH 43  343 131 HOH HOH A . 
K 4 HOH 44  344 4   HOH HOH A . 
K 4 HOH 45  345 113 HOH HOH A . 
K 4 HOH 46  346 29  HOH HOH A . 
K 4 HOH 47  347 167 HOH HOH A . 
K 4 HOH 48  348 19  HOH HOH A . 
K 4 HOH 49  349 106 HOH HOH A . 
K 4 HOH 50  350 91  HOH HOH A . 
K 4 HOH 51  351 154 HOH HOH A . 
K 4 HOH 52  352 35  HOH HOH A . 
K 4 HOH 53  353 140 HOH HOH A . 
K 4 HOH 54  354 85  HOH HOH A . 
K 4 HOH 55  355 202 HOH HOH A . 
K 4 HOH 56  356 211 HOH HOH A . 
K 4 HOH 57  357 65  HOH HOH A . 
K 4 HOH 58  358 77  HOH HOH A . 
K 4 HOH 59  359 36  HOH HOH A . 
K 4 HOH 60  360 82  HOH HOH A . 
K 4 HOH 61  361 60  HOH HOH A . 
K 4 HOH 62  362 197 HOH HOH A . 
K 4 HOH 63  363 123 HOH HOH A . 
K 4 HOH 64  364 74  HOH HOH A . 
K 4 HOH 65  365 20  HOH HOH A . 
K 4 HOH 66  366 88  HOH HOH A . 
K 4 HOH 67  367 100 HOH HOH A . 
K 4 HOH 68  368 68  HOH HOH A . 
K 4 HOH 69  369 72  HOH HOH A . 
K 4 HOH 70  370 185 HOH HOH A . 
K 4 HOH 71  371 214 HOH HOH A . 
K 4 HOH 72  372 181 HOH HOH A . 
K 4 HOH 73  373 159 HOH HOH A . 
K 4 HOH 74  374 200 HOH HOH A . 
K 4 HOH 75  375 132 HOH HOH A . 
K 4 HOH 76  376 198 HOH HOH A . 
K 4 HOH 77  377 156 HOH HOH A . 
K 4 HOH 78  378 179 HOH HOH A . 
K 4 HOH 79  379 97  HOH HOH A . 
K 4 HOH 80  380 76  HOH HOH A . 
K 4 HOH 81  381 135 HOH HOH A . 
K 4 HOH 82  382 32  HOH HOH A . 
K 4 HOH 83  383 64  HOH HOH A . 
K 4 HOH 84  384 163 HOH HOH A . 
K 4 HOH 85  385 225 HOH HOH A . 
K 4 HOH 86  386 69  HOH HOH A . 
K 4 HOH 87  387 218 HOH HOH A . 
K 4 HOH 88  388 43  HOH HOH A . 
K 4 HOH 89  389 207 HOH HOH A . 
K 4 HOH 90  390 48  HOH HOH A . 
K 4 HOH 91  391 16  HOH HOH A . 
K 4 HOH 92  392 150 HOH HOH A . 
K 4 HOH 93  393 116 HOH HOH A . 
K 4 HOH 94  394 119 HOH HOH A . 
K 4 HOH 95  395 134 HOH HOH A . 
K 4 HOH 96  396 210 HOH HOH A . 
K 4 HOH 97  397 205 HOH HOH A . 
K 4 HOH 98  398 222 HOH HOH A . 
K 4 HOH 99  399 136 HOH HOH A . 
L 4 HOH 1   101 40  HOH HOH C . 
L 4 HOH 2   102 86  HOH HOH C . 
L 4 HOH 3   103 161 HOH HOH C . 
L 4 HOH 4   104 62  HOH HOH C . 
M 4 HOH 1   301 160 HOH HOH B . 
M 4 HOH 2   302 180 HOH HOH B . 
M 4 HOH 3   303 201 HOH HOH B . 
M 4 HOH 4   304 118 HOH HOH B . 
M 4 HOH 5   305 93  HOH HOH B . 
M 4 HOH 6   306 124 HOH HOH B . 
M 4 HOH 7   307 173 HOH HOH B . 
M 4 HOH 8   308 27  HOH HOH B . 
M 4 HOH 9   309 3   HOH HOH B . 
M 4 HOH 10  310 83  HOH HOH B . 
M 4 HOH 11  311 112 HOH HOH B . 
M 4 HOH 12  312 199 HOH HOH B . 
M 4 HOH 13  313 178 HOH HOH B . 
M 4 HOH 14  314 63  HOH HOH B . 
M 4 HOH 15  315 101 HOH HOH B . 
M 4 HOH 16  316 153 HOH HOH B . 
M 4 HOH 17  317 117 HOH HOH B . 
M 4 HOH 18  318 84  HOH HOH B . 
M 4 HOH 19  319 177 HOH HOH B . 
M 4 HOH 20  320 110 HOH HOH B . 
M 4 HOH 21  321 195 HOH HOH B . 
M 4 HOH 22  322 141 HOH HOH B . 
M 4 HOH 23  323 190 HOH HOH B . 
M 4 HOH 24  324 162 HOH HOH B . 
M 4 HOH 25  325 14  HOH HOH B . 
M 4 HOH 26  326 28  HOH HOH B . 
M 4 HOH 27  327 8   HOH HOH B . 
M 4 HOH 28  328 216 HOH HOH B . 
M 4 HOH 29  329 17  HOH HOH B . 
M 4 HOH 30  330 24  HOH HOH B . 
M 4 HOH 31  331 219 HOH HOH B . 
M 4 HOH 32  332 52  HOH HOH B . 
M 4 HOH 33  333 26  HOH HOH B . 
M 4 HOH 34  334 105 HOH HOH B . 
M 4 HOH 35  335 78  HOH HOH B . 
M 4 HOH 36  336 186 HOH HOH B . 
M 4 HOH 37  337 73  HOH HOH B . 
M 4 HOH 38  338 7   HOH HOH B . 
M 4 HOH 39  339 126 HOH HOH B . 
M 4 HOH 40  340 71  HOH HOH B . 
M 4 HOH 41  341 10  HOH HOH B . 
M 4 HOH 42  342 30  HOH HOH B . 
M 4 HOH 43  343 99  HOH HOH B . 
M 4 HOH 44  344 184 HOH HOH B . 
M 4 HOH 45  345 13  HOH HOH B . 
M 4 HOH 46  346 25  HOH HOH B . 
M 4 HOH 47  347 54  HOH HOH B . 
M 4 HOH 48  348 114 HOH HOH B . 
M 4 HOH 49  349 98  HOH HOH B . 
M 4 HOH 50  350 1   HOH HOH B . 
M 4 HOH 51  351 18  HOH HOH B . 
M 4 HOH 52  352 175 HOH HOH B . 
M 4 HOH 53  353 6   HOH HOH B . 
M 4 HOH 54  354 22  HOH HOH B . 
M 4 HOH 55  355 208 HOH HOH B . 
M 4 HOH 56  356 47  HOH HOH B . 
M 4 HOH 57  357 194 HOH HOH B . 
M 4 HOH 58  358 102 HOH HOH B . 
M 4 HOH 59  359 138 HOH HOH B . 
M 4 HOH 60  360 5   HOH HOH B . 
M 4 HOH 61  361 145 HOH HOH B . 
M 4 HOH 62  362 39  HOH HOH B . 
M 4 HOH 63  363 146 HOH HOH B . 
M 4 HOH 64  364 45  HOH HOH B . 
M 4 HOH 65  365 122 HOH HOH B . 
M 4 HOH 66  366 157 HOH HOH B . 
M 4 HOH 67  367 41  HOH HOH B . 
M 4 HOH 68  368 174 HOH HOH B . 
M 4 HOH 69  369 44  HOH HOH B . 
M 4 HOH 70  370 61  HOH HOH B . 
M 4 HOH 71  371 155 HOH HOH B . 
M 4 HOH 72  372 176 HOH HOH B . 
M 4 HOH 73  373 111 HOH HOH B . 
M 4 HOH 74  374 191 HOH HOH B . 
M 4 HOH 75  375 212 HOH HOH B . 
M 4 HOH 76  376 171 HOH HOH B . 
M 4 HOH 77  377 203 HOH HOH B . 
M 4 HOH 78  378 90  HOH HOH B . 
M 4 HOH 79  379 204 HOH HOH B . 
M 4 HOH 80  380 125 HOH HOH B . 
M 4 HOH 81  381 196 HOH HOH B . 
M 4 HOH 82  382 206 HOH HOH B . 
M 4 HOH 83  383 53  HOH HOH B . 
M 4 HOH 84  384 149 HOH HOH B . 
M 4 HOH 85  385 130 HOH HOH B . 
M 4 HOH 86  386 120 HOH HOH B . 
M 4 HOH 87  387 224 HOH HOH B . 
M 4 HOH 88  388 139 HOH HOH B . 
M 4 HOH 89  389 148 HOH HOH B . 
M 4 HOH 90  390 221 HOH HOH B . 
M 4 HOH 91  391 192 HOH HOH B . 
M 4 HOH 92  392 147 HOH HOH B . 
M 4 HOH 93  393 42  HOH HOH B . 
M 4 HOH 94  394 109 HOH HOH B . 
M 4 HOH 95  395 183 HOH HOH B . 
M 4 HOH 96  396 137 HOH HOH B . 
M 4 HOH 97  397 121 HOH HOH B . 
M 4 HOH 98  398 108 HOH HOH B . 
M 4 HOH 99  399 170 HOH HOH B . 
M 4 HOH 100 400 80  HOH HOH B . 
M 4 HOH 101 401 95  HOH HOH B . 
M 4 HOH 102 402 209 HOH HOH B . 
M 4 HOH 103 403 49  HOH HOH B . 
M 4 HOH 104 404 213 HOH HOH B . 
M 4 HOH 105 405 67  HOH HOH B . 
M 4 HOH 106 406 33  HOH HOH B . 
M 4 HOH 107 407 143 HOH HOH B . 
M 4 HOH 108 408 166 HOH HOH B . 
M 4 HOH 109 409 56  HOH HOH B . 
M 4 HOH 110 410 59  HOH HOH B . 
M 4 HOH 111 411 144 HOH HOH B . 
M 4 HOH 112 412 193 HOH HOH B . 
M 4 HOH 113 413 217 HOH HOH B . 
M 4 HOH 114 414 220 HOH HOH B . 
M 4 HOH 115 415 172 HOH HOH B . 
M 4 HOH 116 416 46  HOH HOH B . 
M 4 HOH 117 417 187 HOH HOH B . 
M 4 HOH 118 418 164 HOH HOH B . 
M 4 HOH 119 419 182 HOH HOH B . 
N 4 HOH 1   101 23  HOH HOH D . 
N 4 HOH 2   102 169 HOH HOH D . 
N 4 HOH 3   103 168 HOH HOH D . 
# 
loop_
_software.citation_id 
_software.classification 
_software.compiler_name 
_software.compiler_version 
_software.contact_author 
_software.contact_author_email 
_software.date 
_software.description 
_software.dependencies 
_software.hardware 
_software.language 
_software.location 
_software.mods 
_software.name 
_software.os 
_software.os_version 
_software.type 
_software.version 
_software.pdbx_ordinal 
? refinement       ? ? ? ? ? ? ? ? ? ? ? PHENIX   ? ? ? '(1.20.1_4487: ???)' 1 
? 'data scaling'   ? ? ? ? ? ? ? ? ? ? ? HKL-2000 ? ? ? .                    2 
? 'data reduction' ? ? ? ? ? ? ? ? ? ? ? DIALS    ? ? ? .                    3 
? phasing          ? ? ? ? ? ? ? ? ? ? ? PHASER   ? ? ? .                    4 
# 
_cell.angle_alpha                  90.00 
_cell.angle_alpha_esd              ? 
_cell.angle_beta                   90.00 
_cell.angle_beta_esd               ? 
_cell.angle_gamma                  90.00 
_cell.angle_gamma_esd              ? 
_cell.entry_id                     9DNP 
_cell.details                      ? 
_cell.formula_units_Z              ? 
_cell.length_a                     50.538 
_cell.length_a_esd                 ? 
_cell.length_b                     56.987 
_cell.length_b_esd                 ? 
_cell.length_c                     115.606 
_cell.length_c_esd                 ? 
_cell.volume                       ? 
_cell.volume_esd                   ? 
_cell.Z_PDB                        16 
_cell.reciprocal_angle_alpha       ? 
_cell.reciprocal_angle_beta        ? 
_cell.reciprocal_angle_gamma       ? 
_cell.reciprocal_angle_alpha_esd   ? 
_cell.reciprocal_angle_beta_esd    ? 
_cell.reciprocal_angle_gamma_esd   ? 
_cell.reciprocal_length_a          ? 
_cell.reciprocal_length_b          ? 
_cell.reciprocal_length_c          ? 
_cell.reciprocal_length_a_esd      ? 
_cell.reciprocal_length_b_esd      ? 
_cell.reciprocal_length_c_esd      ? 
_cell.pdbx_unique_axis             ? 
_cell.pdbx_esd_method              ? 
# 
_symmetry.entry_id                         9DNP 
_symmetry.cell_setting                     ? 
_symmetry.Int_Tables_number                20 
_symmetry.space_group_name_Hall            ? 
_symmetry.space_group_name_H-M             'C 2 2 21' 
_symmetry.pdbx_full_space_group_name_H-M   ? 
# 
_exptl.absorpt_coefficient_mu     ? 
_exptl.absorpt_correction_T_max   ? 
_exptl.absorpt_correction_T_min   ? 
_exptl.absorpt_correction_type    ? 
_exptl.absorpt_process_details    ? 
_exptl.entry_id                   9DNP 
_exptl.crystals_number            1 
_exptl.details                    ? 
_exptl.method                     'X-RAY DIFFRACTION' 
_exptl.method_details             ? 
# 
_exptl_crystal.colour                       ? 
_exptl_crystal.density_diffrn               ? 
_exptl_crystal.density_Matthews             2.32 
_exptl_crystal.density_method               ? 
_exptl_crystal.density_percent_sol          47 
_exptl_crystal.description                  ? 
_exptl_crystal.F_000                        ? 
_exptl_crystal.id                           1 
_exptl_crystal.preparation                  ? 
_exptl_crystal.size_max                     ? 
_exptl_crystal.size_mid                     ? 
_exptl_crystal.size_min                     ? 
_exptl_crystal.size_rad                     ? 
_exptl_crystal.colour_lustre                ? 
_exptl_crystal.colour_modifier              ? 
_exptl_crystal.colour_primary               ? 
_exptl_crystal.density_meas                 ? 
_exptl_crystal.density_meas_esd             ? 
_exptl_crystal.density_meas_gt              ? 
_exptl_crystal.density_meas_lt              ? 
_exptl_crystal.density_meas_temp            ? 
_exptl_crystal.density_meas_temp_esd        ? 
_exptl_crystal.density_meas_temp_gt         ? 
_exptl_crystal.density_meas_temp_lt         ? 
_exptl_crystal.pdbx_crystal_image_url       ? 
_exptl_crystal.pdbx_crystal_image_format    ? 
_exptl_crystal.pdbx_mosaicity               ? 
_exptl_crystal.pdbx_mosaicity_esd           ? 
_exptl_crystal.pdbx_mosaic_method           ? 
_exptl_crystal.pdbx_mosaic_block_size       ? 
_exptl_crystal.pdbx_mosaic_block_size_esd   ? 
# 
_exptl_crystal_grow.apparatus       ? 
_exptl_crystal_grow.atmosphere      ? 
_exptl_crystal_grow.crystal_id      1 
_exptl_crystal_grow.details         ? 
_exptl_crystal_grow.method          'VAPOR DIFFUSION, HANGING DROP' 
_exptl_crystal_grow.method_ref      ? 
_exptl_crystal_grow.pH              ? 
_exptl_crystal_grow.pressure        ? 
_exptl_crystal_grow.pressure_esd    ? 
_exptl_crystal_grow.seeding         ? 
_exptl_crystal_grow.seeding_ref     ? 
_exptl_crystal_grow.temp_details    ? 
_exptl_crystal_grow.temp_esd        ? 
_exptl_crystal_grow.time            ? 
_exptl_crystal_grow.pdbx_details    
;The stock concentration of UBR2UBR for co-crystallization is 6.2 mg/ml. For UBR2UBR-RFF  the ligand to protein molar ratio is 1:2 and the reservoirs contain 0.1 M Bis-Tris pH 6.3 with 26% PEG 3350.
;
_exptl_crystal_grow.pdbx_pH_range   ? 
_exptl_crystal_grow.temp            293.15 
# 
_diffrn.ambient_environment              ? 
_diffrn.ambient_temp                     77 
_diffrn.ambient_temp_details             ? 
_diffrn.ambient_temp_esd                 ? 
_diffrn.crystal_id                       1 
_diffrn.crystal_support                  ? 
_diffrn.crystal_treatment                ? 
_diffrn.details                          ? 
_diffrn.id                               1 
_diffrn.ambient_pressure                 ? 
_diffrn.ambient_pressure_esd             ? 
_diffrn.ambient_pressure_gt              ? 
_diffrn.ambient_pressure_lt              ? 
_diffrn.ambient_temp_gt                  ? 
_diffrn.ambient_temp_lt                  ? 
_diffrn.pdbx_serial_crystal_experiment   N 
# 
_diffrn_detector.details                      ? 
_diffrn_detector.detector                     PIXEL 
_diffrn_detector.diffrn_id                    1 
_diffrn_detector.type                         'DECTRIS PILATUS3 6M' 
_diffrn_detector.area_resol_mean              ? 
_diffrn_detector.dtime                        ? 
_diffrn_detector.pdbx_frames_total            ? 
_diffrn_detector.pdbx_collection_time_total   ? 
_diffrn_detector.pdbx_collection_date         2022-11-08 
_diffrn_detector.pdbx_frequency               ? 
_diffrn_detector.id                           ? 
_diffrn_detector.number_of_axes               ? 
# 
_diffrn_radiation.collimation                      ? 
_diffrn_radiation.diffrn_id                        1 
_diffrn_radiation.filter_edge                      ? 
_diffrn_radiation.inhomogeneity                    ? 
_diffrn_radiation.monochromator                    ? 
_diffrn_radiation.polarisn_norm                    ? 
_diffrn_radiation.polarisn_ratio                   ? 
_diffrn_radiation.probe                            ? 
_diffrn_radiation.type                             ? 
_diffrn_radiation.xray_symbol                      ? 
_diffrn_radiation.wavelength_id                    1 
_diffrn_radiation.pdbx_monochromatic_or_laue_m_l   M 
_diffrn_radiation.pdbx_wavelength_list             ? 
_diffrn_radiation.pdbx_wavelength                  ? 
_diffrn_radiation.pdbx_diffrn_protocol             'SINGLE WAVELENGTH' 
_diffrn_radiation.pdbx_analyzer                    ? 
_diffrn_radiation.pdbx_scattering_type             x-ray 
# 
_diffrn_radiation_wavelength.id           1 
_diffrn_radiation_wavelength.wavelength   0.97648 
_diffrn_radiation_wavelength.wt           1.0 
# 
_diffrn_source.current                     ? 
_diffrn_source.details                     ? 
_diffrn_source.diffrn_id                   1 
_diffrn_source.power                       ? 
_diffrn_source.size                        ? 
_diffrn_source.source                      SYNCHROTRON 
_diffrn_source.target                      ? 
_diffrn_source.type                        'ALS BEAMLINE 8.2.1' 
_diffrn_source.voltage                     ? 
_diffrn_source.take-off_angle              ? 
_diffrn_source.pdbx_wavelength_list        0.97648 
_diffrn_source.pdbx_wavelength             ? 
_diffrn_source.pdbx_synchrotron_beamline   8.2.1 
_diffrn_source.pdbx_synchrotron_site       ALS 
# 
_reflns.B_iso_Wilson_estimate                          ? 
_reflns.entry_id                                       9DNP 
_reflns.data_reduction_details                         ? 
_reflns.data_reduction_method                          ? 
_reflns.d_resolution_high                              1.22 
_reflns.d_resolution_low                               50.00 
_reflns.details                                        ? 
_reflns.limit_h_max                                    ? 
_reflns.limit_h_min                                    ? 
_reflns.limit_k_max                                    ? 
_reflns.limit_k_min                                    ? 
_reflns.limit_l_max                                    ? 
_reflns.limit_l_min                                    ? 
_reflns.number_all                                     ? 
_reflns.number_obs                                     47384 
_reflns.observed_criterion                             ? 
_reflns.observed_criterion_F_max                       ? 
_reflns.observed_criterion_F_min                       ? 
_reflns.observed_criterion_I_max                       ? 
_reflns.observed_criterion_I_min                       ? 
_reflns.observed_criterion_sigma_F                     ? 
_reflns.observed_criterion_sigma_I                     ? 
_reflns.percent_possible_obs                           95.3 
_reflns.R_free_details                                 ? 
_reflns.Rmerge_F_all                                   ? 
_reflns.Rmerge_F_obs                                   ? 
_reflns.Friedel_coverage                               ? 
_reflns.number_gt                                      ? 
_reflns.threshold_expression                           ? 
_reflns.pdbx_redundancy                                6.8 
_reflns.pdbx_netI_over_av_sigmaI                       ? 
_reflns.pdbx_netI_over_sigmaI                          7.2 
_reflns.pdbx_res_netI_over_av_sigmaI_2                 ? 
_reflns.pdbx_res_netI_over_sigmaI_2                    ? 
_reflns.pdbx_chi_squared                               1.290 
_reflns.pdbx_scaling_rejects                           ? 
_reflns.pdbx_d_res_high_opt                            ? 
_reflns.pdbx_d_res_low_opt                             ? 
_reflns.pdbx_d_res_opt_method                          ? 
_reflns.phase_calculation_details                      ? 
_reflns.pdbx_Rrim_I_all                                0.104 
_reflns.pdbx_Rpim_I_all                                0.038 
_reflns.pdbx_d_opt                                     ? 
_reflns.pdbx_number_measured_all                       320088 
_reflns.pdbx_diffrn_id                                 1 
_reflns.pdbx_ordinal                                   1 
_reflns.pdbx_CC_half                                   0.993 
_reflns.pdbx_CC_star                                   0.998 
_reflns.pdbx_R_split                                   ? 
_reflns.pdbx_Rmerge_I_obs                              0.097 
_reflns.pdbx_Rmerge_I_all                              ? 
_reflns.pdbx_Rsym_value                                ? 
_reflns.pdbx_CC_split_method                           ? 
_reflns.pdbx_aniso_diffraction_limit_axis_1_ortho[1]   ? 
_reflns.pdbx_aniso_diffraction_limit_axis_1_ortho[2]   ? 
_reflns.pdbx_aniso_diffraction_limit_axis_1_ortho[3]   ? 
_reflns.pdbx_aniso_diffraction_limit_axis_2_ortho[1]   ? 
_reflns.pdbx_aniso_diffraction_limit_axis_2_ortho[2]   ? 
_reflns.pdbx_aniso_diffraction_limit_axis_2_ortho[3]   ? 
_reflns.pdbx_aniso_diffraction_limit_axis_3_ortho[1]   ? 
_reflns.pdbx_aniso_diffraction_limit_axis_3_ortho[2]   ? 
_reflns.pdbx_aniso_diffraction_limit_axis_3_ortho[3]   ? 
_reflns.pdbx_aniso_diffraction_limit_1                 ? 
_reflns.pdbx_aniso_diffraction_limit_2                 ? 
_reflns.pdbx_aniso_diffraction_limit_3                 ? 
_reflns.pdbx_aniso_B_tensor_eigenvector_1_ortho[1]     ? 
_reflns.pdbx_aniso_B_tensor_eigenvector_1_ortho[2]     ? 
_reflns.pdbx_aniso_B_tensor_eigenvector_1_ortho[3]     ? 
_reflns.pdbx_aniso_B_tensor_eigenvector_2_ortho[1]     ? 
_reflns.pdbx_aniso_B_tensor_eigenvector_2_ortho[2]     ? 
_reflns.pdbx_aniso_B_tensor_eigenvector_2_ortho[3]     ? 
_reflns.pdbx_aniso_B_tensor_eigenvector_3_ortho[1]     ? 
_reflns.pdbx_aniso_B_tensor_eigenvector_3_ortho[2]     ? 
_reflns.pdbx_aniso_B_tensor_eigenvector_3_ortho[3]     ? 
_reflns.pdbx_aniso_B_tensor_eigenvalue_1               ? 
_reflns.pdbx_aniso_B_tensor_eigenvalue_2               ? 
_reflns.pdbx_aniso_B_tensor_eigenvalue_3               ? 
_reflns.pdbx_orthogonalization_convention              ? 
_reflns.pdbx_percent_possible_ellipsoidal              ? 
_reflns.pdbx_percent_possible_spherical                ? 
_reflns.pdbx_percent_possible_ellipsoidal_anomalous    ? 
_reflns.pdbx_percent_possible_spherical_anomalous      ? 
_reflns.pdbx_redundancy_anomalous                      ? 
_reflns.pdbx_CC_half_anomalous                         ? 
_reflns.pdbx_absDiff_over_sigma_anomalous              ? 
_reflns.pdbx_percent_possible_anomalous                ? 
_reflns.pdbx_observed_signal_threshold                 ? 
_reflns.pdbx_signal_type                               ? 
_reflns.pdbx_signal_details                            ? 
_reflns.pdbx_signal_software_id                        ? 
# 
loop_
_reflns_shell.d_res_high 
_reflns_shell.d_res_low 
_reflns_shell.meanI_over_sigI_all 
_reflns_shell.meanI_over_sigI_obs 
_reflns_shell.number_measured_all 
_reflns_shell.number_measured_obs 
_reflns_shell.number_possible 
_reflns_shell.number_unique_all 
_reflns_shell.number_unique_obs 
_reflns_shell.percent_possible_obs 
_reflns_shell.Rmerge_F_all 
_reflns_shell.Rmerge_F_obs 
_reflns_shell.meanI_over_sigI_gt 
_reflns_shell.meanI_over_uI_all 
_reflns_shell.meanI_over_uI_gt 
_reflns_shell.number_measured_gt 
_reflns_shell.number_unique_gt 
_reflns_shell.percent_possible_gt 
_reflns_shell.Rmerge_F_gt 
_reflns_shell.Rmerge_I_gt 
_reflns_shell.pdbx_redundancy 
_reflns_shell.pdbx_chi_squared 
_reflns_shell.pdbx_netI_over_sigmaI_all 
_reflns_shell.pdbx_netI_over_sigmaI_obs 
_reflns_shell.pdbx_Rrim_I_all 
_reflns_shell.pdbx_Rpim_I_all 
_reflns_shell.pdbx_rejects 
_reflns_shell.pdbx_ordinal 
_reflns_shell.pdbx_diffrn_id 
_reflns_shell.pdbx_CC_half 
_reflns_shell.pdbx_CC_star 
_reflns_shell.pdbx_R_split 
_reflns_shell.percent_possible_all 
_reflns_shell.Rmerge_I_all 
_reflns_shell.Rmerge_I_obs 
_reflns_shell.pdbx_Rsym_value 
_reflns_shell.pdbx_percent_possible_ellipsoidal 
_reflns_shell.pdbx_percent_possible_spherical 
_reflns_shell.pdbx_percent_possible_ellipsoidal_anomalous 
_reflns_shell.pdbx_percent_possible_spherical_anomalous 
_reflns_shell.pdbx_redundancy_anomalous 
_reflns_shell.pdbx_CC_half_anomalous 
_reflns_shell.pdbx_absDiff_over_sigma_anomalous 
_reflns_shell.pdbx_percent_possible_anomalous 
1.22 1.24  ? ? ? ? ? ? 1294 ? ? ? ? ? ? ? ? ? ? ? 2.3 0.501 ? ? 1.563 0.866 ? 1  1 0.195 0.571 ? 53.2  ? 1.281 ? ? ? ? ? ? ? ? ? 
1.24 1.26  ? ? ? ? ? ? 1832 ? ? ? ? ? ? ? ? ? ? ? 2.8 0.485 ? ? 1.424 0.751 ? 2  1 0.320 0.696 ? 73.3  ? 1.193 ? ? ? ? ? ? ? ? ? 
1.26 1.29  ? ? ? ? ? ? 2163 ? ? ? ? ? ? ? ? ? ? ? 3.9 0.475 ? ? 1.439 0.679 ? 3  1 0.383 0.745 ? 89.1  ? 1.258 ? ? ? ? ? ? ? ? ? 
1.29 1.31  ? ? ? ? ? ? 2341 ? ? ? ? ? ? ? ? ? ? ? 5.1 0.503 ? ? 1.163 0.491 ? 4  1 0.459 0.793 ? 95.0  ? 1.047 ? ? ? ? ? ? ? ? ? 
1.31 1.34  ? ? ? ? ? ? 2389 ? ? ? ? ? ? ? ? ? ? ? 6.1 0.502 ? ? 1.079 0.421 ? 5  1 0.616 0.873 ? 97.7  ? 0.989 ? ? ? ? ? ? ? ? ? 
1.34 1.37  ? ? ? ? ? ? 2451 ? ? ? ? ? ? ? ? ? ? ? 6.9 0.552 ? ? 0.891 0.333 ? 6  1 0.727 0.918 ? 99.5  ? 0.824 ? ? ? ? ? ? ? ? ? 
1.37 1.41  ? ? ? ? ? ? 2484 ? ? ? ? ? ? ? ? ? ? ? 7.2 0.623 ? ? 0.728 0.266 ? 7  1 0.794 0.941 ? 99.7  ? 0.676 ? ? ? ? ? ? ? ? ? 
1.41 1.45  ? ? ? ? ? ? 2434 ? ? ? ? ? ? ? ? ? ? ? 6.6 0.654 ? ? 0.647 0.245 ? 8  1 0.836 0.954 ? 99.8  ? 0.597 ? ? ? ? ? ? ? ? ? 
1.45 1.49  ? ? ? ? ? ? 2452 ? ? ? ? ? ? ? ? ? ? ? 7.1 0.760 ? ? 0.481 0.176 ? 9  1 0.882 0.968 ? 99.8  ? 0.446 ? ? ? ? ? ? ? ? ? 
1.49 1.54  ? ? ? ? ? ? 2470 ? ? ? ? ? ? ? ? ? ? ? 8.1 0.909 ? ? 0.416 0.145 ? 10 1 0.928 0.981 ? 100.0 ? 0.389 ? ? ? ? ? ? ? ? ? 
1.54 1.59  ? ? ? ? ? ? 2478 ? ? ? ? ? ? ? ? ? ? ? 7.9 1.226 ? ? 0.343 0.121 ? 11 1 0.942 0.985 ? 100.0 ? 0.321 ? ? ? ? ? ? ? ? ? 
1.59 1.66  ? ? ? ? ? ? 2478 ? ? ? ? ? ? ? ? ? ? ? 7.9 1.557 ? ? 0.278 0.098 ? 12 1 0.961 0.990 ? 100.0 ? 0.260 ? ? ? ? ? ? ? ? ? 
1.66 1.73  ? ? ? ? ? ? 2464 ? ? ? ? ? ? ? ? ? ? ? 7.6 1.788 ? ? 0.232 0.083 ? 13 1 0.977 0.994 ? 99.9  ? 0.217 ? ? ? ? ? ? ? ? ? 
1.73 1.82  ? ? ? ? ? ? 2479 ? ? ? ? ? ? ? ? ? ? ? 7.5 1.850 ? ? 0.191 0.069 ? 14 1 0.983 0.996 ? 99.8  ? 0.178 ? ? ? ? ? ? ? ? ? 
1.82 1.94  ? ? ? ? ? ? 2470 ? ? ? ? ? ? ? ? ? ? ? 6.7 1.952 ? ? 0.186 0.071 ? 15 1 0.982 0.995 ? 99.9  ? 0.172 ? ? ? ? ? ? ? ? ? 
1.94 2.09  ? ? ? ? ? ? 2496 ? ? ? ? ? ? ? ? ? ? ? 6.6 1.814 ? ? 0.122 0.046 ? 16 1 0.993 0.998 ? 99.7  ? 0.113 ? ? ? ? ? ? ? ? ? 
2.09 2.30  ? ? ? ? ? ? 2498 ? ? ? ? ? ? ? ? ? ? ? 8.0 1.847 ? ? 0.132 0.046 ? 17 1 0.991 0.998 ? 100.0 ? 0.124 ? ? ? ? ? ? ? ? ? 
2.30 2.63  ? ? ? ? ? ? 2520 ? ? ? ? ? ? ? ? ? ? ? 8.1 1.839 ? ? 0.105 0.036 ? 18 1 0.993 0.998 ? 99.8  ? 0.099 ? ? ? ? ? ? ? ? ? 
2.63 3.31  ? ? ? ? ? ? 2543 ? ? ? ? ? ? ? ? ? ? ? 7.7 1.641 ? ? 0.087 0.030 ? 19 1 0.995 0.999 ? 99.8  ? 0.081 ? ? ? ? ? ? ? ? ? 
3.31 50.00 ? ? ? ? ? ? 2648 ? ? ? ? ? ? ? ? ? ? ? 7.2 1.773 ? ? 0.057 0.020 ? 20 1 0.998 0.999 ? 99.2  ? 0.053 ? ? ? ? ? ? ? ? ? 
# 
_refine.aniso_B[1][1]                            ? 
_refine.aniso_B[1][2]                            ? 
_refine.aniso_B[1][3]                            ? 
_refine.aniso_B[2][2]                            ? 
_refine.aniso_B[2][3]                            ? 
_refine.aniso_B[3][3]                            ? 
_refine.B_iso_max                                ? 
_refine.B_iso_mean                               ? 
_refine.B_iso_min                                ? 
_refine.correlation_coeff_Fo_to_Fc               ? 
_refine.correlation_coeff_Fo_to_Fc_free          ? 
_refine.details                                  ? 
_refine.diff_density_max                         ? 
_refine.diff_density_max_esd                     ? 
_refine.diff_density_min                         ? 
_refine.diff_density_min_esd                     ? 
_refine.diff_density_rms                         ? 
_refine.diff_density_rms_esd                     ? 
_refine.entry_id                                 9DNP 
_refine.pdbx_refine_id                           'X-RAY DIFFRACTION' 
_refine.ls_abs_structure_details                 ? 
_refine.ls_abs_structure_Flack                   ? 
_refine.ls_abs_structure_Flack_esd               ? 
_refine.ls_abs_structure_Rogers                  ? 
_refine.ls_abs_structure_Rogers_esd              ? 
_refine.ls_d_res_high                            1.22 
_refine.ls_d_res_low                             37.81 
_refine.ls_extinction_coef                       ? 
_refine.ls_extinction_coef_esd                   ? 
_refine.ls_extinction_expression                 ? 
_refine.ls_extinction_method                     ? 
_refine.ls_goodness_of_fit_all                   ? 
_refine.ls_goodness_of_fit_all_esd               ? 
_refine.ls_goodness_of_fit_obs                   ? 
_refine.ls_goodness_of_fit_obs_esd               ? 
_refine.ls_hydrogen_treatment                    ? 
_refine.ls_matrix_type                           ? 
_refine.ls_number_constraints                    ? 
_refine.ls_number_parameters                     ? 
_refine.ls_number_reflns_all                     ? 
_refine.ls_number_reflns_obs                     46805 
_refine.ls_number_reflns_R_free                  2381 
_refine.ls_number_reflns_R_work                  ? 
_refine.ls_number_restraints                     ? 
_refine.ls_percent_reflns_obs                    94.04 
_refine.ls_percent_reflns_R_free                 5.09 
_refine.ls_R_factor_all                          ? 
_refine.ls_R_factor_obs                          0.1871 
_refine.ls_R_factor_R_free                       0.2014 
_refine.ls_R_factor_R_free_error                 ? 
_refine.ls_R_factor_R_free_error_details         ? 
_refine.ls_R_factor_R_work                       0.1863 
_refine.ls_R_Fsqd_factor_obs                     ? 
_refine.ls_R_I_factor_obs                        ? 
_refine.ls_redundancy_reflns_all                 ? 
_refine.ls_redundancy_reflns_obs                 ? 
_refine.ls_restrained_S_all                      ? 
_refine.ls_restrained_S_obs                      ? 
_refine.ls_shift_over_esd_max                    ? 
_refine.ls_shift_over_esd_mean                   ? 
_refine.ls_structure_factor_coef                 ? 
_refine.ls_weighting_details                     ? 
_refine.ls_weighting_scheme                      ? 
_refine.ls_wR_factor_all                         ? 
_refine.ls_wR_factor_obs                         ? 
_refine.ls_wR_factor_R_free                      ? 
_refine.ls_wR_factor_R_work                      ? 
_refine.occupancy_max                            ? 
_refine.occupancy_min                            ? 
_refine.solvent_model_details                    'FLAT BULK SOLVENT MODEL' 
_refine.solvent_model_param_bsol                 ? 
_refine.solvent_model_param_ksol                 ? 
_refine.pdbx_R_complete                          ? 
_refine.ls_R_factor_gt                           ? 
_refine.ls_goodness_of_fit_gt                    ? 
_refine.ls_goodness_of_fit_ref                   ? 
_refine.ls_shift_over_su_max                     ? 
_refine.ls_shift_over_su_max_lt                  ? 
_refine.ls_shift_over_su_mean                    ? 
_refine.ls_shift_over_su_mean_lt                 ? 
_refine.pdbx_ls_sigma_I                          ? 
_refine.pdbx_ls_sigma_F                          1.33 
_refine.pdbx_ls_sigma_Fsqd                       ? 
_refine.pdbx_data_cutoff_high_absF               ? 
_refine.pdbx_data_cutoff_high_rms_absF           ? 
_refine.pdbx_data_cutoff_low_absF                ? 
_refine.pdbx_isotropic_thermal_model             ? 
_refine.pdbx_ls_cross_valid_method               'FREE R-VALUE' 
_refine.pdbx_method_to_determine_struct          'MOLECULAR REPLACEMENT' 
_refine.pdbx_starting_model                      ? 
_refine.pdbx_stereochemistry_target_values       ML 
_refine.pdbx_R_Free_selection_details            ? 
_refine.pdbx_stereochem_target_val_spec_case     ? 
_refine.pdbx_overall_ESU_R                       ? 
_refine.pdbx_overall_ESU_R_Free                  ? 
_refine.pdbx_solvent_vdw_probe_radii             1.10 
_refine.pdbx_solvent_ion_probe_radii             ? 
_refine.pdbx_solvent_shrinkage_radii             0.90 
_refine.pdbx_real_space_R                        ? 
_refine.pdbx_density_correlation                 ? 
_refine.pdbx_pd_number_of_powder_patterns        ? 
_refine.pdbx_pd_number_of_points                 ? 
_refine.pdbx_pd_meas_number_of_points            ? 
_refine.pdbx_pd_proc_ls_prof_R_factor            ? 
_refine.pdbx_pd_proc_ls_prof_wR_factor           ? 
_refine.pdbx_pd_Marquardt_correlation_coeff      ? 
_refine.pdbx_pd_Fsqrd_R_factor                   ? 
_refine.pdbx_pd_ls_matrix_band_width             ? 
_refine.pdbx_overall_phase_error                 22.37 
_refine.pdbx_overall_SU_R_free_Cruickshank_DPI   ? 
_refine.pdbx_overall_SU_R_free_Blow_DPI          ? 
_refine.pdbx_overall_SU_R_Blow_DPI               ? 
_refine.pdbx_TLS_residual_ADP_flag               ? 
_refine.pdbx_diffrn_id                           1 
_refine.overall_SU_B                             ? 
_refine.overall_SU_ML                            0.15 
_refine.overall_SU_R_Cruickshank_DPI             ? 
_refine.overall_SU_R_free                        ? 
_refine.overall_FOM_free_R_set                   ? 
_refine.overall_FOM_work_R_set                   ? 
_refine.pdbx_average_fsc_overall                 ? 
_refine.pdbx_average_fsc_work                    ? 
_refine.pdbx_average_fsc_free                    ? 
# 
_refine_hist.pdbx_refine_id                   'X-RAY DIFFRACTION' 
_refine_hist.cycle_id                         LAST 
_refine_hist.pdbx_number_atoms_protein        1176 
_refine_hist.pdbx_number_atoms_nucleic_acid   0 
_refine_hist.pdbx_number_atoms_ligand         6 
_refine_hist.number_atoms_solvent             225 
_refine_hist.number_atoms_total               1407 
_refine_hist.d_res_high                       1.22 
_refine_hist.d_res_low                        37.81 
# 
loop_
_refine_ls_restr.pdbx_refine_id 
_refine_ls_restr.criterion 
_refine_ls_restr.dev_ideal 
_refine_ls_restr.dev_ideal_target 
_refine_ls_restr.number 
_refine_ls_restr.rejects 
_refine_ls_restr.type 
_refine_ls_restr.weight 
_refine_ls_restr.pdbx_restraint_function 
'X-RAY DIFFRACTION' ? 0.006 ? 1204 ? f_bond_d           ? ? 
'X-RAY DIFFRACTION' ? 0.902 ? 1615 ? f_angle_d          ? ? 
'X-RAY DIFFRACTION' ? 6.458 ? 167  ? f_dihedral_angle_d ? ? 
'X-RAY DIFFRACTION' ? 0.071 ? 158  ? f_chiral_restr     ? ? 
'X-RAY DIFFRACTION' ? 0.009 ? 215  ? f_plane_restr      ? ? 
# 
loop_
_refine_ls_shell.pdbx_refine_id 
_refine_ls_shell.d_res_high 
_refine_ls_shell.d_res_low 
_refine_ls_shell.number_reflns_all 
_refine_ls_shell.number_reflns_obs 
_refine_ls_shell.number_reflns_R_free 
_refine_ls_shell.number_reflns_R_work 
_refine_ls_shell.percent_reflns_obs 
_refine_ls_shell.percent_reflns_R_free 
_refine_ls_shell.R_factor_all 
_refine_ls_shell.R_factor_obs 
_refine_ls_shell.R_factor_R_free_error 
_refine_ls_shell.R_factor_R_work 
_refine_ls_shell.redundancy_reflns_all 
_refine_ls_shell.redundancy_reflns_obs 
_refine_ls_shell.wR_factor_all 
_refine_ls_shell.wR_factor_obs 
_refine_ls_shell.wR_factor_R_free 
_refine_ls_shell.wR_factor_R_work 
_refine_ls_shell.pdbx_R_complete 
_refine_ls_shell.pdbx_total_number_of_bins_used 
_refine_ls_shell.pdbx_phase_error 
_refine_ls_shell.pdbx_fsc_work 
_refine_ls_shell.pdbx_fsc_free 
_refine_ls_shell.R_factor_R_free 
'X-RAY DIFFRACTION' 1.22 1.25  . . 55  1242 45.00  . . . . 0.3395 . . . . . . . . . . . 0.3438 
'X-RAY DIFFRACTION' 1.25 1.27  . . 120 1965 72.00  . . . . 0.3386 . . . . . . . . . . . 0.3485 
'X-RAY DIFFRACTION' 1.27 1.30  . . 127 2490 91.00  . . . . 0.3143 . . . . . . . . . . . 0.3173 
'X-RAY DIFFRACTION' 1.30 1.34  . . 146 2611 96.00  . . . . 0.2918 . . . . . . . . . . . 0.2943 
'X-RAY DIFFRACTION' 1.34 1.37  . . 143 2735 99.00  . . . . 0.2636 . . . . . . . . . . . 0.2637 
'X-RAY DIFFRACTION' 1.37 1.41  . . 147 2765 100.00 . . . . 0.2519 . . . . . . . . . . . 0.2676 
'X-RAY DIFFRACTION' 1.41 1.46  . . 145 2710 99.00  . . . . 0.2445 . . . . . . . . . . . 0.2483 
'X-RAY DIFFRACTION' 1.46 1.51  . . 127 2759 100.00 . . . . 0.2138 . . . . . . . . . . . 0.2168 
'X-RAY DIFFRACTION' 1.51 1.57  . . 160 2751 100.00 . . . . 0.1915 . . . . . . . . . . . 0.2025 
'X-RAY DIFFRACTION' 1.57 1.64  . . 134 2785 100.00 . . . . 0.1868 . . . . . . . . . . . 0.1842 
'X-RAY DIFFRACTION' 1.64 1.73  . . 144 2775 100.00 . . . . 0.1803 . . . . . . . . . . . 0.1756 
'X-RAY DIFFRACTION' 1.73 1.84  . . 154 2744 100.00 . . . . 0.1833 . . . . . . . . . . . 0.2063 
'X-RAY DIFFRACTION' 1.84 1.98  . . 146 2761 99.00  . . . . 0.2014 . . . . . . . . . . . 0.2204 
'X-RAY DIFFRACTION' 1.98 2.18  . . 159 2781 100.00 . . . . 0.1807 . . . . . . . . . . . 0.1974 
'X-RAY DIFFRACTION' 2.18 2.49  . . 155 2792 100.00 . . . . 0.1847 . . . . . . . . . . . 0.1951 
'X-RAY DIFFRACTION' 2.49 3.14  . . 161 2843 100.00 . . . . 0.1767 . . . . . . . . . . . 0.2080 
'X-RAY DIFFRACTION' 3.14 37.81 . . 158 2915 99.00  . . . . 0.1557 . . . . . . . . . . . 0.1724 
# 
_struct.entry_id                     9DNP 
_struct.title                        'Structure of UBR2-RFF complex' 
_struct.pdbx_model_details           ? 
_struct.pdbx_formula_weight          ? 
_struct.pdbx_formula_weight_method   ? 
_struct.pdbx_model_type_details      ? 
_struct.pdbx_CASP_flag               N 
# 
_struct_keywords.entry_id        9DNP 
_struct_keywords.text            'UBR, E3 ligase, natural ligands, PROTEIN BINDING' 
_struct_keywords.pdbx_keywords   'PROTEIN BINDING' 
# 
loop_
_struct_asym.id 
_struct_asym.pdbx_blank_PDB_chainid_flag 
_struct_asym.pdbx_modified 
_struct_asym.entity_id 
_struct_asym.details 
A N N 1 ? 
B N N 2 ? 
C N N 1 ? 
D N N 2 ? 
E N N 3 ? 
F N N 3 ? 
G N N 3 ? 
H N N 3 ? 
I N N 3 ? 
J N N 3 ? 
K N N 4 ? 
L N N 4 ? 
M N N 4 ? 
N N N 4 ? 
# 
loop_
_struct_ref.id 
_struct_ref.db_name 
_struct_ref.db_code 
_struct_ref.pdbx_db_accession 
_struct_ref.pdbx_db_isoform 
_struct_ref.entity_id 
_struct_ref.pdbx_seq_one_letter_code 
_struct_ref.pdbx_align_begin 
1 UNP UBR2_HUMAN Q8IWV8 ? 1 LCGRVFKVGEPTYSCRDCAVDPTCVLCMECFLGSIHRDHRYRMTTSGGGGFCDCGDTEAWKEGPYCQKHE 98 
2 PDB 9DNP       9DNP   ? 2 ?                                                                      1  
# 
loop_
_struct_ref_seq.align_id 
_struct_ref_seq.ref_id 
_struct_ref_seq.pdbx_PDB_id_code 
_struct_ref_seq.pdbx_strand_id 
_struct_ref_seq.seq_align_beg 
_struct_ref_seq.pdbx_seq_align_beg_ins_code 
_struct_ref_seq.seq_align_end 
_struct_ref_seq.pdbx_seq_align_end_ins_code 
_struct_ref_seq.pdbx_db_accession 
_struct_ref_seq.db_align_beg 
_struct_ref_seq.pdbx_db_align_beg_ins_code 
_struct_ref_seq.db_align_end 
_struct_ref_seq.pdbx_db_align_end_ins_code 
_struct_ref_seq.pdbx_auth_seq_align_beg 
_struct_ref_seq.pdbx_auth_seq_align_end 
1 1 9DNP A 4 ? 73 ? Q8IWV8 98 ? 167 ? 98 167 
2 2 9DNP C 1 ? 4  ? 9DNP   1  ? 4   ? 1  4   
3 1 9DNP B 4 ? 73 ? Q8IWV8 98 ? 167 ? 98 167 
4 2 9DNP D 1 ? 4  ? 9DNP   1  ? 4   ? 1  4   
# 
loop_
_struct_ref_seq_dif.align_id 
_struct_ref_seq_dif.pdbx_pdb_id_code 
_struct_ref_seq_dif.mon_id 
_struct_ref_seq_dif.pdbx_pdb_strand_id 
_struct_ref_seq_dif.seq_num 
_struct_ref_seq_dif.pdbx_pdb_ins_code 
_struct_ref_seq_dif.pdbx_seq_db_name 
_struct_ref_seq_dif.pdbx_seq_db_accession_code 
_struct_ref_seq_dif.db_mon_id 
_struct_ref_seq_dif.pdbx_seq_db_seq_num 
_struct_ref_seq_dif.details 
_struct_ref_seq_dif.pdbx_auth_seq_num 
_struct_ref_seq_dif.pdbx_ordinal 
1 9DNP LEU A 1 ? UNP Q8IWV8 ? ? 'expression tag' 95 1 
1 9DNP GLY A 2 ? UNP Q8IWV8 ? ? 'expression tag' 96 2 
1 9DNP SER A 3 ? UNP Q8IWV8 ? ? 'expression tag' 97 3 
3 9DNP LEU B 1 ? UNP Q8IWV8 ? ? 'expression tag' 95 4 
3 9DNP GLY B 2 ? UNP Q8IWV8 ? ? 'expression tag' 96 5 
3 9DNP SER B 3 ? UNP Q8IWV8 ? ? 'expression tag' 97 6 
# 
loop_
_pdbx_struct_assembly.id 
_pdbx_struct_assembly.details 
_pdbx_struct_assembly.method_details 
_pdbx_struct_assembly.oligomeric_details 
_pdbx_struct_assembly.oligomeric_count 
1 author_and_software_defined_assembly PISA dimeric 2 
2 author_and_software_defined_assembly PISA dimeric 2 
# 
loop_
_pdbx_struct_assembly_prop.biol_id 
_pdbx_struct_assembly_prop.type 
_pdbx_struct_assembly_prop.value 
_pdbx_struct_assembly_prop.details 
1 'ABSA (A^2)' 750  ? 
1 MORE         -2   ? 
1 'SSA (A^2)'  4290 ? 
2 'ABSA (A^2)' 780  ? 
2 MORE         -2   ? 
2 'SSA (A^2)'  4480 ? 
# 
loop_
_pdbx_struct_assembly_gen.assembly_id 
_pdbx_struct_assembly_gen.oper_expression 
_pdbx_struct_assembly_gen.asym_id_list 
1 1 A,B,E,F,G,K,L 
2 1 C,D,H,I,J,M,N 
# 
_pdbx_struct_assembly_auth_evidence.id                     1 
_pdbx_struct_assembly_auth_evidence.assembly_id            1 
_pdbx_struct_assembly_auth_evidence.experimental_support   'gel filtration' 
_pdbx_struct_assembly_auth_evidence.details                'Single peak observed during size exclusion chromatography purification' 
# 
_pdbx_struct_oper_list.id                   1 
_pdbx_struct_oper_list.type                 'identity operation' 
_pdbx_struct_oper_list.name                 1_555 
_pdbx_struct_oper_list.symmetry_operation   x,y,z 
_pdbx_struct_oper_list.matrix[1][1]         1.0000000000 
_pdbx_struct_oper_list.matrix[1][2]         0.0000000000 
_pdbx_struct_oper_list.matrix[1][3]         0.0000000000 
_pdbx_struct_oper_list.vector[1]            0.0000000000 
_pdbx_struct_oper_list.matrix[2][1]         0.0000000000 
_pdbx_struct_oper_list.matrix[2][2]         1.0000000000 
_pdbx_struct_oper_list.matrix[2][3]         0.0000000000 
_pdbx_struct_oper_list.vector[2]            0.0000000000 
_pdbx_struct_oper_list.matrix[3][1]         0.0000000000 
_pdbx_struct_oper_list.matrix[3][2]         0.0000000000 
_pdbx_struct_oper_list.matrix[3][3]         1.0000000000 
_pdbx_struct_oper_list.vector[3]            0.0000000000 
# 
loop_
_struct_conf.conf_type_id 
_struct_conf.id 
_struct_conf.pdbx_PDB_helix_id 
_struct_conf.beg_label_comp_id 
_struct_conf.beg_label_asym_id 
_struct_conf.beg_label_seq_id 
_struct_conf.pdbx_beg_PDB_ins_code 
_struct_conf.end_label_comp_id 
_struct_conf.end_label_asym_id 
_struct_conf.end_label_seq_id 
_struct_conf.pdbx_end_PDB_ins_code 
_struct_conf.beg_auth_comp_id 
_struct_conf.beg_auth_asym_id 
_struct_conf.beg_auth_seq_id 
_struct_conf.end_auth_comp_id 
_struct_conf.end_auth_asym_id 
_struct_conf.end_auth_seq_id 
_struct_conf.pdbx_PDB_helix_class 
_struct_conf.details 
_struct_conf.pdbx_PDB_helix_length 
HELX_P HELX_P1 AA1 CYS A 30 ? GLY A 36 ? CYS A 124 GLY A 130 1 ? 7 
HELX_P HELX_P2 AA2 SER A 37 ? HIS A 42 ? SER A 131 HIS A 136 5 ? 6 
HELX_P HELX_P3 AA3 ASP A 59 ? TRP A 63 ? ASP A 153 TRP A 157 5 ? 5 
HELX_P HELX_P4 AA4 MET C 31 ? GLY C 36 ? MET B 125 GLY B 130 1 ? 6 
HELX_P HELX_P5 AA5 SER C 37 ? HIS C 42 ? SER B 131 HIS B 136 5 ? 6 
HELX_P HELX_P6 AA6 ASP C 59 ? TRP C 63 ? ASP B 153 TRP B 157 5 ? 5 
# 
_struct_conf_type.id          HELX_P 
_struct_conf_type.criteria    ? 
_struct_conf_type.reference   ? 
# 
loop_
_struct_conn.id 
_struct_conn.conn_type_id 
_struct_conn.pdbx_leaving_atom_flag 
_struct_conn.pdbx_PDB_id 
_struct_conn.ptnr1_label_asym_id 
_struct_conn.ptnr1_label_comp_id 
_struct_conn.ptnr1_label_seq_id 
_struct_conn.ptnr1_label_atom_id 
_struct_conn.pdbx_ptnr1_label_alt_id 
_struct_conn.pdbx_ptnr1_PDB_ins_code 
_struct_conn.pdbx_ptnr1_standard_comp_id 
_struct_conn.ptnr1_symmetry 
_struct_conn.ptnr2_label_asym_id 
_struct_conn.ptnr2_label_comp_id 
_struct_conn.ptnr2_label_seq_id 
_struct_conn.ptnr2_label_atom_id 
_struct_conn.pdbx_ptnr2_label_alt_id 
_struct_conn.pdbx_ptnr2_PDB_ins_code 
_struct_conn.ptnr1_auth_asym_id 
_struct_conn.ptnr1_auth_comp_id 
_struct_conn.ptnr1_auth_seq_id 
_struct_conn.ptnr2_auth_asym_id 
_struct_conn.ptnr2_auth_comp_id 
_struct_conn.ptnr2_auth_seq_id 
_struct_conn.ptnr2_symmetry 
_struct_conn.pdbx_ptnr3_label_atom_id 
_struct_conn.pdbx_ptnr3_label_seq_id 
_struct_conn.pdbx_ptnr3_label_comp_id 
_struct_conn.pdbx_ptnr3_label_asym_id 
_struct_conn.pdbx_ptnr3_label_alt_id 
_struct_conn.pdbx_ptnr3_PDB_ins_code 
_struct_conn.details 
_struct_conn.pdbx_dist_value 
_struct_conn.pdbx_value_order 
_struct_conn.pdbx_role 
covale1  covale both ? B PHE 3  C   ? ? ? 1_555 B NH2 4 N  ? ? C PHE 3   C NH2 4   1_555 ? ? ? ? ? ? ? 1.326 ? ? 
covale2  covale both ? D PHE 3  C   ? ? ? 1_555 D NH2 4 N  ? ? D PHE 3   D NH2 4   1_555 ? ? ? ? ? ? ? 1.325 ? ? 
metalc1  metalc ?    ? A CYS 5  SG  ? ? ? 1_555 E ZN  . ZN ? ? A CYS 99  A ZN  201 1_555 ? ? ? ? ? ? ? 2.311 ? ? 
metalc2  metalc ?    ? A CYS 18 SG  ? ? ? 1_555 G ZN  . ZN ? ? A CYS 112 A ZN  203 1_555 ? ? ? ? ? ? ? 2.302 ? ? 
metalc3  metalc ?    ? A CYS 21 SG  ? ? ? 1_555 G ZN  . ZN ? ? A CYS 115 A ZN  203 1_555 ? ? ? ? ? ? ? 2.293 ? ? 
metalc4  metalc ?    ? A CYS 30 SG  ? ? ? 1_555 E ZN  . ZN ? ? A CYS 124 A ZN  201 1_555 ? ? ? ? ? ? ? 2.331 ? ? 
metalc5  metalc ?    ? A CYS 33 SG  ? ? ? 1_555 E ZN  . ZN ? ? A CYS 127 A ZN  201 1_555 ? ? ? ? ? ? ? 2.408 ? ? 
metalc6  metalc ?    ? A CYS 33 SG  ? ? ? 1_555 F ZN  . ZN ? ? A CYS 127 A ZN  202 1_555 ? ? ? ? ? ? ? 2.346 ? ? 
metalc7  metalc ?    ? A HIS 39 ND1 ? ? ? 1_555 G ZN  . ZN ? ? A HIS 133 A ZN  203 1_555 ? ? ? ? ? ? ? 2.078 ? ? 
metalc8  metalc ?    ? A HIS 42 ND1 ? ? ? 1_555 G ZN  . ZN ? ? A HIS 136 A ZN  203 1_555 ? ? ? ? ? ? ? 2.054 ? ? 
metalc9  metalc ?    ? A CYS 55 SG  ? ? ? 1_555 E ZN  . ZN ? ? A CYS 149 A ZN  201 1_555 ? ? ? ? ? ? ? 2.313 ? ? 
metalc10 metalc ?    ? A CYS 57 SG  ? ? ? 1_555 F ZN  . ZN ? ? A CYS 151 A ZN  202 1_555 ? ? ? ? ? ? ? 2.275 ? ? 
metalc11 metalc ?    ? A CYS 69 SG  ? ? ? 1_555 F ZN  . ZN ? ? A CYS 163 A ZN  202 1_555 ? ? ? ? ? ? ? 2.300 ? ? 
metalc12 metalc ?    ? A HIS 72 ND1 ? ? ? 1_555 F ZN  . ZN ? ? A HIS 166 A ZN  202 1_555 ? ? ? ? ? ? ? 2.073 ? ? 
metalc13 metalc ?    ? C CYS 5  SG  ? ? ? 1_555 H ZN  . ZN ? ? B CYS 99  B ZN  201 1_555 ? ? ? ? ? ? ? 2.303 ? ? 
metalc14 metalc ?    ? C CYS 18 SG  ? ? ? 1_555 J ZN  . ZN ? ? B CYS 112 B ZN  203 1_555 ? ? ? ? ? ? ? 2.306 ? ? 
metalc15 metalc ?    ? C CYS 21 SG  ? ? ? 1_555 J ZN  . ZN ? ? B CYS 115 B ZN  203 1_555 ? ? ? ? ? ? ? 2.313 ? ? 
metalc16 metalc ?    ? C CYS 30 SG  ? ? ? 1_555 H ZN  . ZN ? ? B CYS 124 B ZN  201 1_555 ? ? ? ? ? ? ? 2.329 ? ? 
metalc17 metalc ?    ? C CYS 33 SG  ? ? ? 1_555 H ZN  . ZN ? ? B CYS 127 B ZN  201 1_555 ? ? ? ? ? ? ? 2.392 ? ? 
metalc18 metalc ?    ? C CYS 33 SG  ? ? ? 1_555 I ZN  . ZN ? ? B CYS 127 B ZN  202 1_555 ? ? ? ? ? ? ? 2.354 ? ? 
metalc19 metalc ?    ? C HIS 39 ND1 ? ? ? 1_555 J ZN  . ZN ? ? B HIS 133 B ZN  203 1_555 ? ? ? ? ? ? ? 2.088 ? ? 
metalc20 metalc ?    ? C HIS 42 ND1 ? ? ? 1_555 J ZN  . ZN ? ? B HIS 136 B ZN  203 1_555 ? ? ? ? ? ? ? 2.065 ? ? 
metalc21 metalc ?    ? C CYS 55 SG  ? ? ? 1_555 H ZN  . ZN ? ? B CYS 149 B ZN  201 1_555 ? ? ? ? ? ? ? 2.312 ? ? 
metalc22 metalc ?    ? C CYS 57 SG  ? ? ? 1_555 I ZN  . ZN ? ? B CYS 151 B ZN  202 1_555 ? ? ? ? ? ? ? 2.280 ? ? 
metalc23 metalc ?    ? C CYS 69 SG  ? ? ? 1_555 I ZN  . ZN ? ? B CYS 163 B ZN  202 1_555 ? ? ? ? ? ? ? 2.313 ? ? 
metalc24 metalc ?    ? C HIS 72 ND1 ? ? ? 1_555 I ZN  . ZN ? ? B HIS 166 B ZN  202 1_555 ? ? ? ? ? ? ? 2.016 ? ? 
# 
loop_
_struct_conn_type.id 
_struct_conn_type.criteria 
_struct_conn_type.reference 
covale ? ? 
metalc ? ? 
# 
loop_
_pdbx_struct_conn_angle.id 
_pdbx_struct_conn_angle.ptnr1_label_atom_id 
_pdbx_struct_conn_angle.ptnr1_label_alt_id 
_pdbx_struct_conn_angle.ptnr1_label_asym_id 
_pdbx_struct_conn_angle.ptnr1_label_comp_id 
_pdbx_struct_conn_angle.ptnr1_label_seq_id 
_pdbx_struct_conn_angle.ptnr1_auth_atom_id 
_pdbx_struct_conn_angle.ptnr1_auth_asym_id 
_pdbx_struct_conn_angle.ptnr1_auth_comp_id 
_pdbx_struct_conn_angle.ptnr1_auth_seq_id 
_pdbx_struct_conn_angle.ptnr1_PDB_ins_code 
_pdbx_struct_conn_angle.ptnr1_symmetry 
_pdbx_struct_conn_angle.ptnr2_label_atom_id 
_pdbx_struct_conn_angle.ptnr2_label_alt_id 
_pdbx_struct_conn_angle.ptnr2_label_asym_id 
_pdbx_struct_conn_angle.ptnr2_label_comp_id 
_pdbx_struct_conn_angle.ptnr2_label_seq_id 
_pdbx_struct_conn_angle.ptnr2_auth_atom_id 
_pdbx_struct_conn_angle.ptnr2_auth_asym_id 
_pdbx_struct_conn_angle.ptnr2_auth_comp_id 
_pdbx_struct_conn_angle.ptnr2_auth_seq_id 
_pdbx_struct_conn_angle.ptnr2_PDB_ins_code 
_pdbx_struct_conn_angle.ptnr2_symmetry 
_pdbx_struct_conn_angle.ptnr3_label_atom_id 
_pdbx_struct_conn_angle.ptnr3_label_alt_id 
_pdbx_struct_conn_angle.ptnr3_label_asym_id 
_pdbx_struct_conn_angle.ptnr3_label_comp_id 
_pdbx_struct_conn_angle.ptnr3_label_seq_id 
_pdbx_struct_conn_angle.ptnr3_auth_atom_id 
_pdbx_struct_conn_angle.ptnr3_auth_asym_id 
_pdbx_struct_conn_angle.ptnr3_auth_comp_id 
_pdbx_struct_conn_angle.ptnr3_auth_seq_id 
_pdbx_struct_conn_angle.ptnr3_PDB_ins_code 
_pdbx_struct_conn_angle.ptnr3_symmetry 
_pdbx_struct_conn_angle.value 
_pdbx_struct_conn_angle.value_esd 
1  SG  ? A CYS 5  ? A CYS 99  ? 1_555 ZN ? E ZN . ? A ZN 201 ? 1_555 SG  ? A CYS 30 ? A CYS 124 ? 1_555 116.1 ? 
2  SG  ? A CYS 5  ? A CYS 99  ? 1_555 ZN ? E ZN . ? A ZN 201 ? 1_555 SG  ? A CYS 33 ? A CYS 127 ? 1_555 106.6 ? 
3  SG  ? A CYS 30 ? A CYS 124 ? 1_555 ZN ? E ZN . ? A ZN 201 ? 1_555 SG  ? A CYS 33 ? A CYS 127 ? 1_555 96.0  ? 
4  SG  ? A CYS 5  ? A CYS 99  ? 1_555 ZN ? E ZN . ? A ZN 201 ? 1_555 SG  ? A CYS 55 ? A CYS 149 ? 1_555 111.2 ? 
5  SG  ? A CYS 30 ? A CYS 124 ? 1_555 ZN ? E ZN . ? A ZN 201 ? 1_555 SG  ? A CYS 55 ? A CYS 149 ? 1_555 113.6 ? 
6  SG  ? A CYS 33 ? A CYS 127 ? 1_555 ZN ? E ZN . ? A ZN 201 ? 1_555 SG  ? A CYS 55 ? A CYS 149 ? 1_555 112.2 ? 
7  SG  ? A CYS 18 ? A CYS 112 ? 1_555 ZN ? G ZN . ? A ZN 203 ? 1_555 SG  ? A CYS 21 ? A CYS 115 ? 1_555 113.7 ? 
8  SG  ? A CYS 18 ? A CYS 112 ? 1_555 ZN ? G ZN . ? A ZN 203 ? 1_555 ND1 ? A HIS 39 ? A HIS 133 ? 1_555 111.6 ? 
9  SG  ? A CYS 21 ? A CYS 115 ? 1_555 ZN ? G ZN . ? A ZN 203 ? 1_555 ND1 ? A HIS 39 ? A HIS 133 ? 1_555 103.3 ? 
10 SG  ? A CYS 18 ? A CYS 112 ? 1_555 ZN ? G ZN . ? A ZN 203 ? 1_555 ND1 ? A HIS 42 ? A HIS 136 ? 1_555 109.5 ? 
11 SG  ? A CYS 21 ? A CYS 115 ? 1_555 ZN ? G ZN . ? A ZN 203 ? 1_555 ND1 ? A HIS 42 ? A HIS 136 ? 1_555 107.2 ? 
12 ND1 ? A HIS 39 ? A HIS 133 ? 1_555 ZN ? G ZN . ? A ZN 203 ? 1_555 ND1 ? A HIS 42 ? A HIS 136 ? 1_555 111.4 ? 
13 SG  ? A CYS 33 ? A CYS 127 ? 1_555 ZN ? F ZN . ? A ZN 202 ? 1_555 SG  ? A CYS 57 ? A CYS 151 ? 1_555 112.3 ? 
14 SG  ? A CYS 33 ? A CYS 127 ? 1_555 ZN ? F ZN . ? A ZN 202 ? 1_555 SG  ? A CYS 69 ? A CYS 163 ? 1_555 113.3 ? 
15 SG  ? A CYS 57 ? A CYS 151 ? 1_555 ZN ? F ZN . ? A ZN 202 ? 1_555 SG  ? A CYS 69 ? A CYS 163 ? 1_555 112.3 ? 
16 SG  ? A CYS 33 ? A CYS 127 ? 1_555 ZN ? F ZN . ? A ZN 202 ? 1_555 ND1 ? A HIS 72 ? A HIS 166 ? 1_555 105.1 ? 
17 SG  ? A CYS 57 ? A CYS 151 ? 1_555 ZN ? F ZN . ? A ZN 202 ? 1_555 ND1 ? A HIS 72 ? A HIS 166 ? 1_555 113.6 ? 
18 SG  ? A CYS 69 ? A CYS 163 ? 1_555 ZN ? F ZN . ? A ZN 202 ? 1_555 ND1 ? A HIS 72 ? A HIS 166 ? 1_555 99.3  ? 
19 SG  ? C CYS 5  ? B CYS 99  ? 1_555 ZN ? H ZN . ? B ZN 201 ? 1_555 SG  ? C CYS 30 ? B CYS 124 ? 1_555 114.0 ? 
20 SG  ? C CYS 5  ? B CYS 99  ? 1_555 ZN ? H ZN . ? B ZN 201 ? 1_555 SG  ? C CYS 33 ? B CYS 127 ? 1_555 107.4 ? 
21 SG  ? C CYS 30 ? B CYS 124 ? 1_555 ZN ? H ZN . ? B ZN 201 ? 1_555 SG  ? C CYS 33 ? B CYS 127 ? 1_555 95.6  ? 
22 SG  ? C CYS 5  ? B CYS 99  ? 1_555 ZN ? H ZN . ? B ZN 201 ? 1_555 SG  ? C CYS 55 ? B CYS 149 ? 1_555 112.0 ? 
23 SG  ? C CYS 30 ? B CYS 124 ? 1_555 ZN ? H ZN . ? B ZN 201 ? 1_555 SG  ? C CYS 55 ? B CYS 149 ? 1_555 114.3 ? 
24 SG  ? C CYS 33 ? B CYS 127 ? 1_555 ZN ? H ZN . ? B ZN 201 ? 1_555 SG  ? C CYS 55 ? B CYS 149 ? 1_555 112.2 ? 
25 SG  ? C CYS 18 ? B CYS 112 ? 1_555 ZN ? J ZN . ? B ZN 203 ? 1_555 SG  ? C CYS 21 ? B CYS 115 ? 1_555 116.0 ? 
26 SG  ? C CYS 18 ? B CYS 112 ? 1_555 ZN ? J ZN . ? B ZN 203 ? 1_555 ND1 ? C HIS 39 ? B HIS 133 ? 1_555 111.2 ? 
27 SG  ? C CYS 21 ? B CYS 115 ? 1_555 ZN ? J ZN . ? B ZN 203 ? 1_555 ND1 ? C HIS 39 ? B HIS 133 ? 1_555 101.7 ? 
28 SG  ? C CYS 18 ? B CYS 112 ? 1_555 ZN ? J ZN . ? B ZN 203 ? 1_555 ND1 ? C HIS 42 ? B HIS 136 ? 1_555 111.0 ? 
29 SG  ? C CYS 21 ? B CYS 115 ? 1_555 ZN ? J ZN . ? B ZN 203 ? 1_555 ND1 ? C HIS 42 ? B HIS 136 ? 1_555 105.2 ? 
30 ND1 ? C HIS 39 ? B HIS 133 ? 1_555 ZN ? J ZN . ? B ZN 203 ? 1_555 ND1 ? C HIS 42 ? B HIS 136 ? 1_555 111.5 ? 
31 SG  ? C CYS 33 ? B CYS 127 ? 1_555 ZN ? I ZN . ? B ZN 202 ? 1_555 SG  ? C CYS 57 ? B CYS 151 ? 1_555 113.0 ? 
32 SG  ? C CYS 33 ? B CYS 127 ? 1_555 ZN ? I ZN . ? B ZN 202 ? 1_555 SG  ? C CYS 69 ? B CYS 163 ? 1_555 111.9 ? 
33 SG  ? C CYS 57 ? B CYS 151 ? 1_555 ZN ? I ZN . ? B ZN 202 ? 1_555 SG  ? C CYS 69 ? B CYS 163 ? 1_555 113.1 ? 
34 SG  ? C CYS 33 ? B CYS 127 ? 1_555 ZN ? I ZN . ? B ZN 202 ? 1_555 ND1 ? C HIS 72 ? B HIS 166 ? 1_555 108.7 ? 
35 SG  ? C CYS 57 ? B CYS 151 ? 1_555 ZN ? I ZN . ? B ZN 202 ? 1_555 ND1 ? C HIS 72 ? B HIS 166 ? 1_555 110.5 ? 
36 SG  ? C CYS 69 ? B CYS 163 ? 1_555 ZN ? I ZN . ? B ZN 202 ? 1_555 ND1 ? C HIS 72 ? B HIS 166 ? 1_555 98.6  ? 
# 
loop_
_pdbx_modification_feature.ordinal 
_pdbx_modification_feature.label_comp_id 
_pdbx_modification_feature.label_asym_id 
_pdbx_modification_feature.label_seq_id 
_pdbx_modification_feature.label_alt_id 
_pdbx_modification_feature.modified_residue_label_comp_id 
_pdbx_modification_feature.modified_residue_label_asym_id 
_pdbx_modification_feature.modified_residue_label_seq_id 
_pdbx_modification_feature.modified_residue_label_alt_id 
_pdbx_modification_feature.auth_comp_id 
_pdbx_modification_feature.auth_asym_id 
_pdbx_modification_feature.auth_seq_id 
_pdbx_modification_feature.PDB_ins_code 
_pdbx_modification_feature.symmetry 
_pdbx_modification_feature.modified_residue_auth_comp_id 
_pdbx_modification_feature.modified_residue_auth_asym_id 
_pdbx_modification_feature.modified_residue_auth_seq_id 
_pdbx_modification_feature.modified_residue_PDB_ins_code 
_pdbx_modification_feature.modified_residue_symmetry 
_pdbx_modification_feature.comp_id_linking_atom 
_pdbx_modification_feature.modified_residue_id_linking_atom 
_pdbx_modification_feature.modified_residue_id 
_pdbx_modification_feature.ref_pcm_id 
_pdbx_modification_feature.ref_comp_id 
_pdbx_modification_feature.type 
_pdbx_modification_feature.category 
1 NH2 B 4 ? PHE B 3 ? NH2 C 4 ? 1_555 PHE C 3 ? 1_555 . . PHE 15 NH2 None 'Terminal amidation' 
2 NH2 D 4 ? PHE D 3 ? NH2 D 4 ? 1_555 PHE D 3 ? 1_555 . . PHE 15 NH2 None 'Terminal amidation' 
# 
loop_
_struct_sheet.id 
_struct_sheet.type 
_struct_sheet.number_strands 
_struct_sheet.details 
AA1 ? 2 ? 
AA2 ? 3 ? 
# 
loop_
_struct_sheet_order.sheet_id 
_struct_sheet_order.range_id_1 
_struct_sheet_order.range_id_2 
_struct_sheet_order.offset 
_struct_sheet_order.sense 
AA1 1 2 ? anti-parallel 
AA2 1 2 ? anti-parallel 
AA2 2 3 ? anti-parallel 
# 
loop_
_struct_sheet_range.sheet_id 
_struct_sheet_range.id 
_struct_sheet_range.beg_label_comp_id 
_struct_sheet_range.beg_label_asym_id 
_struct_sheet_range.beg_label_seq_id 
_struct_sheet_range.pdbx_beg_PDB_ins_code 
_struct_sheet_range.end_label_comp_id 
_struct_sheet_range.end_label_asym_id 
_struct_sheet_range.end_label_seq_id 
_struct_sheet_range.pdbx_end_PDB_ins_code 
_struct_sheet_range.beg_auth_comp_id 
_struct_sheet_range.beg_auth_asym_id 
_struct_sheet_range.beg_auth_seq_id 
_struct_sheet_range.end_auth_comp_id 
_struct_sheet_range.end_auth_asym_id 
_struct_sheet_range.end_auth_seq_id 
AA1 1 PRO A 14 ? CYS A 18 ? PRO A 108 CYS A 112 
AA1 2 TYR A 44 ? THR A 48 ? TYR A 138 THR A 142 
AA2 1 LEU C 29 ? CYS C 30 ? LEU B 123 CYS B 124 
AA2 2 PRO C 14 ? CYS C 18 ? PRO B 108 CYS B 112 
AA2 3 TYR C 44 ? THR C 48 ? TYR B 138 THR B 142 
# 
loop_
_pdbx_struct_sheet_hbond.sheet_id 
_pdbx_struct_sheet_hbond.range_id_1 
_pdbx_struct_sheet_hbond.range_id_2 
_pdbx_struct_sheet_hbond.range_1_label_atom_id 
_pdbx_struct_sheet_hbond.range_1_label_comp_id 
_pdbx_struct_sheet_hbond.range_1_label_asym_id 
_pdbx_struct_sheet_hbond.range_1_label_seq_id 
_pdbx_struct_sheet_hbond.range_1_PDB_ins_code 
_pdbx_struct_sheet_hbond.range_1_auth_atom_id 
_pdbx_struct_sheet_hbond.range_1_auth_comp_id 
_pdbx_struct_sheet_hbond.range_1_auth_asym_id 
_pdbx_struct_sheet_hbond.range_1_auth_seq_id 
_pdbx_struct_sheet_hbond.range_2_label_atom_id 
_pdbx_struct_sheet_hbond.range_2_label_comp_id 
_pdbx_struct_sheet_hbond.range_2_label_asym_id 
_pdbx_struct_sheet_hbond.range_2_label_seq_id 
_pdbx_struct_sheet_hbond.range_2_PDB_ins_code 
_pdbx_struct_sheet_hbond.range_2_auth_atom_id 
_pdbx_struct_sheet_hbond.range_2_auth_comp_id 
_pdbx_struct_sheet_hbond.range_2_auth_asym_id 
_pdbx_struct_sheet_hbond.range_2_auth_seq_id 
AA1 1 2 N SER A 17 ? N SER A 111 O ARG A 45 ? O ARG A 139 
AA2 1 2 O LEU C 29 ? O LEU B 123 N TYR C 16 ? N TYR B 110 
AA2 2 3 N SER C 17 ? N SER B 111 O ARG C 45 ? O ARG B 139 
# 
_pdbx_entry_details.entry_id                   9DNP 
_pdbx_entry_details.has_ligand_of_interest     Y 
_pdbx_entry_details.compound_details           ? 
_pdbx_entry_details.source_details             ? 
_pdbx_entry_details.nonpolymer_details         ? 
_pdbx_entry_details.sequence_details           ? 
_pdbx_entry_details.has_protein_modification   Y 
# 
loop_
_pdbx_validate_close_contact.id 
_pdbx_validate_close_contact.PDB_model_num 
_pdbx_validate_close_contact.auth_atom_id_1 
_pdbx_validate_close_contact.auth_asym_id_1 
_pdbx_validate_close_contact.auth_comp_id_1 
_pdbx_validate_close_contact.auth_seq_id_1 
_pdbx_validate_close_contact.PDB_ins_code_1 
_pdbx_validate_close_contact.label_alt_id_1 
_pdbx_validate_close_contact.auth_atom_id_2 
_pdbx_validate_close_contact.auth_asym_id_2 
_pdbx_validate_close_contact.auth_comp_id_2 
_pdbx_validate_close_contact.auth_seq_id_2 
_pdbx_validate_close_contact.PDB_ins_code_2 
_pdbx_validate_close_contact.label_alt_id_2 
_pdbx_validate_close_contact.dist 
1 1 O A HOH 386 ? ? O C HOH 103 ? ? 2.15 
2 1 N A GLY 96  ? ? O A HIS 166 ? ? 2.16 
# 
_pdbx_validate_symm_contact.id                1 
_pdbx_validate_symm_contact.PDB_model_num     1 
_pdbx_validate_symm_contact.auth_atom_id_1    O 
_pdbx_validate_symm_contact.auth_asym_id_1    B 
_pdbx_validate_symm_contact.auth_comp_id_1    HOH 
_pdbx_validate_symm_contact.auth_seq_id_1     301 
_pdbx_validate_symm_contact.PDB_ins_code_1    ? 
_pdbx_validate_symm_contact.label_alt_id_1    ? 
_pdbx_validate_symm_contact.site_symmetry_1   1_555 
_pdbx_validate_symm_contact.auth_atom_id_2    O 
_pdbx_validate_symm_contact.auth_asym_id_2    B 
_pdbx_validate_symm_contact.auth_comp_id_2    HOH 
_pdbx_validate_symm_contact.auth_seq_id_2     301 
_pdbx_validate_symm_contact.PDB_ins_code_2    ? 
_pdbx_validate_symm_contact.label_alt_id_2    ? 
_pdbx_validate_symm_contact.site_symmetry_2   3_455 
_pdbx_validate_symm_contact.dist              2.06 
# 
loop_
_pdbx_validate_torsion.id 
_pdbx_validate_torsion.PDB_model_num 
_pdbx_validate_torsion.auth_comp_id 
_pdbx_validate_torsion.auth_asym_id 
_pdbx_validate_torsion.auth_seq_id 
_pdbx_validate_torsion.PDB_ins_code 
_pdbx_validate_torsion.label_alt_id 
_pdbx_validate_torsion.phi 
_pdbx_validate_torsion.psi 
1 1 CYS A 99 ? ? -80.16 -77.07 
2 1 CYS B 99 ? ? -75.74 -70.94 
# 
loop_
_pdbx_struct_special_symmetry.id 
_pdbx_struct_special_symmetry.PDB_model_num 
_pdbx_struct_special_symmetry.auth_asym_id 
_pdbx_struct_special_symmetry.auth_comp_id 
_pdbx_struct_special_symmetry.auth_seq_id 
_pdbx_struct_special_symmetry.PDB_ins_code 
_pdbx_struct_special_symmetry.label_asym_id 
_pdbx_struct_special_symmetry.label_comp_id 
_pdbx_struct_special_symmetry.label_seq_id 
1 1 A HOH 399 ? K HOH . 
2 1 B HOH 377 ? M HOH . 
# 
_pdbx_distant_solvent_atoms.id                                1 
_pdbx_distant_solvent_atoms.PDB_model_num                     1 
_pdbx_distant_solvent_atoms.auth_atom_id                      O 
_pdbx_distant_solvent_atoms.label_alt_id                      ? 
_pdbx_distant_solvent_atoms.auth_asym_id                      B 
_pdbx_distant_solvent_atoms.auth_comp_id                      HOH 
_pdbx_distant_solvent_atoms.auth_seq_id                       419 
_pdbx_distant_solvent_atoms.PDB_ins_code                      ? 
_pdbx_distant_solvent_atoms.neighbor_macromolecule_distance   6.38 
_pdbx_distant_solvent_atoms.neighbor_ligand_distance          . 
# 
_pdbx_unobs_or_zero_occ_residues.id               1 
_pdbx_unobs_or_zero_occ_residues.PDB_model_num    1 
_pdbx_unobs_or_zero_occ_residues.polymer_flag     Y 
_pdbx_unobs_or_zero_occ_residues.occupancy_flag   1 
_pdbx_unobs_or_zero_occ_residues.auth_asym_id     A 
_pdbx_unobs_or_zero_occ_residues.auth_comp_id     LEU 
_pdbx_unobs_or_zero_occ_residues.auth_seq_id      95 
_pdbx_unobs_or_zero_occ_residues.PDB_ins_code     ? 
_pdbx_unobs_or_zero_occ_residues.label_asym_id    A 
_pdbx_unobs_or_zero_occ_residues.label_comp_id    LEU 
_pdbx_unobs_or_zero_occ_residues.label_seq_id     1 
# 
loop_
_chem_comp_atom.comp_id 
_chem_comp_atom.atom_id 
_chem_comp_atom.type_symbol 
_chem_comp_atom.pdbx_aromatic_flag 
_chem_comp_atom.pdbx_stereo_config 
_chem_comp_atom.pdbx_ordinal 
ALA N    N  N N 1   
ALA CA   C  N S 2   
ALA C    C  N N 3   
ALA O    O  N N 4   
ALA CB   C  N N 5   
ALA OXT  O  N N 6   
ALA H    H  N N 7   
ALA H2   H  N N 8   
ALA HA   H  N N 9   
ALA HB1  H  N N 10  
ALA HB2  H  N N 11  
ALA HB3  H  N N 12  
ALA HXT  H  N N 13  
ARG N    N  N N 14  
ARG CA   C  N S 15  
ARG C    C  N N 16  
ARG O    O  N N 17  
ARG CB   C  N N 18  
ARG CG   C  N N 19  
ARG CD   C  N N 20  
ARG NE   N  N N 21  
ARG CZ   C  N N 22  
ARG NH1  N  N N 23  
ARG NH2  N  N N 24  
ARG OXT  O  N N 25  
ARG H    H  N N 26  
ARG H2   H  N N 27  
ARG HA   H  N N 28  
ARG HB2  H  N N 29  
ARG HB3  H  N N 30  
ARG HG2  H  N N 31  
ARG HG3  H  N N 32  
ARG HD2  H  N N 33  
ARG HD3  H  N N 34  
ARG HE   H  N N 35  
ARG HH11 H  N N 36  
ARG HH12 H  N N 37  
ARG HH21 H  N N 38  
ARG HH22 H  N N 39  
ARG HXT  H  N N 40  
ASP N    N  N N 41  
ASP CA   C  N S 42  
ASP C    C  N N 43  
ASP O    O  N N 44  
ASP CB   C  N N 45  
ASP CG   C  N N 46  
ASP OD1  O  N N 47  
ASP OD2  O  N N 48  
ASP OXT  O  N N 49  
ASP H    H  N N 50  
ASP H2   H  N N 51  
ASP HA   H  N N 52  
ASP HB2  H  N N 53  
ASP HB3  H  N N 54  
ASP HD2  H  N N 55  
ASP HXT  H  N N 56  
CYS N    N  N N 57  
CYS CA   C  N R 58  
CYS C    C  N N 59  
CYS O    O  N N 60  
CYS CB   C  N N 61  
CYS SG   S  N N 62  
CYS OXT  O  N N 63  
CYS H    H  N N 64  
CYS H2   H  N N 65  
CYS HA   H  N N 66  
CYS HB2  H  N N 67  
CYS HB3  H  N N 68  
CYS HG   H  N N 69  
CYS HXT  H  N N 70  
GLN N    N  N N 71  
GLN CA   C  N S 72  
GLN C    C  N N 73  
GLN O    O  N N 74  
GLN CB   C  N N 75  
GLN CG   C  N N 76  
GLN CD   C  N N 77  
GLN OE1  O  N N 78  
GLN NE2  N  N N 79  
GLN OXT  O  N N 80  
GLN H    H  N N 81  
GLN H2   H  N N 82  
GLN HA   H  N N 83  
GLN HB2  H  N N 84  
GLN HB3  H  N N 85  
GLN HG2  H  N N 86  
GLN HG3  H  N N 87  
GLN HE21 H  N N 88  
GLN HE22 H  N N 89  
GLN HXT  H  N N 90  
GLU N    N  N N 91  
GLU CA   C  N S 92  
GLU C    C  N N 93  
GLU O    O  N N 94  
GLU CB   C  N N 95  
GLU CG   C  N N 96  
GLU CD   C  N N 97  
GLU OE1  O  N N 98  
GLU OE2  O  N N 99  
GLU OXT  O  N N 100 
GLU H    H  N N 101 
GLU H2   H  N N 102 
GLU HA   H  N N 103 
GLU HB2  H  N N 104 
GLU HB3  H  N N 105 
GLU HG2  H  N N 106 
GLU HG3  H  N N 107 
GLU HE2  H  N N 108 
GLU HXT  H  N N 109 
GLY N    N  N N 110 
GLY CA   C  N N 111 
GLY C    C  N N 112 
GLY O    O  N N 113 
GLY OXT  O  N N 114 
GLY H    H  N N 115 
GLY H2   H  N N 116 
GLY HA2  H  N N 117 
GLY HA3  H  N N 118 
GLY HXT  H  N N 119 
HIS N    N  N N 120 
HIS CA   C  N S 121 
HIS C    C  N N 122 
HIS O    O  N N 123 
HIS CB   C  N N 124 
HIS CG   C  Y N 125 
HIS ND1  N  Y N 126 
HIS CD2  C  Y N 127 
HIS CE1  C  Y N 128 
HIS NE2  N  Y N 129 
HIS OXT  O  N N 130 
HIS H    H  N N 131 
HIS H2   H  N N 132 
HIS HA   H  N N 133 
HIS HB2  H  N N 134 
HIS HB3  H  N N 135 
HIS HD1  H  N N 136 
HIS HD2  H  N N 137 
HIS HE1  H  N N 138 
HIS HE2  H  N N 139 
HIS HXT  H  N N 140 
HOH O    O  N N 141 
HOH H1   H  N N 142 
HOH H2   H  N N 143 
ILE N    N  N N 144 
ILE CA   C  N S 145 
ILE C    C  N N 146 
ILE O    O  N N 147 
ILE CB   C  N S 148 
ILE CG1  C  N N 149 
ILE CG2  C  N N 150 
ILE CD1  C  N N 151 
ILE OXT  O  N N 152 
ILE H    H  N N 153 
ILE H2   H  N N 154 
ILE HA   H  N N 155 
ILE HB   H  N N 156 
ILE HG12 H  N N 157 
ILE HG13 H  N N 158 
ILE HG21 H  N N 159 
ILE HG22 H  N N 160 
ILE HG23 H  N N 161 
ILE HD11 H  N N 162 
ILE HD12 H  N N 163 
ILE HD13 H  N N 164 
ILE HXT  H  N N 165 
LEU N    N  N N 166 
LEU CA   C  N S 167 
LEU C    C  N N 168 
LEU O    O  N N 169 
LEU CB   C  N N 170 
LEU CG   C  N N 171 
LEU CD1  C  N N 172 
LEU CD2  C  N N 173 
LEU OXT  O  N N 174 
LEU H    H  N N 175 
LEU H2   H  N N 176 
LEU HA   H  N N 177 
LEU HB2  H  N N 178 
LEU HB3  H  N N 179 
LEU HG   H  N N 180 
LEU HD11 H  N N 181 
LEU HD12 H  N N 182 
LEU HD13 H  N N 183 
LEU HD21 H  N N 184 
LEU HD22 H  N N 185 
LEU HD23 H  N N 186 
LEU HXT  H  N N 187 
LYS N    N  N N 188 
LYS CA   C  N S 189 
LYS C    C  N N 190 
LYS O    O  N N 191 
LYS CB   C  N N 192 
LYS CG   C  N N 193 
LYS CD   C  N N 194 
LYS CE   C  N N 195 
LYS NZ   N  N N 196 
LYS OXT  O  N N 197 
LYS H    H  N N 198 
LYS H2   H  N N 199 
LYS HA   H  N N 200 
LYS HB2  H  N N 201 
LYS HB3  H  N N 202 
LYS HG2  H  N N 203 
LYS HG3  H  N N 204 
LYS HD2  H  N N 205 
LYS HD3  H  N N 206 
LYS HE2  H  N N 207 
LYS HE3  H  N N 208 
LYS HZ1  H  N N 209 
LYS HZ2  H  N N 210 
LYS HZ3  H  N N 211 
LYS HXT  H  N N 212 
MET N    N  N N 213 
MET CA   C  N S 214 
MET C    C  N N 215 
MET O    O  N N 216 
MET CB   C  N N 217 
MET CG   C  N N 218 
MET SD   S  N N 219 
MET CE   C  N N 220 
MET OXT  O  N N 221 
MET H    H  N N 222 
MET H2   H  N N 223 
MET HA   H  N N 224 
MET HB2  H  N N 225 
MET HB3  H  N N 226 
MET HG2  H  N N 227 
MET HG3  H  N N 228 
MET HE1  H  N N 229 
MET HE2  H  N N 230 
MET HE3  H  N N 231 
MET HXT  H  N N 232 
NH2 N    N  N N 233 
NH2 HN1  H  N N 234 
NH2 HN2  H  N N 235 
PHE N    N  N N 236 
PHE CA   C  N S 237 
PHE C    C  N N 238 
PHE O    O  N N 239 
PHE CB   C  N N 240 
PHE CG   C  Y N 241 
PHE CD1  C  Y N 242 
PHE CD2  C  Y N 243 
PHE CE1  C  Y N 244 
PHE CE2  C  Y N 245 
PHE CZ   C  Y N 246 
PHE OXT  O  N N 247 
PHE H    H  N N 248 
PHE H2   H  N N 249 
PHE HA   H  N N 250 
PHE HB2  H  N N 251 
PHE HB3  H  N N 252 
PHE HD1  H  N N 253 
PHE HD2  H  N N 254 
PHE HE1  H  N N 255 
PHE HE2  H  N N 256 
PHE HZ   H  N N 257 
PHE HXT  H  N N 258 
PRO N    N  N N 259 
PRO CA   C  N S 260 
PRO C    C  N N 261 
PRO O    O  N N 262 
PRO CB   C  N N 263 
PRO CG   C  N N 264 
PRO CD   C  N N 265 
PRO OXT  O  N N 266 
PRO H    H  N N 267 
PRO HA   H  N N 268 
PRO HB2  H  N N 269 
PRO HB3  H  N N 270 
PRO HG2  H  N N 271 
PRO HG3  H  N N 272 
PRO HD2  H  N N 273 
PRO HD3  H  N N 274 
PRO HXT  H  N N 275 
SER N    N  N N 276 
SER CA   C  N S 277 
SER C    C  N N 278 
SER O    O  N N 279 
SER CB   C  N N 280 
SER OG   O  N N 281 
SER OXT  O  N N 282 
SER H    H  N N 283 
SER H2   H  N N 284 
SER HA   H  N N 285 
SER HB2  H  N N 286 
SER HB3  H  N N 287 
SER HG   H  N N 288 
SER HXT  H  N N 289 
THR N    N  N N 290 
THR CA   C  N S 291 
THR C    C  N N 292 
THR O    O  N N 293 
THR CB   C  N R 294 
THR OG1  O  N N 295 
THR CG2  C  N N 296 
THR OXT  O  N N 297 
THR H    H  N N 298 
THR H2   H  N N 299 
THR HA   H  N N 300 
THR HB   H  N N 301 
THR HG1  H  N N 302 
THR HG21 H  N N 303 
THR HG22 H  N N 304 
THR HG23 H  N N 305 
THR HXT  H  N N 306 
TRP N    N  N N 307 
TRP CA   C  N S 308 
TRP C    C  N N 309 
TRP O    O  N N 310 
TRP CB   C  N N 311 
TRP CG   C  Y N 312 
TRP CD1  C  Y N 313 
TRP CD2  C  Y N 314 
TRP NE1  N  Y N 315 
TRP CE2  C  Y N 316 
TRP CE3  C  Y N 317 
TRP CZ2  C  Y N 318 
TRP CZ3  C  Y N 319 
TRP CH2  C  Y N 320 
TRP OXT  O  N N 321 
TRP H    H  N N 322 
TRP H2   H  N N 323 
TRP HA   H  N N 324 
TRP HB2  H  N N 325 
TRP HB3  H  N N 326 
TRP HD1  H  N N 327 
TRP HE1  H  N N 328 
TRP HE3  H  N N 329 
TRP HZ2  H  N N 330 
TRP HZ3  H  N N 331 
TRP HH2  H  N N 332 
TRP HXT  H  N N 333 
TYR N    N  N N 334 
TYR CA   C  N S 335 
TYR C    C  N N 336 
TYR O    O  N N 337 
TYR CB   C  N N 338 
TYR CG   C  Y N 339 
TYR CD1  C  Y N 340 
TYR CD2  C  Y N 341 
TYR CE1  C  Y N 342 
TYR CE2  C  Y N 343 
TYR CZ   C  Y N 344 
TYR OH   O  N N 345 
TYR OXT  O  N N 346 
TYR H    H  N N 347 
TYR H2   H  N N 348 
TYR HA   H  N N 349 
TYR HB2  H  N N 350 
TYR HB3  H  N N 351 
TYR HD1  H  N N 352 
TYR HD2  H  N N 353 
TYR HE1  H  N N 354 
TYR HE2  H  N N 355 
TYR HH   H  N N 356 
TYR HXT  H  N N 357 
VAL N    N  N N 358 
VAL CA   C  N S 359 
VAL C    C  N N 360 
VAL O    O  N N 361 
VAL CB   C  N N 362 
VAL CG1  C  N N 363 
VAL CG2  C  N N 364 
VAL OXT  O  N N 365 
VAL H    H  N N 366 
VAL H2   H  N N 367 
VAL HA   H  N N 368 
VAL HB   H  N N 369 
VAL HG11 H  N N 370 
VAL HG12 H  N N 371 
VAL HG13 H  N N 372 
VAL HG21 H  N N 373 
VAL HG22 H  N N 374 
VAL HG23 H  N N 375 
VAL HXT  H  N N 376 
ZN  ZN   ZN N N 377 
# 
loop_
_chem_comp_bond.comp_id 
_chem_comp_bond.atom_id_1 
_chem_comp_bond.atom_id_2 
_chem_comp_bond.value_order 
_chem_comp_bond.pdbx_aromatic_flag 
_chem_comp_bond.pdbx_stereo_config 
_chem_comp_bond.pdbx_ordinal 
ALA N   CA   sing N N 1   
ALA N   H    sing N N 2   
ALA N   H2   sing N N 3   
ALA CA  C    sing N N 4   
ALA CA  CB   sing N N 5   
ALA CA  HA   sing N N 6   
ALA C   O    doub N N 7   
ALA C   OXT  sing N N 8   
ALA CB  HB1  sing N N 9   
ALA CB  HB2  sing N N 10  
ALA CB  HB3  sing N N 11  
ALA OXT HXT  sing N N 12  
ARG N   CA   sing N N 13  
ARG N   H    sing N N 14  
ARG N   H2   sing N N 15  
ARG CA  C    sing N N 16  
ARG CA  CB   sing N N 17  
ARG CA  HA   sing N N 18  
ARG C   O    doub N N 19  
ARG C   OXT  sing N N 20  
ARG CB  CG   sing N N 21  
ARG CB  HB2  sing N N 22  
ARG CB  HB3  sing N N 23  
ARG CG  CD   sing N N 24  
ARG CG  HG2  sing N N 25  
ARG CG  HG3  sing N N 26  
ARG CD  NE   sing N N 27  
ARG CD  HD2  sing N N 28  
ARG CD  HD3  sing N N 29  
ARG NE  CZ   sing N N 30  
ARG NE  HE   sing N N 31  
ARG CZ  NH1  sing N N 32  
ARG CZ  NH2  doub N N 33  
ARG NH1 HH11 sing N N 34  
ARG NH1 HH12 sing N N 35  
ARG NH2 HH21 sing N N 36  
ARG NH2 HH22 sing N N 37  
ARG OXT HXT  sing N N 38  
ASP N   CA   sing N N 39  
ASP N   H    sing N N 40  
ASP N   H2   sing N N 41  
ASP CA  C    sing N N 42  
ASP CA  CB   sing N N 43  
ASP CA  HA   sing N N 44  
ASP C   O    doub N N 45  
ASP C   OXT  sing N N 46  
ASP CB  CG   sing N N 47  
ASP CB  HB2  sing N N 48  
ASP CB  HB3  sing N N 49  
ASP CG  OD1  doub N N 50  
ASP CG  OD2  sing N N 51  
ASP OD2 HD2  sing N N 52  
ASP OXT HXT  sing N N 53  
CYS N   CA   sing N N 54  
CYS N   H    sing N N 55  
CYS N   H2   sing N N 56  
CYS CA  C    sing N N 57  
CYS CA  CB   sing N N 58  
CYS CA  HA   sing N N 59  
CYS C   O    doub N N 60  
CYS C   OXT  sing N N 61  
CYS CB  SG   sing N N 62  
CYS CB  HB2  sing N N 63  
CYS CB  HB3  sing N N 64  
CYS SG  HG   sing N N 65  
CYS OXT HXT  sing N N 66  
GLN N   CA   sing N N 67  
GLN N   H    sing N N 68  
GLN N   H2   sing N N 69  
GLN CA  C    sing N N 70  
GLN CA  CB   sing N N 71  
GLN CA  HA   sing N N 72  
GLN C   O    doub N N 73  
GLN C   OXT  sing N N 74  
GLN CB  CG   sing N N 75  
GLN CB  HB2  sing N N 76  
GLN CB  HB3  sing N N 77  
GLN CG  CD   sing N N 78  
GLN CG  HG2  sing N N 79  
GLN CG  HG3  sing N N 80  
GLN CD  OE1  doub N N 81  
GLN CD  NE2  sing N N 82  
GLN NE2 HE21 sing N N 83  
GLN NE2 HE22 sing N N 84  
GLN OXT HXT  sing N N 85  
GLU N   CA   sing N N 86  
GLU N   H    sing N N 87  
GLU N   H2   sing N N 88  
GLU CA  C    sing N N 89  
GLU CA  CB   sing N N 90  
GLU CA  HA   sing N N 91  
GLU C   O    doub N N 92  
GLU C   OXT  sing N N 93  
GLU CB  CG   sing N N 94  
GLU CB  HB2  sing N N 95  
GLU CB  HB3  sing N N 96  
GLU CG  CD   sing N N 97  
GLU CG  HG2  sing N N 98  
GLU CG  HG3  sing N N 99  
GLU CD  OE1  doub N N 100 
GLU CD  OE2  sing N N 101 
GLU OE2 HE2  sing N N 102 
GLU OXT HXT  sing N N 103 
GLY N   CA   sing N N 104 
GLY N   H    sing N N 105 
GLY N   H2   sing N N 106 
GLY CA  C    sing N N 107 
GLY CA  HA2  sing N N 108 
GLY CA  HA3  sing N N 109 
GLY C   O    doub N N 110 
GLY C   OXT  sing N N 111 
GLY OXT HXT  sing N N 112 
HIS N   CA   sing N N 113 
HIS N   H    sing N N 114 
HIS N   H2   sing N N 115 
HIS CA  C    sing N N 116 
HIS CA  CB   sing N N 117 
HIS CA  HA   sing N N 118 
HIS C   O    doub N N 119 
HIS C   OXT  sing N N 120 
HIS CB  CG   sing N N 121 
HIS CB  HB2  sing N N 122 
HIS CB  HB3  sing N N 123 
HIS CG  ND1  sing Y N 124 
HIS CG  CD2  doub Y N 125 
HIS ND1 CE1  doub Y N 126 
HIS ND1 HD1  sing N N 127 
HIS CD2 NE2  sing Y N 128 
HIS CD2 HD2  sing N N 129 
HIS CE1 NE2  sing Y N 130 
HIS CE1 HE1  sing N N 131 
HIS NE2 HE2  sing N N 132 
HIS OXT HXT  sing N N 133 
HOH O   H1   sing N N 134 
HOH O   H2   sing N N 135 
ILE N   CA   sing N N 136 
ILE N   H    sing N N 137 
ILE N   H2   sing N N 138 
ILE CA  C    sing N N 139 
ILE CA  CB   sing N N 140 
ILE CA  HA   sing N N 141 
ILE C   O    doub N N 142 
ILE C   OXT  sing N N 143 
ILE CB  CG1  sing N N 144 
ILE CB  CG2  sing N N 145 
ILE CB  HB   sing N N 146 
ILE CG1 CD1  sing N N 147 
ILE CG1 HG12 sing N N 148 
ILE CG1 HG13 sing N N 149 
ILE CG2 HG21 sing N N 150 
ILE CG2 HG22 sing N N 151 
ILE CG2 HG23 sing N N 152 
ILE CD1 HD11 sing N N 153 
ILE CD1 HD12 sing N N 154 
ILE CD1 HD13 sing N N 155 
ILE OXT HXT  sing N N 156 
LEU N   CA   sing N N 157 
LEU N   H    sing N N 158 
LEU N   H2   sing N N 159 
LEU CA  C    sing N N 160 
LEU CA  CB   sing N N 161 
LEU CA  HA   sing N N 162 
LEU C   O    doub N N 163 
LEU C   OXT  sing N N 164 
LEU CB  CG   sing N N 165 
LEU CB  HB2  sing N N 166 
LEU CB  HB3  sing N N 167 
LEU CG  CD1  sing N N 168 
LEU CG  CD2  sing N N 169 
LEU CG  HG   sing N N 170 
LEU CD1 HD11 sing N N 171 
LEU CD1 HD12 sing N N 172 
LEU CD1 HD13 sing N N 173 
LEU CD2 HD21 sing N N 174 
LEU CD2 HD22 sing N N 175 
LEU CD2 HD23 sing N N 176 
LEU OXT HXT  sing N N 177 
LYS N   CA   sing N N 178 
LYS N   H    sing N N 179 
LYS N   H2   sing N N 180 
LYS CA  C    sing N N 181 
LYS CA  CB   sing N N 182 
LYS CA  HA   sing N N 183 
LYS C   O    doub N N 184 
LYS C   OXT  sing N N 185 
LYS CB  CG   sing N N 186 
LYS CB  HB2  sing N N 187 
LYS CB  HB3  sing N N 188 
LYS CG  CD   sing N N 189 
LYS CG  HG2  sing N N 190 
LYS CG  HG3  sing N N 191 
LYS CD  CE   sing N N 192 
LYS CD  HD2  sing N N 193 
LYS CD  HD3  sing N N 194 
LYS CE  NZ   sing N N 195 
LYS CE  HE2  sing N N 196 
LYS CE  HE3  sing N N 197 
LYS NZ  HZ1  sing N N 198 
LYS NZ  HZ2  sing N N 199 
LYS NZ  HZ3  sing N N 200 
LYS OXT HXT  sing N N 201 
MET N   CA   sing N N 202 
MET N   H    sing N N 203 
MET N   H2   sing N N 204 
MET CA  C    sing N N 205 
MET CA  CB   sing N N 206 
MET CA  HA   sing N N 207 
MET C   O    doub N N 208 
MET C   OXT  sing N N 209 
MET CB  CG   sing N N 210 
MET CB  HB2  sing N N 211 
MET CB  HB3  sing N N 212 
MET CG  SD   sing N N 213 
MET CG  HG2  sing N N 214 
MET CG  HG3  sing N N 215 
MET SD  CE   sing N N 216 
MET CE  HE1  sing N N 217 
MET CE  HE2  sing N N 218 
MET CE  HE3  sing N N 219 
MET OXT HXT  sing N N 220 
NH2 N   HN1  sing N N 221 
NH2 N   HN2  sing N N 222 
PHE N   CA   sing N N 223 
PHE N   H    sing N N 224 
PHE N   H2   sing N N 225 
PHE CA  C    sing N N 226 
PHE CA  CB   sing N N 227 
PHE CA  HA   sing N N 228 
PHE C   O    doub N N 229 
PHE C   OXT  sing N N 230 
PHE CB  CG   sing N N 231 
PHE CB  HB2  sing N N 232 
PHE CB  HB3  sing N N 233 
PHE CG  CD1  doub Y N 234 
PHE CG  CD2  sing Y N 235 
PHE CD1 CE1  sing Y N 236 
PHE CD1 HD1  sing N N 237 
PHE CD2 CE2  doub Y N 238 
PHE CD2 HD2  sing N N 239 
PHE CE1 CZ   doub Y N 240 
PHE CE1 HE1  sing N N 241 
PHE CE2 CZ   sing Y N 242 
PHE CE2 HE2  sing N N 243 
PHE CZ  HZ   sing N N 244 
PHE OXT HXT  sing N N 245 
PRO N   CA   sing N N 246 
PRO N   CD   sing N N 247 
PRO N   H    sing N N 248 
PRO CA  C    sing N N 249 
PRO CA  CB   sing N N 250 
PRO CA  HA   sing N N 251 
PRO C   O    doub N N 252 
PRO C   OXT  sing N N 253 
PRO CB  CG   sing N N 254 
PRO CB  HB2  sing N N 255 
PRO CB  HB3  sing N N 256 
PRO CG  CD   sing N N 257 
PRO CG  HG2  sing N N 258 
PRO CG  HG3  sing N N 259 
PRO CD  HD2  sing N N 260 
PRO CD  HD3  sing N N 261 
PRO OXT HXT  sing N N 262 
SER N   CA   sing N N 263 
SER N   H    sing N N 264 
SER N   H2   sing N N 265 
SER CA  C    sing N N 266 
SER CA  CB   sing N N 267 
SER CA  HA   sing N N 268 
SER C   O    doub N N 269 
SER C   OXT  sing N N 270 
SER CB  OG   sing N N 271 
SER CB  HB2  sing N N 272 
SER CB  HB3  sing N N 273 
SER OG  HG   sing N N 274 
SER OXT HXT  sing N N 275 
THR N   CA   sing N N 276 
THR N   H    sing N N 277 
THR N   H2   sing N N 278 
THR CA  C    sing N N 279 
THR CA  CB   sing N N 280 
THR CA  HA   sing N N 281 
THR C   O    doub N N 282 
THR C   OXT  sing N N 283 
THR CB  OG1  sing N N 284 
THR CB  CG2  sing N N 285 
THR CB  HB   sing N N 286 
THR OG1 HG1  sing N N 287 
THR CG2 HG21 sing N N 288 
THR CG2 HG22 sing N N 289 
THR CG2 HG23 sing N N 290 
THR OXT HXT  sing N N 291 
TRP N   CA   sing N N 292 
TRP N   H    sing N N 293 
TRP N   H2   sing N N 294 
TRP CA  C    sing N N 295 
TRP CA  CB   sing N N 296 
TRP CA  HA   sing N N 297 
TRP C   O    doub N N 298 
TRP C   OXT  sing N N 299 
TRP CB  CG   sing N N 300 
TRP CB  HB2  sing N N 301 
TRP CB  HB3  sing N N 302 
TRP CG  CD1  doub Y N 303 
TRP CG  CD2  sing Y N 304 
TRP CD1 NE1  sing Y N 305 
TRP CD1 HD1  sing N N 306 
TRP CD2 CE2  doub Y N 307 
TRP CD2 CE3  sing Y N 308 
TRP NE1 CE2  sing Y N 309 
TRP NE1 HE1  sing N N 310 
TRP CE2 CZ2  sing Y N 311 
TRP CE3 CZ3  doub Y N 312 
TRP CE3 HE3  sing N N 313 
TRP CZ2 CH2  doub Y N 314 
TRP CZ2 HZ2  sing N N 315 
TRP CZ3 CH2  sing Y N 316 
TRP CZ3 HZ3  sing N N 317 
TRP CH2 HH2  sing N N 318 
TRP OXT HXT  sing N N 319 
TYR N   CA   sing N N 320 
TYR N   H    sing N N 321 
TYR N   H2   sing N N 322 
TYR CA  C    sing N N 323 
TYR CA  CB   sing N N 324 
TYR CA  HA   sing N N 325 
TYR C   O    doub N N 326 
TYR C   OXT  sing N N 327 
TYR CB  CG   sing N N 328 
TYR CB  HB2  sing N N 329 
TYR CB  HB3  sing N N 330 
TYR CG  CD1  doub Y N 331 
TYR CG  CD2  sing Y N 332 
TYR CD1 CE1  sing Y N 333 
TYR CD1 HD1  sing N N 334 
TYR CD2 CE2  doub Y N 335 
TYR CD2 HD2  sing N N 336 
TYR CE1 CZ   doub Y N 337 
TYR CE1 HE1  sing N N 338 
TYR CE2 CZ   sing Y N 339 
TYR CE2 HE2  sing N N 340 
TYR CZ  OH   sing N N 341 
TYR OH  HH   sing N N 342 
TYR OXT HXT  sing N N 343 
VAL N   CA   sing N N 344 
VAL N   H    sing N N 345 
VAL N   H2   sing N N 346 
VAL CA  C    sing N N 347 
VAL CA  CB   sing N N 348 
VAL CA  HA   sing N N 349 
VAL C   O    doub N N 350 
VAL C   OXT  sing N N 351 
VAL CB  CG1  sing N N 352 
VAL CB  CG2  sing N N 353 
VAL CB  HB   sing N N 354 
VAL CG1 HG11 sing N N 355 
VAL CG1 HG12 sing N N 356 
VAL CG1 HG13 sing N N 357 
VAL CG2 HG21 sing N N 358 
VAL CG2 HG22 sing N N 359 
VAL CG2 HG23 sing N N 360 
VAL OXT HXT  sing N N 361 
# 
loop_
_pdbx_audit_support.funding_organization 
_pdbx_audit_support.country 
_pdbx_audit_support.grant_number 
_pdbx_audit_support.ordinal 
'Department of Defense (DOD, United States)'                        'United States' HT9425-23-1-0560 1 
'Department of Defense (DOD, United States)'                        'United States' PA220024P1       2 
'National Institutes of Health/National Cancer Institute (NIH/NCI)' 'United States' 'R01 CA212119'   3 
'National Institutes of Health/National Cancer Institute (NIH/NCI)' 'United States' 'R01 CA265410'   4 
# 
_pdbx_initial_refinement_model.id               1 
_pdbx_initial_refinement_model.entity_id_list   ? 
_pdbx_initial_refinement_model.type             'experimental model' 
_pdbx_initial_refinement_model.source_name      PDB 
_pdbx_initial_refinement_model.accession_code   3ny2 
_pdbx_initial_refinement_model.details          ? 
# 
_atom_sites.entry_id                    9DNP 
_atom_sites.Cartn_transf_matrix[1][1]   ? 
_atom_sites.Cartn_transf_matrix[1][2]   ? 
_atom_sites.Cartn_transf_matrix[1][3]   ? 
_atom_sites.Cartn_transf_matrix[2][1]   ? 
_atom_sites.Cartn_transf_matrix[2][2]   ? 
_atom_sites.Cartn_transf_matrix[2][3]   ? 
_atom_sites.Cartn_transf_matrix[3][1]   ? 
_atom_sites.Cartn_transf_matrix[3][2]   ? 
_atom_sites.Cartn_transf_matrix[3][3]   ? 
_atom_sites.Cartn_transf_vector[1]      ? 
_atom_sites.Cartn_transf_vector[2]      ? 
_atom_sites.Cartn_transf_vector[3]      ? 
_atom_sites.Cartn_transform_axes        ? 
_atom_sites.fract_transf_matrix[1][1]   -0.00882513 
_atom_sites.fract_transf_matrix[1][2]   -0.01597469 
_atom_sites.fract_transf_matrix[1][3]   0.00764539 
_atom_sites.fract_transf_matrix[2][1]   -0.00338635 
_atom_sites.fract_transf_matrix[2][2]   -0.00587517 
_atom_sites.fract_transf_matrix[2][3]   -0.01618479 
_atom_sites.fract_transf_matrix[3][1]   0.00755991 
_atom_sites.fract_transf_matrix[3][2]   -0.00420322 
_atom_sites.fract_transf_matrix[3][3]   -0.00005597 
_atom_sites.fract_transf_vector[1]      -0.454230 
_atom_sites.fract_transf_vector[2]      0.201221 
_atom_sites.fract_transf_vector[3]      0.122901 
_atom_sites.solution_primary            ? 
_atom_sites.solution_secondary          ? 
_atom_sites.solution_hydrogens          ? 
_atom_sites.special_details             ? 
# 
loop_
_atom_type.symbol 
C  
N  
O  
S  
ZN 
# 
loop_
_atom_site.group_PDB 
_atom_site.id 
_atom_site.type_symbol 
_atom_site.label_atom_id 
_atom_site.label_alt_id 
_atom_site.label_comp_id 
_atom_site.label_asym_id 
_atom_site.label_entity_id 
_atom_site.label_seq_id 
_atom_site.pdbx_PDB_ins_code 
_atom_site.Cartn_x 
_atom_site.Cartn_y 
_atom_site.Cartn_z 
_atom_site.occupancy 
_atom_site.B_iso_or_equiv 
_atom_site.pdbx_formal_charge 
_atom_site.auth_seq_id 
_atom_site.auth_comp_id 
_atom_site.auth_asym_id 
_atom_site.auth_atom_id 
_atom_site.pdbx_PDB_model_num 
ATOM   1    N  N   . GLY A 1 2  ? 3.939   -13.336 10.231  1.00 31.60 ?  96  GLY A N   1 
ATOM   2    C  CA  . GLY A 1 2  ? 4.877   -13.718 11.267  1.00 32.01 ?  96  GLY A CA  1 
ATOM   3    C  C   . GLY A 1 2  ? 5.849   -12.627 11.670  1.00 30.48 ?  96  GLY A C   1 
ATOM   4    O  O   . GLY A 1 2  ? 6.664   -12.822 12.572  1.00 35.29 ?  96  GLY A O   1 
ATOM   5    N  N   . SER A 1 3  ? 5.784   -11.479 11.000  1.00 30.11 ?  97  SER A N   1 
ATOM   6    C  CA  . SER A 1 3  ? 6.478   -10.284 11.457  1.00 27.58 ?  97  SER A CA  1 
ATOM   7    C  C   . SER A 1 3  ? 5.463   -9.170  11.684  1.00 26.09 ?  97  SER A C   1 
ATOM   8    O  O   . SER A 1 3  ? 4.303   -9.256  11.272  1.00 27.10 ?  97  SER A O   1 
ATOM   9    C  CB  . SER A 1 3  ? 7.596   -9.852  10.495  1.00 27.23 ?  97  SER A CB  1 
ATOM   10   O  OG  . SER A 1 3  ? 7.117   -9.708  9.171   1.00 27.01 ?  97  SER A OG  1 
ATOM   11   N  N   . LEU A 1 4  ? 5.909   -8.120  12.360  1.00 25.46 ?  98  LEU A N   1 
ATOM   12   C  CA  . LEU A 1 4  ? 5.014   -7.094  12.882  1.00 24.57 ?  98  LEU A CA  1 
ATOM   13   C  C   . LEU A 1 4  ? 4.925   -5.931  11.903  1.00 22.26 ?  98  LEU A C   1 
ATOM   14   O  O   . LEU A 1 4  ? 5.947   -5.337  11.556  1.00 24.82 ?  98  LEU A O   1 
ATOM   15   C  CB  . LEU A 1 4  ? 5.526   -6.595  14.239  1.00 26.01 ?  98  LEU A CB  1 
ATOM   16   C  CG  . LEU A 1 4  ? 4.680   -5.613  15.065  1.00 26.32 ?  98  LEU A CG  1 
ATOM   17   C  CD1 . LEU A 1 4  ? 3.276   -6.141  15.298  1.00 23.71 ?  98  LEU A CD1 1 
ATOM   18   C  CD2 . LEU A 1 4  ? 5.361   -5.302  16.393  1.00 27.07 ?  98  LEU A CD2 1 
ATOM   19   N  N   . CYS A 1 5  ? 3.703   -5.587  11.482  1.00 21.51 ?  99  CYS A N   1 
ATOM   20   C  CA  . CYS A 1 5  ? 3.484   -4.226  10.997  1.00 19.78 ?  99  CYS A CA  1 
ATOM   21   C  C   . CYS A 1 5  ? 3.311   -3.299  12.189  1.00 18.45 ?  99  CYS A C   1 
ATOM   22   O  O   . CYS A 1 5  ? 4.217   -2.528  12.517  1.00 19.80 ?  99  CYS A O   1 
ATOM   23   C  CB  . CYS A 1 5  ? 2.270   -4.102  10.070  1.00 18.22 ?  99  CYS A CB  1 
ATOM   24   S  SG  . CYS A 1 5  ? 2.043   -2.377  9.463   1.00 14.77 ?  99  CYS A SG  1 
ATOM   25   N  N   . GLY A 1 6  ? 2.125   -3.334  12.803  1.00 17.87 ?  100 GLY A N   1 
ATOM   26   C  CA  . GLY A 1 6  ? 1.813   -2.610  14.024  1.00 18.76 ?  100 GLY A CA  1 
ATOM   27   C  C   . GLY A 1 6  ? 1.796   -1.104  13.929  1.00 18.23 ?  100 GLY A C   1 
ATOM   28   O  O   . GLY A 1 6  ? 1.656   -0.443  14.963  1.00 19.58 ?  100 GLY A O   1 
ATOM   29   N  N   . ARG A 1 7  ? 1.903   -0.527  12.734  1.00 16.99 ?  101 ARG A N   1 
ATOM   30   C  CA  . ARG A 1 7  ? 2.229   0.885   12.650  1.00 18.67 ?  101 ARG A CA  1 
ATOM   31   C  C   . ARG A 1 7  ? 1.028   1.775   12.970  1.00 16.82 ?  101 ARG A C   1 
ATOM   32   O  O   . ARG A 1 7  ? -0.126  1.422   12.715  1.00 17.27 ?  101 ARG A O   1 
ATOM   33   C  CB  . ARG A 1 7  ? 2.815   1.201   11.282  1.00 20.07 ?  101 ARG A CB  1 
ATOM   34   C  CG  . ARG A 1 7  ? 1.810   1.315   10.182  1.00 18.56 ?  101 ARG A CG  1 
ATOM   35   C  CD  . ARG A 1 7  ? 2.532   1.896   8.977   1.00 21.21 ?  101 ARG A CD  1 
ATOM   36   N  NE  . ARG A 1 7  ? 1.683   2.124   7.814   1.00 19.44 ?  101 ARG A NE  1 
ATOM   37   C  CZ  . ARG A 1 7  ? 0.897   3.187   7.686   1.00 19.17 ?  101 ARG A CZ  1 
ATOM   38   N  NH1 . ARG A 1 7  ? 0.751   4.065   8.673   1.00 20.50 ?  101 ARG A NH1 1 
ATOM   39   N  NH2 . ARG A 1 7  ? 0.263   3.390   6.535   1.00 20.73 ?  101 ARG A NH2 1 
ATOM   40   N  N   . VAL A 1 8  ? 1.325   2.941   13.557  1.00 17.39 ?  102 VAL A N   1 
ATOM   41   C  CA  . VAL A 1 8  ? 0.310   3.930   13.896  1.00 18.93 ?  102 VAL A CA  1 
ATOM   42   C  C   . VAL A 1 8  ? -0.069  4.685   12.630  1.00 18.95 ?  102 VAL A C   1 
ATOM   43   O  O   . VAL A 1 8  ? 0.733   4.815   11.696  1.00 23.11 ?  102 VAL A O   1 
ATOM   44   C  CB  . VAL A 1 8  ? 0.876   4.864   14.989  1.00 19.82 ?  102 VAL A CB  1 
ATOM   45   C  CG1 . VAL A 1 8  ? -0.053  6.043   15.304  1.00 23.40 ?  102 VAL A CG1 1 
ATOM   46   C  CG2 . VAL A 1 8  ? 1.201   4.075   16.245  1.00 20.50 ?  102 VAL A CG2 1 
ATOM   47   N  N   . PHE A 1 9  ? -1.315  5.138   12.561  1.00 17.31 ?  103 PHE A N   1 
ATOM   48   C  CA  . PHE A 1 9  ? -1.774  5.953   11.445  1.00 18.26 ?  103 PHE A CA  1 
ATOM   49   C  C   . PHE A 1 9  ? -1.551  7.430   11.732  1.00 21.27 ?  103 PHE A C   1 
ATOM   50   O  O   . PHE A 1 9  ? -1.770  7.902   12.852  1.00 20.64 ?  103 PHE A O   1 
ATOM   51   C  CB  . PHE A 1 9  ? -3.260  5.700   11.175  1.00 17.65 ?  103 PHE A CB  1 
ATOM   52   C  CG  . PHE A 1 9  ? -3.533  4.350   10.582  1.00 16.69 ?  103 PHE A CG  1 
ATOM   53   C  CD1 . PHE A 1 9  ? -3.130  4.072   9.284   1.00 17.76 ?  103 PHE A CD1 1 
ATOM   54   C  CD2 . PHE A 1 9  ? -4.140  3.350   11.331  1.00 17.49 ?  103 PHE A CD2 1 
ATOM   55   C  CE1 . PHE A 1 9  ? -3.349  2.826   8.724   1.00 17.74 ?  103 PHE A CE1 1 
ATOM   56   C  CE2 . PHE A 1 9  ? -4.359  2.087   10.780  1.00 16.08 ?  103 PHE A CE2 1 
ATOM   57   C  CZ  . PHE A 1 9  ? -3.952  1.826   9.473   1.00 16.88 ?  103 PHE A CZ  1 
ATOM   58   N  N   . LYS A 1 10 ? -1.116  8.153   10.706  1.00 21.09 ?  104 LYS A N   1 
ATOM   59   C  CA  . LYS A 1 10 ? -1.013  9.603   10.744  1.00 22.61 ?  104 LYS A CA  1 
ATOM   60   C  C   . LYS A 1 10 ? -2.253  10.215  10.105  1.00 23.02 ?  104 LYS A C   1 
ATOM   61   O  O   . LYS A 1 10 ? -2.957  9.571   9.320   1.00 21.63 ?  104 LYS A O   1 
ATOM   62   C  CB  . LYS A 1 10 ? 0.238   10.081  9.997   1.00 24.17 ?  104 LYS A CB  1 
ATOM   63   C  CG  . LYS A 1 10 ? 1.529   9.391   10.404  1.00 28.74 ?  104 LYS A CG  1 
ATOM   64   C  CD  . LYS A 1 10 ? 2.732   10.105  9.800   1.00 31.11 ?  104 LYS A CD  1 
ATOM   65   C  CE  . LYS A 1 10 ? 3.969   9.225   9.785   1.00 34.48 ?  104 LYS A CE  1 
ATOM   66   N  NZ  . LYS A 1 10 ? 4.478   8.930   11.154  1.00 36.35 ?  104 LYS A NZ  1 
ATOM   67   N  N   . VAL A 1 11 ? -2.515  11.483  10.450  1.00 23.37 ?  105 VAL A N   1 
ATOM   68   C  CA  . VAL A 1 11 ? -3.684  12.171  9.918   1.00 22.85 ?  105 VAL A CA  1 
ATOM   69   C  C   . VAL A 1 11 ? -3.634  12.162  8.400   1.00 22.90 ?  105 VAL A C   1 
ATOM   70   O  O   . VAL A 1 11 ? -2.590  12.421  7.787   1.00 22.19 ?  105 VAL A O   1 
ATOM   71   C  CB  . VAL A 1 11 ? -3.804  13.593  10.495  1.00 23.92 ?  105 VAL A CB  1 
ATOM   72   C  CG1 . VAL A 1 11 ? -3.796  13.556  12.007  1.00 27.96 ?  105 VAL A CG1 1 
ATOM   73   C  CG2 . VAL A 1 11 ? -2.672  14.482  9.999   1.00 29.00 ?  105 VAL A CG2 1 
ATOM   74   N  N   . GLY A 1 12 ? -4.761  11.831  7.787   1.00 21.83 ?  106 GLY A N   1 
ATOM   75   C  CA  . GLY A 1 12 ? -4.881  11.830  6.351   1.00 20.22 ?  106 GLY A CA  1 
ATOM   76   C  C   . GLY A 1 12 ? -4.640  10.494  5.672   1.00 19.83 ?  106 GLY A C   1 
ATOM   77   O  O   . GLY A 1 12 ? -5.029  10.331  4.512   1.00 21.17 ?  106 GLY A O   1 
ATOM   78   N  N   . GLU A 1 13 ? -4.004  9.536   6.346   1.00 18.74 ?  107 GLU A N   1 
ATOM   79   C  CA  . GLU A 1 13 ? -3.688  8.269   5.700   1.00 18.56 ?  107 GLU A CA  1 
ATOM   80   C  C   . GLU A 1 13 ? -4.942  7.411   5.549   1.00 18.85 ?  107 GLU A C   1 
ATOM   81   O  O   . GLU A 1 13 ? -5.839  7.447   6.403   1.00 17.75 ?  107 GLU A O   1 
ATOM   82   C  CB  . GLU A 1 13 ? -2.650  7.500   6.511   1.00 18.95 ?  107 GLU A CB  1 
ATOM   83   C  CG  . GLU A 1 13 ? -1.258  8.129   6.475   1.00 20.72 ?  107 GLU A CG  1 
ATOM   84   C  CD  . GLU A 1 13 ? -0.235  7.372   7.307   1.00 21.24 ?  107 GLU A CD  1 
ATOM   85   O  OE1 . GLU A 1 13 ? -0.642  6.547   8.149   1.00 21.84 ?  107 GLU A OE1 1 
ATOM   86   O  OE2 . GLU A 1 13 ? 0.983   7.613   7.130   1.00 24.12 -1 107 GLU A OE2 1 
ATOM   87   N  N   . PRO A 1 14 ? -5.037  6.638   4.471   1.00 17.04 ?  108 PRO A N   1 
ATOM   88   C  CA  . PRO A 1 14 ? -6.182  5.743   4.301   1.00 16.59 ?  108 PRO A CA  1 
ATOM   89   C  C   . PRO A 1 14 ? -6.038  4.500   5.164   1.00 16.86 ?  108 PRO A C   1 
ATOM   90   O  O   . PRO A 1 14 ? -4.937  3.985   5.376   1.00 17.18 ?  108 PRO A O   1 
ATOM   91   C  CB  . PRO A 1 14 ? -6.122  5.385   2.811   1.00 17.84 ?  108 PRO A CB  1 
ATOM   92   C  CG  . PRO A 1 14 ? -4.674  5.423   2.498   1.00 18.99 ?  108 PRO A CG  1 
ATOM   93   C  CD  . PRO A 1 14 ? -4.134  6.593   3.301   1.00 17.86 ?  108 PRO A CD  1 
ATOM   94   N  N   . THR A 1 15 ? -7.165  4.024   5.667   1.00 15.99 ?  109 THR A N   1 
ATOM   95   C  CA  . THR A 1 15 ? -7.239  2.758   6.383   1.00 15.72 ?  109 THR A CA  1 
ATOM   96   C  C   . THR A 1 15 ? -8.263  1.898   5.665   1.00 15.10 ?  109 THR A C   1 
ATOM   97   O  O   . THR A 1 15 ? -9.206  2.425   5.063   1.00 17.00 ?  109 THR A O   1 
ATOM   98   C  CB  . THR A 1 15 ? -7.662  2.943   7.857   1.00 14.64 ?  109 THR A CB  1 
ATOM   99   O  OG1 . THR A 1 15 ? -9.065  3.241   7.918   1.00 15.87 ?  109 THR A OG1 1 
ATOM   100  C  CG2 . THR A 1 15 ? -6.857  4.049   8.544   1.00 15.93 ?  109 THR A CG2 1 
ATOM   101  N  N   . TYR A 1 16 ? -8.085  0.574   5.712   1.00 16.17 ?  110 TYR A N   1 
ATOM   102  C  CA  . TYR A 1 16 ? -8.912  -0.344  4.929   1.00 15.74 ?  110 TYR A CA  1 
ATOM   103  C  C   . TYR A 1 16 ? -9.458  -1.451  5.813   1.00 16.42 ?  110 TYR A C   1 
ATOM   104  O  O   . TYR A 1 16 ? -8.684  -2.208  6.410   1.00 17.38 ?  110 TYR A O   1 
ATOM   105  C  CB  . TYR A 1 16 ? -8.108  -0.965  3.775   1.00 16.27 ?  110 TYR A CB  1 
ATOM   106  C  CG  . TYR A 1 16 ? -7.635  0.058   2.784   1.00 16.13 ?  110 TYR A CG  1 
ATOM   107  C  CD1 . TYR A 1 16 ? -6.461  0.765   3.007   1.00 16.52 ?  110 TYR A CD1 1 
ATOM   108  C  CD2 . TYR A 1 16 ? -8.390  0.364   1.655   1.00 17.82 ?  110 TYR A CD2 1 
ATOM   109  C  CE1 . TYR A 1 16 ? -6.033  1.727   2.124   1.00 18.17 ?  110 TYR A CE1 1 
ATOM   110  C  CE2 . TYR A 1 16 ? -7.971  1.326   0.765   1.00 18.53 ?  110 TYR A CE2 1 
ATOM   111  C  CZ  . TYR A 1 16 ? -6.794  2.004   1.004   1.00 18.84 ?  110 TYR A CZ  1 
ATOM   112  O  OH  . TYR A 1 16 ? -6.364  2.974   0.118   1.00 22.84 ?  110 TYR A OH  1 
ATOM   113  N  N   . SER A 1 17 ? -10.780 -1.577  5.855   1.00 17.39 ?  111 SER A N   1 
ATOM   114  C  CA  . SER A 1 17 ? -11.449 -2.618  6.626   1.00 17.52 ?  111 SER A CA  1 
ATOM   115  C  C   . SER A 1 17 ? -12.185 -3.534  5.660   1.00 19.44 ?  111 SER A C   1 
ATOM   116  O  O   . SER A 1 17 ? -13.155 -3.117  5.020   1.00 21.62 ?  111 SER A O   1 
ATOM   117  C  CB  . SER A 1 17 ? -12.425 -2.006  7.629   1.00 17.35 ?  111 SER A CB  1 
ATOM   118  O  OG  . SER A 1 17 ? -12.951 -3.014  8.472   1.00 17.67 ?  111 SER A OG  1 
ATOM   119  N  N   . CYS A 1 18 ? -11.735 -4.780  5.555   1.00 18.21 ?  112 CYS A N   1 
ATOM   120  C  CA  . CYS A 1 18 ? -12.428 -5.750  4.719   1.00 20.84 ?  112 CYS A CA  1 
ATOM   121  C  C   . CYS A 1 18 ? -13.807 -6.036  5.293   1.00 20.00 ?  112 CYS A C   1 
ATOM   122  O  O   . CYS A 1 18 ? -13.930 -6.477  6.439   1.00 21.54 ?  112 CYS A O   1 
ATOM   123  C  CB  . CYS A 1 18 ? -11.634 -7.044  4.642   1.00 20.30 ?  112 CYS A CB  1 
ATOM   124  S  SG  . CYS A 1 18 ? -12.435 -8.162  3.486   1.00 21.80 ?  112 CYS A SG  1 
ATOM   125  N  N   . ARG A 1 19 ? -14.848 -5.810  4.488   1.00 22.51 ?  113 ARG A N   1 
ATOM   126  C  CA  . ARG A 1 19 ? -16.197 -6.080  4.970   1.00 24.37 ?  113 ARG A CA  1 
ATOM   127  C  C   . ARG A 1 19 ? -16.446 -7.575  5.131   1.00 24.70 ?  113 ARG A C   1 
ATOM   128  O  O   . ARG A 1 19 ? -17.264 -7.974  5.966   1.00 27.51 ?  113 ARG A O   1 
ATOM   129  C  CB  . ARG A 1 19 ? -17.229 -5.464  4.028   1.00 27.09 ?  113 ARG A CB  1 
ATOM   130  C  CG  . ARG A 1 19 ? -17.149 -3.954  3.950   1.00 26.30 ?  113 ARG A CG  1 
ATOM   131  C  CD  . ARG A 1 19 ? -18.117 -3.400  2.919   1.00 28.21 ?  113 ARG A CD  1 
ATOM   132  N  NE  . ARG A 1 19 ? -18.033 -1.947  2.835   1.00 26.99 ?  113 ARG A NE  1 
ATOM   133  C  CZ  . ARG A 1 19 ? -18.714 -1.109  3.603   1.00 28.38 ?  113 ARG A CZ  1 
ATOM   134  N  NH1 . ARG A 1 19 ? -19.533 -1.546  4.545   1.00 27.09 ?  113 ARG A NH1 1 
ATOM   135  N  NH2 . ARG A 1 19 ? -18.581 0.201   3.411   1.00 28.19 ?  113 ARG A NH2 1 
ATOM   136  N  N   . ASP A 1 20 ? -15.747 -8.406  4.356   1.00 24.69 ?  114 ASP A N   1 
ATOM   137  C  CA  . ASP A 1 20 ? -15.967 -9.846  4.394   1.00 26.51 ?  114 ASP A CA  1 
ATOM   138  C  C   . ASP A 1 20 ? -15.222 -10.518 5.539   1.00 24.87 ?  114 ASP A C   1 
ATOM   139  O  O   . ASP A 1 20 ? -15.658 -11.571 6.020   1.00 27.32 ?  114 ASP A O   1 
ATOM   140  C  CB  . ASP A 1 20 ? -15.542 -10.471 3.065   1.00 27.48 ?  114 ASP A CB  1 
ATOM   141  C  CG  . ASP A 1 20 ? -16.383 -9.991  1.900   1.00 30.37 ?  114 ASP A CG  1 
ATOM   142  O  OD1 . ASP A 1 20 ? -17.622 -9.949  2.044   1.00 33.71 ?  114 ASP A OD1 1 
ATOM   143  O  OD2 . ASP A 1 20 ? -15.804 -9.643  0.849   1.00 30.04 -1 114 ASP A OD2 1 
ATOM   144  N  N   . CYS A 1 21 ? -14.114 -9.933  5.996   1.00 21.10 ?  115 CYS A N   1 
ATOM   145  C  CA  . CYS A 1 21 ? -13.219 -10.615 6.916   1.00 21.24 ?  115 CYS A CA  1 
ATOM   146  C  C   . CYS A 1 21 ? -13.012 -9.910  8.248   1.00 20.29 ?  115 CYS A C   1 
ATOM   147  O  O   . CYS A 1 21 ? -12.591 -10.569 9.202   1.00 20.19 ?  115 CYS A O   1 
ATOM   148  C  CB  . CYS A 1 21 ? -11.852 -10.869 6.260   1.00 19.68 ?  115 CYS A CB  1 
ATOM   149  S  SG  . CYS A 1 21 ? -11.947 -11.785 4.683   1.00 22.39 ?  115 CYS A SG  1 
ATOM   150  N  N   . ALA A 1 22 ? -13.298 -8.613  8.354   1.00 18.12 ?  116 ALA A N   1 
ATOM   151  C  CA  . ALA A 1 22 ? -13.079 -7.921  9.620   1.00 17.99 ?  116 ALA A CA  1 
ATOM   152  C  C   . ALA A 1 22 ? -13.958 -8.505  10.714  1.00 20.22 ?  116 ALA A C   1 
ATOM   153  O  O   . ALA A 1 22 ? -15.152 -8.736  10.514  1.00 20.40 ?  116 ALA A O   1 
ATOM   154  C  CB  . ALA A 1 22 ? -13.392 -6.432  9.472   1.00 18.31 ?  116 ALA A CB  1 
ATOM   155  N  N   . VAL A 1 23 ? -13.368 -8.736  11.886  1.00 18.98 ?  117 VAL A N   1 
ATOM   156  C  CA  . VAL A 1 23 ? -14.166 -9.223  13.006  1.00 20.09 ?  117 VAL A CA  1 
ATOM   157  C  C   . VAL A 1 23 ? -15.159 -8.155  13.457  1.00 20.28 ?  117 VAL A C   1 
ATOM   158  O  O   . VAL A 1 23 ? -16.299 -8.456  13.837  1.00 22.54 ?  117 VAL A O   1 
ATOM   159  C  CB  . VAL A 1 23 ? -13.250 -9.726  14.139  1.00 19.90 ?  117 VAL A CB  1 
ATOM   160  C  CG1 . VAL A 1 23 ? -14.019 -9.856  15.462  1.00 21.70 ?  117 VAL A CG1 1 
ATOM   161  C  CG2 . VAL A 1 23 ? -12.607 -11.052 13.739  1.00 20.48 ?  117 VAL A CG2 1 
ATOM   162  N  N   . ASP A 1 24 ? -14.749 -6.890  13.427  1.00 18.09 ?  118 ASP A N   1 
ATOM   163  C  CA  . ASP A 1 24 ? -15.645 -5.780  13.721  1.00 19.62 ?  118 ASP A CA  1 
ATOM   164  C  C   . ASP A 1 24 ? -15.178 -4.580  12.911  1.00 18.17 ?  118 ASP A C   1 
ATOM   165  O  O   . ASP A 1 24 ? -14.089 -4.608  12.320  1.00 17.45 ?  118 ASP A O   1 
ATOM   166  C  CB  . ASP A 1 24 ? -15.718 -5.491  15.232  1.00 18.04 ?  118 ASP A CB  1 
ATOM   167  C  CG  . ASP A 1 24 ? -14.433 -4.954  15.805  1.00 20.25 ?  118 ASP A CG  1 
ATOM   168  O  OD1 . ASP A 1 24 ? -13.863 -3.993  15.253  1.00 19.94 ?  118 ASP A OD1 1 
ATOM   169  O  OD2 . ASP A 1 24 ? -14.016 -5.475  16.857  1.00 22.96 -1 118 ASP A OD2 1 
ATOM   170  N  N   . PRO A 1 25 ? -15.998 -3.523  12.824  1.00 18.24 ?  119 PRO A N   1 
ATOM   171  C  CA  . PRO A 1 25 ? -15.657 -2.390  11.935  1.00 18.80 ?  119 PRO A CA  1 
ATOM   172  C  C   . PRO A 1 25 ? -14.396 -1.636  12.302  1.00 17.25 ?  119 PRO A C   1 
ATOM   173  O  O   . PRO A 1 25 ? -13.923 -0.843  11.472  1.00 17.91 ?  119 PRO A O   1 
ATOM   174  C  CB  . PRO A 1 25 ? -16.887 -1.475  12.019  1.00 19.65 ?  119 PRO A CB  1 
ATOM   175  C  CG  . PRO A 1 25 ? -17.994 -2.359  12.461  1.00 23.50 ?  119 PRO A CG  1 
ATOM   176  C  CD  . PRO A 1 25 ? -17.374 -3.394  13.352  1.00 20.84 ?  119 PRO A CD  1 
ATOM   177  N  N   . THR A 1 26 ? -13.845 -1.823  13.500  1.00 16.85 ?  120 THR A N   1 
ATOM   178  C  CA  . THR A 1 26 ? -12.614 -1.139  13.869  1.00 17.93 ?  120 THR A CA  1 
ATOM   179  C  C   . THR A 1 26 ? -11.370 -1.853  13.358  1.00 15.49 ?  120 THR A C   1 
ATOM   180  O  O   . THR A 1 26 ? -10.274 -1.303  13.486  1.00 15.43 ?  120 THR A O   1 
ATOM   181  C  CB  . THR A 1 26 ? -12.509 -0.952  15.395  1.00 16.09 ?  120 THR A CB  1 
ATOM   182  O  OG1 . THR A 1 26 ? -12.178 -2.200  16.026  1.00 16.76 ?  120 THR A OG1 1 
ATOM   183  C  CG2 . THR A 1 26 ? -13.821 -0.403  15.987  1.00 18.30 ?  120 THR A CG2 1 
ATOM   184  N  N   . CYS A 1 27 ? -11.508 -3.057  12.811  1.00 14.75 ?  121 CYS A N   1 
ATOM   185  C  CA  . CYS A 1 27 ? -10.354 -3.811  12.326  1.00 14.90 ?  121 CYS A CA  1 
ATOM   186  C  C   . CYS A 1 27 ? -9.924  -3.234  10.982  1.00 15.37 ?  121 CYS A C   1 
ATOM   187  O  O   . CYS A 1 27 ? -10.726 -3.186  10.035  1.00 16.07 ?  121 CYS A O   1 
ATOM   188  C  CB  . CYS A 1 27 ? -10.717 -5.288  12.200  1.00 15.61 ?  121 CYS A CB  1 
ATOM   189  S  SG  . CYS A 1 27 ? -11.136 -6.056  13.787  1.00 16.54 ?  121 CYS A SG  1 
ATOM   190  N  N   . VAL A 1 28 ? -8.655  -2.829  10.878  1.00 14.43 ?  122 VAL A N   1 
ATOM   191  C  CA  . VAL A 1 28 ? -8.165  -2.108  9.706   1.00 15.76 ?  122 VAL A CA  1 
ATOM   192  C  C   . VAL A 1 28 ? -6.761  -2.556  9.339   1.00 13.90 ?  122 VAL A C   1 
ATOM   193  O  O   . VAL A 1 28 ? -5.975  -2.994  10.184  1.00 15.29 ?  122 VAL A O   1 
ATOM   194  C  CB  . VAL A 1 28 ? -8.184  -0.569  9.873   1.00 14.99 ?  122 VAL A CB  1 
ATOM   195  C  CG1 . VAL A 1 28 ? -9.611  -0.063  9.893   1.00 15.88 ?  122 VAL A CG1 1 
ATOM   196  C  CG2 . VAL A 1 28 ? -7.450  -0.178  11.133  1.00 15.44 ?  122 VAL A CG2 1 
ATOM   197  N  N   . LEU A 1 29 ? -6.445  -2.416  8.050   1.00 14.92 ?  123 LEU A N   1 
ATOM   198  C  CA  . LEU A 1 29 ? -5.102  -2.583  7.517   1.00 14.27 ?  123 LEU A CA  1 
ATOM   199  C  C   . LEU A 1 29 ? -4.625  -1.255  6.954   1.00 14.02 ?  123 LEU A C   1 
ATOM   200  O  O   . LEU A 1 29 ? -5.420  -0.480  6.401   1.00 15.55 ?  123 LEU A O   1 
ATOM   201  C  CB  . LEU A 1 29 ? -5.103  -3.606  6.387   1.00 16.09 ?  123 LEU A CB  1 
ATOM   202  C  CG  . LEU A 1 29 ? -5.506  -5.013  6.825   1.00 15.85 ?  123 LEU A CG  1 
ATOM   203  C  CD1 . LEU A 1 29 ? -5.620  -5.909  5.592   1.00 18.24 ?  123 LEU A CD1 1 
ATOM   204  C  CD2 . LEU A 1 29 ? -4.513  -5.580  7.826   1.00 16.82 ?  123 LEU A CD2 1 
ATOM   205  N  N   . CYS A 1 30 ? -3.327  -0.995  7.095   1.00 14.27 ?  124 CYS A N   1 
ATOM   206  C  CA  . CYS A 1 30 ? -2.712  0.130   6.411   1.00 14.98 ?  124 CYS A CA  1 
ATOM   207  C  C   . CYS A 1 30 ? -2.702  -0.142  4.911   1.00 14.60 ?  124 CYS A C   1 
ATOM   208  O  O   . CYS A 1 30 ? -3.007  -1.246  4.449   1.00 14.18 ?  124 CYS A O   1 
ATOM   209  C  CB  . CYS A 1 30 ? -1.297  0.396   6.937   1.00 13.55 ?  124 CYS A CB  1 
ATOM   210  S  SG  . CYS A 1 30 ? -0.029  -0.825  6.493   1.00 14.14 ?  124 CYS A SG  1 
ATOM   211  N  N   . MET A 1 31 ? -2.354  0.885   4.137   1.00 14.44 ?  125 MET A N   1 
ATOM   212  C  CA  . MET A 1 31 ? -2.430  0.756   2.686   1.00 14.80 ?  125 MET A CA  1 
ATOM   213  C  C   . MET A 1 31 ? -1.495  -0.343  2.183   1.00 15.85 ?  125 MET A C   1 
ATOM   214  O  O   . MET A 1 31 ? -1.890  -1.186  1.370   1.00 15.95 ?  125 MET A O   1 
ATOM   215  C  CB  . MET A 1 31 ? -2.093  2.092   2.041   1.00 17.10 ?  125 MET A CB  1 
ATOM   216  C  CG  . MET A 1 31 ? -2.092  2.052   0.534   1.00 17.24 ?  125 MET A CG  1 
ATOM   217  S  SD  . MET A 1 31 ? -1.884  3.722   -0.130  1.00 18.33 ?  125 MET A SD  1 
ATOM   218  C  CE  . MET A 1 31 ? -1.795  3.378   -1.890  1.00 18.80 ?  125 MET A CE  1 
ATOM   219  N  N   . GLU A 1 32 ? -0.264  -0.378  2.689   1.00 13.92 ?  126 GLU A N   1 
ATOM   220  C  CA  . GLU A 1 32 ? 0.692   -1.374  2.211   1.00 14.87 ?  126 GLU A CA  1 
ATOM   221  C  C   . GLU A 1 32 ? 0.209   -2.789  2.521   1.00 14.98 ?  126 GLU A C   1 
ATOM   222  O  O   . GLU A 1 32 ? 0.304   -3.696  1.681   1.00 15.98 ?  126 GLU A O   1 
ATOM   223  C  CB  . GLU A 1 32 ? 2.064   -1.116  2.845   1.00 17.37 ?  126 GLU A CB  1 
ATOM   224  C  CG  . GLU A 1 32 ? 3.059   -2.242  2.647   1.00 18.28 ?  126 GLU A CG  1 
ATOM   225  C  CD  . GLU A 1 32 ? 4.341   -2.080  3.447   1.00 19.37 ?  126 GLU A CD  1 
ATOM   226  O  OE1 . GLU A 1 32 ? 4.391   -1.319  4.449   1.00 21.68 ?  126 GLU A OE1 1 
ATOM   227  O  OE2 . GLU A 1 32 ? 5.292   -2.786  3.082   1.00 20.67 -1 126 GLU A OE2 1 
ATOM   228  N  N   . CYS A 1 33 ? -0.308  -3.002  3.731   1.00 14.71 ?  127 CYS A N   1 
ATOM   229  C  CA  . CYS A 1 33 ? -0.764  -4.332  4.104   1.00 15.19 ?  127 CYS A CA  1 
ATOM   230  C  C   . CYS A 1 33 ? -2.022  -4.712  3.336   1.00 15.41 ?  127 CYS A C   1 
ATOM   231  O  O   . CYS A 1 33 ? -2.165  -5.856  2.876   1.00 17.25 ?  127 CYS A O   1 
ATOM   232  C  CB  . CYS A 1 33 ? -0.995  -4.392  5.617   1.00 14.58 ?  127 CYS A CB  1 
ATOM   233  S  SG  . CYS A 1 33 ? 0.587   -4.293  6.541   1.00 14.28 ?  127 CYS A SG  1 
ATOM   234  N  N   . PHE A 1 34 ? -2.940  -3.761  3.165   1.00 15.11 ?  128 PHE A N   1 
ATOM   235  C  CA  . PHE A 1 34 ? -4.152  -4.057  2.418   1.00 15.61 ?  128 PHE A CA  1 
ATOM   236  C  C   . PHE A 1 34 ? -3.828  -4.484  0.992   1.00 16.49 ?  128 PHE A C   1 
ATOM   237  O  O   . PHE A 1 34 ? -4.324  -5.508  0.511   1.00 16.92 ?  128 PHE A O   1 
ATOM   238  C  CB  . PHE A 1 34 ? -5.078  -2.851  2.413   1.00 16.01 ?  128 PHE A CB  1 
ATOM   239  C  CG  . PHE A 1 34 ? -6.327  -3.070  1.615   1.00 16.94 ?  128 PHE A CG  1 
ATOM   240  C  CD1 . PHE A 1 34 ? -7.311  -3.914  2.097   1.00 17.94 ?  128 PHE A CD1 1 
ATOM   241  C  CD2 . PHE A 1 34 ? -6.509  -2.454  0.395   1.00 18.20 ?  128 PHE A CD2 1 
ATOM   242  C  CE1 . PHE A 1 34 ? -8.464  -4.129  1.381   1.00 19.26 ?  128 PHE A CE1 1 
ATOM   243  C  CE2 . PHE A 1 34 ? -7.670  -2.666  -0.327  1.00 19.54 ?  128 PHE A CE2 1 
ATOM   244  C  CZ  . PHE A 1 34 ? -8.644  -3.506  0.172   1.00 20.24 ?  128 PHE A CZ  1 
ATOM   245  N  N   . LEU A 1 35 ? -3.001  -3.705  0.296   1.00 16.55 ?  129 LEU A N   1 
ATOM   246  C  CA  . LEU A 1 35 ? -2.727  -3.997  -1.109  1.00 17.26 ?  129 LEU A CA  1 
ATOM   247  C  C   . LEU A 1 35 ? -1.904  -5.264  -1.299  1.00 20.13 ?  129 LEU A C   1 
ATOM   248  O  O   . LEU A 1 35 ? -1.876  -5.804  -2.413  1.00 20.28 ?  129 LEU A O   1 
ATOM   249  C  CB  . LEU A 1 35 ? -2.016  -2.815  -1.762  1.00 18.16 ?  129 LEU A CB  1 
ATOM   250  C  CG  . LEU A 1 35 ? -2.890  -1.563  -1.910  1.00 19.27 ?  129 LEU A CG  1 
ATOM   251  C  CD1 . LEU A 1 35 ? -2.062  -0.412  -2.473  1.00 18.80 ?  129 LEU A CD1 1 
ATOM   252  C  CD2 . LEU A 1 35 ? -4.143  -1.794  -2.753  1.00 23.35 ?  129 LEU A CD2 1 
ATOM   253  N  N   . GLY A 1 36 ? -1.234  -5.742  -0.254  1.00 17.23 ?  130 GLY A N   1 
ATOM   254  C  CA  . GLY A 1 36 ? -0.497  -6.986  -0.323  1.00 20.93 ?  130 GLY A CA  1 
ATOM   255  C  C   . GLY A 1 36 ? -1.203  -8.155  0.333   1.00 18.70 ?  130 GLY A C   1 
ATOM   256  O  O   . GLY A 1 36 ? -0.579  -9.180  0.622   1.00 20.58 ?  130 GLY A O   1 
ATOM   257  N  N   . SER A 1 37 ? -2.501  -8.008  0.582   1.00 18.69 ?  131 SER A N   1 
ATOM   258  C  CA  . SER A 1 37 ? -3.301  -9.028  1.244   1.00 20.15 ?  131 SER A CA  1 
ATOM   259  C  C   . SER A 1 37 ? -4.356  -9.585  0.295   1.00 22.24 ?  131 SER A C   1 
ATOM   260  O  O   . SER A 1 37 ? -4.628  -9.031  -0.770  1.00 21.81 ?  131 SER A O   1 
ATOM   261  C  CB  . SER A 1 37 ? -3.999  -8.464  2.489   1.00 19.63 ?  131 SER A CB  1 
ATOM   262  O  OG  . SER A 1 37 ? -5.109  -7.655  2.128   1.00 18.34 ?  131 SER A OG  1 
ATOM   263  N  N   . ILE A 1 38 ? -4.975  -10.692 0.715   1.00 22.47 ?  132 ILE A N   1 
ATOM   264  C  CA  . ILE A 1 38 ? -6.085  -11.259 -0.046  1.00 22.72 ?  132 ILE A CA  1 
ATOM   265  C  C   . ILE A 1 38 ? -7.275  -10.313 -0.099  1.00 22.77 ?  132 ILE A C   1 
ATOM   266  O  O   . ILE A 1 38 ? -8.131  -10.444 -0.981  1.00 23.08 ?  132 ILE A O   1 
ATOM   267  C  CB  . ILE A 1 38 ? -6.509  -12.632 0.526   1.00 23.74 ?  132 ILE A CB  1 
ATOM   268  C  CG1 . ILE A 1 38 ? -7.122  -12.453 1.922   1.00 23.73 ?  132 ILE A CG1 1 
ATOM   269  C  CG2 . ILE A 1 38 ? -5.339  -13.614 0.526   1.00 25.21 ?  132 ILE A CG2 1 
ATOM   270  C  CD1 . ILE A 1 38 ? -7.879  -13.670 2.438   1.00 26.80 ?  132 ILE A CD1 1 
ATOM   271  N  N   . HIS A 1 39 ? -7.354  -9.350  0.825   1.00 20.91 ?  133 HIS A N   1 
ATOM   272  C  CA  . HIS A 1 39 ? -8.551  -8.527  0.958   1.00 20.36 ?  133 HIS A CA  1 
ATOM   273  C  C   . HIS A 1 39 ? -8.662  -7.457  -0.110  1.00 22.52 ?  133 HIS A C   1 
ATOM   274  O  O   . HIS A 1 39 ? -9.733  -6.862  -0.254  1.00 20.83 ?  133 HIS A O   1 
ATOM   275  C  CB  . HIS A 1 39 ? -8.613  -7.897  2.355   1.00 21.10 ?  133 HIS A CB  1 
ATOM   276  C  CG  . HIS A 1 39 ? -8.348  -8.879  3.448   1.00 20.42 ?  133 HIS A CG  1 
ATOM   277  N  ND1 . HIS A 1 39 ? -9.248  -9.859  3.807   1.00 20.03 ?  133 HIS A ND1 1 
ATOM   278  C  CD2 . HIS A 1 39 ? -7.252  -9.071  4.216   1.00 19.99 ?  133 HIS A CD2 1 
ATOM   279  C  CE1 . HIS A 1 39 ? -8.727  -10.597 4.771   1.00 21.19 ?  133 HIS A CE1 1 
ATOM   280  N  NE2 . HIS A 1 39 ? -7.512  -10.146 5.030   1.00 19.79 ?  133 HIS A NE2 1 
ATOM   281  N  N   . ARG A 1 40 ? -7.586  -7.198  -0.853  1.00 21.97 ?  134 ARG A N   1 
ATOM   282  C  CA  . ARG A 1 40 ? -7.660  -6.257  -1.962  1.00 22.82 ?  134 ARG A CA  1 
ATOM   283  C  C   . ARG A 1 40 ? -8.696  -6.673  -2.998  1.00 23.87 ?  134 ARG A C   1 
ATOM   284  O  O   . ARG A 1 40 ? -9.178  -5.822  -3.750  1.00 26.27 ?  134 ARG A O   1 
ATOM   285  C  CB  . ARG A 1 40 ? -6.282  -6.103  -2.597  1.00 22.79 ?  134 ARG A CB  1 
ATOM   286  C  CG  . ARG A 1 40 ? -5.846  -7.295  -3.413  1.00 25.75 ?  134 ARG A CG  1 
ATOM   287  C  CD  . ARG A 1 40 ? -4.738  -6.895  -4.364  1.00 28.83 ?  134 ARG A CD  1 
ATOM   288  N  NE  . ARG A 1 40 ? -5.217  -5.876  -5.294  1.00 31.54 ?  134 ARG A NE  1 
ATOM   289  C  CZ  . ARG A 1 40 ? -4.689  -4.666  -5.428  1.00 32.03 ?  134 ARG A CZ  1 
ATOM   290  N  NH1 . ARG A 1 40 ? -3.605  -4.306  -4.758  1.00 26.69 ?  134 ARG A NH1 1 
ATOM   291  N  NH2 . ARG A 1 40 ? -5.247  -3.803  -6.275  1.00 30.79 ?  134 ARG A NH2 1 
ATOM   292  N  N   . ASP A 1 41 ? -9.056  -7.957  -3.042  1.00 23.64 ?  135 ASP A N   1 
ATOM   293  C  CA  . ASP A 1 41 ? -10.068 -8.464  -3.959  1.00 25.49 ?  135 ASP A CA  1 
ATOM   294  C  C   . ASP A 1 41 ? -11.428 -8.641  -3.302  1.00 25.84 ?  135 ASP A C   1 
ATOM   295  O  O   . ASP A 1 41 ? -12.350 -9.139  -3.954  1.00 27.29 ?  135 ASP A O   1 
ATOM   296  C  CB  . ASP A 1 41 ? -9.615  -9.800  -4.551  1.00 26.64 ?  135 ASP A CB  1 
ATOM   297  C  CG  . ASP A 1 41 ? -8.374  -9.669  -5.395  1.00 29.10 ?  135 ASP A CG  1 
ATOM   298  O  OD1 . ASP A 1 41 ? -8.271  -8.687  -6.158  1.00 29.12 ?  135 ASP A OD1 1 
ATOM   299  O  OD2 . ASP A 1 41 ? -7.498  -10.549 -5.292  1.00 32.57 ?  135 ASP A OD2 1 
ATOM   300  N  N   . HIS A 1 42 ? -11.570 -8.263  -2.036  1.00 24.04 ?  136 HIS A N   1 
ATOM   301  C  CA  . HIS A 1 42 ? -12.807 -8.397  -1.284  1.00 23.58 ?  136 HIS A CA  1 
ATOM   302  C  C   . HIS A 1 42 ? -13.537 -7.059  -1.215  1.00 24.10 ?  136 HIS A C   1 
ATOM   303  O  O   . HIS A 1 42 ? -13.042 -6.019  -1.656  1.00 23.80 ?  136 HIS A O   1 
ATOM   304  C  CB  . HIS A 1 42 ? -12.521 -8.905  0.137   1.00 22.56 ?  136 HIS A CB  1 
ATOM   305  C  CG  . HIS A 1 42 ? -11.909 -10.272 0.189   1.00 22.87 ?  136 HIS A CG  1 
ATOM   306  N  ND1 . HIS A 1 42 ? -11.419 -10.826 1.356   1.00 20.06 ?  136 HIS A ND1 1 
ATOM   307  C  CD2 . HIS A 1 42 ? -11.713 -11.200 -0.779  1.00 24.65 ?  136 HIS A CD2 1 
ATOM   308  C  CE1 . HIS A 1 42 ? -10.945 -12.033 1.101   1.00 25.54 ?  136 HIS A CE1 1 
ATOM   309  N  NE2 . HIS A 1 42 ? -11.107 -12.283 -0.186  1.00 25.18 ?  136 HIS A NE2 1 
ATOM   310  N  N   . ARG A 1 43 ? -14.742 -7.096  -0.655  1.00 24.65 ?  137 ARG A N   1 
ATOM   311  C  CA  . ARG A 1 43 ? -15.455 -5.861  -0.365  1.00 24.26 ?  137 ARG A CA  1 
ATOM   312  C  C   . ARG A 1 43 ? -14.802 -5.187  0.835   1.00 22.89 ?  137 ARG A C   1 
ATOM   313  O  O   . ARG A 1 43 ? -14.487 -5.841  1.829   1.00 23.76 ?  137 ARG A O   1 
ATOM   314  C  CB  . ARG A 1 43 ? -16.914 -6.162  -0.028  1.00 29.22 ?  137 ARG A CB  1 
ATOM   315  C  CG  . ARG A 1 43 ? -17.710 -6.821  -1.152  1.00 33.15 ?  137 ARG A CG  1 
ATOM   316  C  CD  . ARG A 1 43 ? -18.959 -7.491  -0.594  1.00 35.40 ?  137 ARG A CD  1 
ATOM   317  N  NE  . ARG A 1 43 ? -19.555 -6.700  0.478   1.00 35.50 ?  137 ARG A NE  1 
ATOM   318  C  CZ  . ARG A 1 43 ? -19.889 -7.170  1.672   1.00 34.68 ?  137 ARG A CZ  1 
ATOM   319  N  NH1 . ARG A 1 43 ? -19.639 -8.421  2.018   1.00 36.46 ?  137 ARG A NH1 1 
ATOM   320  N  NH2 . ARG A 1 43 ? -20.479 -6.360  2.547   1.00 32.32 ?  137 ARG A NH2 1 
ATOM   321  N  N   . TYR A 1 44 ? -14.600 -3.876  0.746   1.00 21.00 ?  138 TYR A N   1 
ATOM   322  C  CA  . TYR A 1 44 ? -13.850 -3.180  1.786   1.00 20.55 ?  138 TYR A CA  1 
ATOM   323  C  C   . TYR A 1 44 ? -14.387 -1.770  2.004   1.00 21.18 ?  138 TYR A C   1 
ATOM   324  O  O   . TYR A 1 44 ? -15.082 -1.203  1.159   1.00 19.28 ?  138 TYR A O   1 
ATOM   325  C  CB  . TYR A 1 44 ? -12.350 -3.132  1.456   1.00 19.12 ?  138 TYR A CB  1 
ATOM   326  C  CG  . TYR A 1 44 ? -12.007 -2.268  0.261   1.00 20.56 ?  138 TYR A CG  1 
ATOM   327  C  CD1 . TYR A 1 44 ? -11.735 -0.913  0.409   1.00 20.87 ?  138 TYR A CD1 1 
ATOM   328  C  CD2 . TYR A 1 44 ? -11.945 -2.812  -1.016  1.00 22.07 ?  138 TYR A CD2 1 
ATOM   329  C  CE1 . TYR A 1 44 ? -11.425 -0.121  -0.686  1.00 22.70 ?  138 TYR A CE1 1 
ATOM   330  C  CE2 . TYR A 1 44 ? -11.631 -2.022  -2.118  1.00 22.63 ?  138 TYR A CE2 1 
ATOM   331  C  CZ  . TYR A 1 44 ? -11.373 -0.682  -1.941  1.00 24.51 ?  138 TYR A CZ  1 
ATOM   332  O  OH  . TYR A 1 44 ? -11.054 0.109   -3.020  1.00 29.81 ?  138 TYR A OH  1 
ATOM   333  N  N   . ARG A 1 45 ? -14.033 -1.201  3.156   1.00 18.74 ?  139 ARG A N   1 
ATOM   334  C  CA  . ARG A 1 45 ? -14.357 0.173   3.518   1.00 19.32 ?  139 ARG A CA  1 
ATOM   335  C  C   . ARG A 1 45 ? -13.051 0.935   3.701   1.00 18.72 ?  139 ARG A C   1 
ATOM   336  O  O   . ARG A 1 45 ? -12.244 0.596   4.582   1.00 18.21 ?  139 ARG A O   1 
ATOM   337  C  CB  . ARG A 1 45 ? -15.148 0.219   4.831   1.00 18.50 ?  139 ARG A CB  1 
ATOM   338  C  CG  . ARG A 1 45 ? -15.578 1.625   5.226   1.00 19.31 ?  139 ARG A CG  1 
ATOM   339  C  CD  . ARG A 1 45 ? -15.928 1.692   6.718   1.00 18.23 ?  139 ARG A CD  1 
ATOM   340  N  NE  . ARG A 1 45 ? -14.711 1.666   7.522   1.00 18.41 ?  139 ARG A NE  1 
ATOM   341  C  CZ  . ARG A 1 45 ? -14.543 0.921   8.607   1.00 16.64 ?  139 ARG A CZ  1 
ATOM   342  N  NH1 . ARG A 1 45 ? -15.513 0.149   9.069   1.00 18.81 ?  139 ARG A NH1 1 
ATOM   343  N  NH2 . ARG A 1 45 ? -13.364 0.936   9.229   1.00 16.71 ?  139 ARG A NH2 1 
ATOM   344  N  N   . MET A 1 46 ? -12.829 1.952   2.878   1.00 18.07 ?  140 MET A N   1 
ATOM   345  C  CA  . MET A 1 46 ? -11.710 2.858   3.093   1.00 19.49 ?  140 MET A CA  1 
ATOM   346  C  C   . MET A 1 46 ? -12.187 4.039   3.932   1.00 19.64 ?  140 MET A C   1 
ATOM   347  O  O   . MET A 1 46 ? -13.149 4.727   3.563   1.00 20.48 ?  140 MET A O   1 
ATOM   348  C  CB  . MET A 1 46 ? -11.143 3.338   1.760   1.00 20.59 ?  140 MET A CB  1 
ATOM   349  C  CG  . MET A 1 46 ? -9.835  4.121   1.873   1.00 20.89 ?  140 MET A CG  1 
ATOM   350  S  SD  . MET A 1 46 ? -9.811  5.719   2.701   1.00 22.68 ?  140 MET A SD  1 
ATOM   351  C  CE  . MET A 1 46 ? -9.508  6.801   1.307   1.00 23.31 ?  140 MET A CE  1 
ATOM   352  N  N   . THR A 1 47 ? -11.518 4.271   5.060   1.00 17.41 ?  141 THR A N   1 
ATOM   353  C  CA  . THR A 1 47 ? -11.803 5.403   5.925   1.00 17.87 ?  141 THR A CA  1 
ATOM   354  C  C   . THR A 1 47 ? -10.508 6.158   6.155   1.00 18.53 ?  141 THR A C   1 
ATOM   355  O  O   . THR A 1 47 ? -9.508  5.573   6.584   1.00 17.48 ?  141 THR A O   1 
ATOM   356  C  CB  . THR A 1 47 ? -12.355 4.946   7.273   1.00 16.62 ?  141 THR A CB  1 
ATOM   357  O  OG1 . THR A 1 47 ? -13.591 4.255   7.088   1.00 18.57 ?  141 THR A OG1 1 
ATOM   358  C  CG2 . THR A 1 47 ? -12.600 6.159   8.180   1.00 17.32 ?  141 THR A CG2 1 
ATOM   359  N  N   . THR A 1 48 ? -10.525 7.452   5.867   1.00 19.39 ?  142 THR A N   1 
ATOM   360  C  CA  . THR A 1 48 ? -9.361  8.285   6.112   1.00 18.65 ?  142 THR A CA  1 
ATOM   361  C  C   . THR A 1 48 ? -9.186  8.483   7.610   1.00 19.36 ?  142 THR A C   1 
ATOM   362  O  O   . THR A 1 48 ? -10.148 8.757   8.335   1.00 19.51 ?  142 THR A O   1 
ATOM   363  C  CB  . THR A 1 48 ? -9.534  9.629   5.403   1.00 19.82 ?  142 THR A CB  1 
ATOM   364  O  OG1 . THR A 1 48 ? -9.611  9.411   3.989   1.00 22.85 ?  142 THR A OG1 1 
ATOM   365  C  CG2 . THR A 1 48 ? -8.383  10.556  5.720   1.00 20.44 ?  142 THR A CG2 1 
ATOM   366  N  N   . SER A 1 49 ? -7.958  8.332   8.083   1.00 17.70 ?  143 SER A N   1 
ATOM   367  C  CA  . SER A 1 49 ? -7.676  8.482   9.496   1.00 16.76 ?  143 SER A CA  1 
ATOM   368  C  C   . SER A 1 49 ? -7.632  9.957   9.861   1.00 19.94 ?  143 SER A C   1 
ATOM   369  O  O   . SER A 1 49 ? -7.123  10.785  9.102   1.00 20.94 ?  143 SER A O   1 
ATOM   370  C  CB  . SER A 1 49 ? -6.329  7.848   9.832   1.00 18.30 ?  143 SER A CB  1 
ATOM   371  O  OG  . SER A 1 49 ? -6.061  7.922   11.220  1.00 18.87 ?  143 SER A OG  1 
ATOM   372  N  N   . GLY A 1 50 ? -8.177  10.280  11.030  1.00 19.98 ?  144 GLY A N   1 
ATOM   373  C  CA  . GLY A 1 50 ? -7.926  11.560  11.651  1.00 19.99 ?  144 GLY A CA  1 
ATOM   374  C  C   . GLY A 1 50 ? -6.729  11.553  12.569  1.00 20.91 ?  144 GLY A C   1 
ATOM   375  O  O   . GLY A 1 50 ? -6.521  12.522  13.306  1.00 24.80 ?  144 GLY A O   1 
ATOM   376  N  N   . GLY A 1 51 ? -5.939  10.487  12.547  1.00 21.86 ?  145 GLY A N   1 
ATOM   377  C  CA  . GLY A 1 51 ? -4.752  10.268  13.357  1.00 21.58 ?  145 GLY A CA  1 
ATOM   378  C  C   . GLY A 1 51 ? -5.023  9.275   14.474  1.00 20.78 ?  145 GLY A C   1 
ATOM   379  O  O   . GLY A 1 51 ? -6.118  9.239   15.053  1.00 23.35 ?  145 GLY A O   1 
ATOM   380  N  N   . GLY A 1 52 ? -4.022  8.452   14.779  1.00 19.80 ?  146 GLY A N   1 
ATOM   381  C  CA  . GLY A 1 52 ? -4.169  7.470   15.839  1.00 22.26 ?  146 GLY A CA  1 
ATOM   382  C  C   . GLY A 1 52 ? -4.632  6.120   15.331  1.00 20.57 ?  146 GLY A C   1 
ATOM   383  O  O   . GLY A 1 52 ? -4.881  5.910   14.140  1.00 23.25 ?  146 GLY A O   1 
ATOM   384  N  N   . GLY A 1 53 ? -4.752  5.178   16.263  1.00 18.47 ?  147 GLY A N   1 
ATOM   385  C  CA  . GLY A 1 53 ? -5.017  3.803   15.880  1.00 18.45 ?  147 GLY A CA  1 
ATOM   386  C  C   . GLY A 1 53 ? -3.770  3.163   15.280  1.00 17.37 ?  147 GLY A C   1 
ATOM   387  O  O   . GLY A 1 53 ? -2.697  3.754   15.228  1.00 19.69 ?  147 GLY A O   1 
ATOM   388  N  N   . PHE A 1 54 ? -3.936  1.927   14.820  1.00 14.71 ?  148 PHE A N   1 
ATOM   389  C  CA  . PHE A 1 54 ? -2.809  1.150   14.322  1.00 16.34 ?  148 PHE A CA  1 
ATOM   390  C  C   . PHE A 1 54 ? -3.310  0.068   13.378  1.00 13.75 ?  148 PHE A C   1 
ATOM   391  O  O   . PHE A 1 54 ? -4.459  -0.374  13.452  1.00 13.86 ?  148 PHE A O   1 
ATOM   392  C  CB  . PHE A 1 54 ? -1.979  0.541   15.462  1.00 16.29 ?  148 PHE A CB  1 
ATOM   393  C  CG  . PHE A 1 54 ? -2.788  -0.267  16.447  1.00 16.13 ?  148 PHE A CG  1 
ATOM   394  C  CD1 . PHE A 1 54 ? -3.394  0.336   17.545  1.00 16.55 ?  148 PHE A CD1 1 
ATOM   395  C  CD2 . PHE A 1 54 ? -2.968  -1.623  16.268  1.00 14.63 ?  148 PHE A CD2 1 
ATOM   396  C  CE1 . PHE A 1 54 ? -4.144  -0.436  18.456  1.00 16.73 ?  148 PHE A CE1 1 
ATOM   397  C  CE2 . PHE A 1 54 ? -3.709  -2.379  17.174  1.00 15.55 ?  148 PHE A CE2 1 
ATOM   398  C  CZ  . PHE A 1 54 ? -4.293  -1.781  18.260  1.00 16.08 ?  148 PHE A CZ  1 
ATOM   399  N  N   . CYS A 1 55 ? -2.406  -0.372  12.506  1.00 13.94 ?  149 CYS A N   1 
ATOM   400  C  CA  . CYS A 1 55 ? -2.706  -1.454  11.585  1.00 15.30 ?  149 CYS A CA  1 
ATOM   401  C  C   . CYS A 1 55 ? -2.827  -2.783  12.319  1.00 14.46 ?  149 CYS A C   1 
ATOM   402  O  O   . CYS A 1 55 ? -2.016  -3.103  13.196  1.00 14.44 ?  149 CYS A O   1 
ATOM   403  C  CB  . CYS A 1 55 ? -1.558  -1.553  10.594  1.00 14.62 ?  149 CYS A CB  1 
ATOM   404  S  SG  . CYS A 1 55 ? -1.742  -2.843  9.338   1.00 14.30 ?  149 CYS A SG  1 
ATOM   405  N  N   . ASP A 1 56 ? -3.808  -3.582  11.904  1.00 14.42 ?  150 ASP A N   1 
ATOM   406  C  CA  . ASP A 1 56 ? -4.093  -4.873  12.523  1.00 15.00 ?  150 ASP A CA  1 
ATOM   407  C  C   . ASP A 1 56 ? -3.546  -6.063  11.741  1.00 15.11 ?  150 ASP A C   1 
ATOM   408  O  O   . ASP A 1 56 ? -3.961  -7.208  11.990  1.00 14.22 ?  150 ASP A O   1 
ATOM   409  C  CB  . ASP A 1 56 ? -5.596  -5.040  12.740  1.00 13.65 ?  150 ASP A CB  1 
ATOM   410  C  CG  . ASP A 1 56 ? -6.169  -3.999  13.683  1.00 14.04 ?  150 ASP A CG  1 
ATOM   411  O  OD1 . ASP A 1 56 ? -5.655  -3.867  14.811  1.00 14.68 ?  150 ASP A OD1 1 
ATOM   412  O  OD2 . ASP A 1 56 ? -7.150  -3.337  13.296  1.00 14.56 -1 150 ASP A OD2 1 
ATOM   413  N  N   . CYS A 1 57 ? -2.648  -5.820  10.794  1.00 13.90 ?  151 CYS A N   1 
ATOM   414  C  CA  . CYS A 1 57 ? -2.060  -6.925  10.048  1.00 15.04 ?  151 CYS A CA  1 
ATOM   415  C  C   . CYS A 1 57 ? -1.396  -7.900  11.005  1.00 14.79 ?  151 CYS A C   1 
ATOM   416  O  O   . CYS A 1 57 ? -0.632  -7.490  11.882  1.00 15.76 ?  151 CYS A O   1 
ATOM   417  C  CB  . CYS A 1 57 ? -1.014  -6.393  9.088   1.00 14.04 ?  151 CYS A CB  1 
ATOM   418  S  SG  . CYS A 1 57 ? -0.251  -7.707  8.083   1.00 17.57 ?  151 CYS A SG  1 
ATOM   419  N  N   . GLY A 1 58 ? -1.719  -9.182  10.864  1.00 16.30 ?  152 GLY A N   1 
ATOM   420  C  CA  . GLY A 1 58 ? -1.097  -10.189 11.691  1.00 17.85 ?  152 GLY A CA  1 
ATOM   421  C  C   . GLY A 1 58 ? -1.755  -10.405 13.036  1.00 17.71 ?  152 GLY A C   1 
ATOM   422  O  O   . GLY A 1 58 ? -1.249  -11.210 13.827  1.00 19.98 ?  152 GLY A O   1 
ATOM   423  N  N   . ASP A 1 59 ? -2.851  -9.721  13.338  1.00 17.09 ?  153 ASP A N   1 
ATOM   424  C  CA  . ASP A 1 59 ? -3.599  -10.003 14.560  1.00 16.29 ?  153 ASP A CA  1 
ATOM   425  C  C   . ASP A 1 59 ? -4.691  -10.994 14.184  1.00 17.31 ?  153 ASP A C   1 
ATOM   426  O  O   . ASP A 1 59 ? -5.695  -10.630 13.569  1.00 16.70 ?  153 ASP A O   1 
ATOM   427  C  CB  . ASP A 1 59 ? -4.180  -8.729  15.158  1.00 16.63 ?  153 ASP A CB  1 
ATOM   428  C  CG  . ASP A 1 59 ? -4.807  -8.961  16.519  1.00 18.54 ?  153 ASP A CG  1 
ATOM   429  O  OD1 . ASP A 1 59 ? -4.897  -10.131 16.946  1.00 18.46 ?  153 ASP A OD1 1 
ATOM   430  O  OD2 . ASP A 1 59 ? -5.237  -7.974  17.144  1.00 18.26 -1 153 ASP A OD2 1 
ATOM   431  N  N   . THR A 1 60 ? -4.494  -12.264 14.534  1.00 17.71 ?  154 THR A N   1 
ATOM   432  C  CA  . THR A 1 60 ? -5.493  -13.266 14.191  1.00 19.11 ?  154 THR A CA  1 
ATOM   433  C  C   . THR A 1 60 ? -6.840  -12.996 14.849  1.00 20.05 ?  154 THR A C   1 
ATOM   434  O  O   . THR A 1 60 ? -7.864  -13.497 14.370  1.00 22.55 ?  154 THR A O   1 
ATOM   435  C  CB  . THR A 1 60 ? -4.972  -14.680 14.485  1.00 23.28 ?  154 THR A CB  1 
ATOM   436  O  OG1 . THR A 1 60 ? -4.658  -14.807 15.877  1.00 25.53 ?  154 THR A OG1 1 
ATOM   437  C  CG2 . THR A 1 60 ? -3.731  -14.975 13.654  1.00 25.22 ?  154 THR A CG2 1 
ATOM   438  N  N   . GLU A 1 61 ? -6.881  -12.188 15.911  1.00 18.17 ?  155 GLU A N   1 
ATOM   439  C  CA  . GLU A 1 61 ? -8.148  -11.830 16.536  1.00 20.14 ?  155 GLU A CA  1 
ATOM   440  C  C   . GLU A 1 61 ? -8.947  -10.819 15.730  1.00 19.99 ?  155 GLU A C   1 
ATOM   441  O  O   . GLU A 1 61 ? -10.137 -10.626 16.010  1.00 21.57 ?  155 GLU A O   1 
ATOM   442  C  CB  . GLU A 1 61 ? -7.901  -11.244 17.921  1.00 23.00 ?  155 GLU A CB  1 
ATOM   443  C  CG  . GLU A 1 61 ? -7.409  -12.271 18.909  1.00 25.05 ?  155 GLU A CG  1 
ATOM   444  C  CD  . GLU A 1 61 ? -8.479  -13.265 19.269  1.00 30.70 ?  155 GLU A CD  1 
ATOM   445  O  OE1 . GLU A 1 61 ? -9.505  -12.849 19.853  1.00 32.62 ?  155 GLU A OE1 1 
ATOM   446  O  OE2 . GLU A 1 61 ? -8.295  -14.461 18.951  1.00 35.21 -1 155 GLU A OE2 1 
ATOM   447  N  N   . ALA A 1 62 ? -8.329  -10.162 14.749  1.00 17.51 ?  156 ALA A N   1 
ATOM   448  C  CA  . ALA A 1 62 ? -8.997  -9.109  14.003  1.00 17.75 ?  156 ALA A CA  1 
ATOM   449  C  C   . ALA A 1 62 ? -9.620  -9.584  12.702  1.00 18.45 ?  156 ALA A C   1 
ATOM   450  O  O   . ALA A 1 62 ? -10.382 -8.824  12.100  1.00 17.21 ?  156 ALA A O   1 
ATOM   451  C  CB  . ALA A 1 62 ? -8.012  -7.979  13.686  1.00 17.22 ?  156 ALA A CB  1 
ATOM   452  N  N   . TRP A 1 63 ? -9.300  -10.794 12.241  1.00 17.00 ?  157 TRP A N   1 
ATOM   453  C  CA  . TRP A 1 63 ? -9.640  -11.205 10.883  1.00 17.83 ?  157 TRP A CA  1 
ATOM   454  C  C   . TRP A 1 63 ? -10.196 -12.620 10.884  1.00 19.49 ?  157 TRP A C   1 
ATOM   455  O  O   . TRP A 1 63 ? -9.627  -13.515 11.517  1.00 21.14 ?  157 TRP A O   1 
ATOM   456  C  CB  . TRP A 1 63 ? -8.402  -11.137 9.964   1.00 18.07 ?  157 TRP A CB  1 
ATOM   457  C  CG  . TRP A 1 63 ? -7.775  -9.783  10.019  1.00 17.38 ?  157 TRP A CG  1 
ATOM   458  C  CD1 . TRP A 1 63 ? -6.613  -9.438  10.640  1.00 16.16 ?  157 TRP A CD1 1 
ATOM   459  C  CD2 . TRP A 1 63 ? -8.319  -8.575  9.480   1.00 16.26 ?  157 TRP A CD2 1 
ATOM   460  N  NE1 . TRP A 1 63 ? -6.389  -8.084  10.521  1.00 15.54 ?  157 TRP A NE1 1 
ATOM   461  C  CE2 . TRP A 1 63 ? -7.427  -7.532  9.810   1.00 15.57 ?  157 TRP A CE2 1 
ATOM   462  C  CE3 . TRP A 1 63 ? -9.471  -8.277  8.745   1.00 16.63 ?  157 TRP A CE3 1 
ATOM   463  C  CZ2 . TRP A 1 63 ? -7.654  -6.209  9.429   1.00 16.45 ?  157 TRP A CZ2 1 
ATOM   464  C  CZ3 . TRP A 1 63 ? -9.693  -6.976  8.371   1.00 16.28 ?  157 TRP A CZ3 1 
ATOM   465  C  CH2 . TRP A 1 63 ? -8.797  -5.952  8.723   1.00 16.60 ?  157 TRP A CH2 1 
ATOM   466  N  N   . LYS A 1 64 ? -11.292 -12.820 10.146  1.00 19.70 ?  158 LYS A N   1 
ATOM   467  C  CA  . LYS A 1 64 ? -11.875 -14.154 10.000  1.00 21.42 ?  158 LYS A CA  1 
ATOM   468  C  C   . LYS A 1 64 ? -11.049 -15.021 9.066   1.00 23.20 ?  158 LYS A C   1 
ATOM   469  O  O   . LYS A 1 64 ? -11.084 -16.253 9.174   1.00 26.25 ?  158 LYS A O   1 
ATOM   470  C  CB  . LYS A 1 64 ? -13.307 -14.051 9.473   1.00 22.64 ?  158 LYS A CB  1 
ATOM   471  C  CG  . LYS A 1 64 ? -14.226 -13.224 10.340  1.00 23.62 ?  158 LYS A CG  1 
ATOM   472  C  CD  . LYS A 1 64 ? -15.681 -13.336 9.901   1.00 28.45 ?  158 LYS A CD  1 
ATOM   473  C  CE  . LYS A 1 64 ? -16.444 -12.062 10.236  1.00 29.70 ?  158 LYS A CE  1 
ATOM   474  N  NZ  . LYS A 1 64 ? -17.608 -11.846 9.336   1.00 30.99 ?  158 LYS A NZ  1 
ATOM   475  N  N   . GLU A 1 65 ? -10.329 -14.411 8.128   1.00 23.82 ?  159 GLU A N   1 
ATOM   476  C  CA  . GLU A 1 65 ? -9.354  -15.122 7.310   1.00 25.98 ?  159 GLU A CA  1 
ATOM   477  C  C   . GLU A 1 65 ? -8.338  -14.122 6.773   1.00 24.69 ?  159 GLU A C   1 
ATOM   478  O  O   . GLU A 1 65 ? -8.548  -12.907 6.824   1.00 22.72 ?  159 GLU A O   1 
ATOM   479  C  CB  . GLU A 1 65 ? -10.008 -15.929 6.181   1.00 31.58 ?  159 GLU A CB  1 
ATOM   480  C  CG  . GLU A 1 65 ? -10.783 -15.110 5.190   1.00 32.29 ?  159 GLU A CG  1 
ATOM   481  C  CD  . GLU A 1 65 ? -11.086 -15.879 3.914   1.00 36.59 ?  159 GLU A CD  1 
ATOM   482  O  OE1 . GLU A 1 65 ? -11.874 -15.373 3.086   1.00 41.23 ?  159 GLU A OE1 1 
ATOM   483  O  OE2 . GLU A 1 65 ? -10.528 -16.980 3.731   1.00 42.94 -1 159 GLU A OE2 1 
ATOM   484  N  N   . GLY A 1 66 ? -7.228  -14.657 6.270   1.00 26.49 ?  160 GLY A N   1 
ATOM   485  C  CA  . GLY A 1 66 ? -6.119  -13.869 5.778   1.00 23.85 ?  160 GLY A CA  1 
ATOM   486  C  C   . GLY A 1 66 ? -5.634  -12.777 6.717   1.00 22.57 ?  160 GLY A C   1 
ATOM   487  O  O   . GLY A 1 66 ? -5.620  -11.596 6.357   1.00 22.15 ?  160 GLY A O   1 
ATOM   488  N  N   . PRO A 1 67 ? -5.218  -13.134 7.933   1.00 20.46 ?  161 PRO A N   1 
ATOM   489  C  CA  . PRO A 1 67 ? -4.761  -12.094 8.867   1.00 19.54 ?  161 PRO A CA  1 
ATOM   490  C  C   . PRO A 1 67 ? -3.457  -11.426 8.465   1.00 18.36 ?  161 PRO A C   1 
ATOM   491  O  O   . PRO A 1 67 ? -3.210  -10.300 8.909   1.00 17.74 ?  161 PRO A O   1 
ATOM   492  C  CB  . PRO A 1 67 ? -4.613  -12.845 10.197  1.00 20.69 ?  161 PRO A CB  1 
ATOM   493  C  CG  . PRO A 1 67 ? -4.379  -14.268 9.784   1.00 22.94 ?  161 PRO A CG  1 
ATOM   494  C  CD  . PRO A 1 67 ? -5.221  -14.470 8.560   1.00 23.05 ?  161 PRO A CD  1 
ATOM   495  N  N   . TYR A 1 68 ? -2.620  -12.069 7.650   1.00 19.02 ?  162 TYR A N   1 
ATOM   496  C  CA  . TYR A 1 68 ? -1.304  -11.559 7.283   1.00 19.39 ?  162 TYR A CA  1 
ATOM   497  C  C   . TYR A 1 68 ? -1.272  -11.188 5.811   1.00 21.12 ?  162 TYR A C   1 
ATOM   498  O  O   . TYR A 1 68 ? -1.783  -11.928 4.963   1.00 21.92 ?  162 TYR A O   1 
ATOM   499  C  CB  . TYR A 1 68 ? -0.245  -12.646 7.467   1.00 20.63 ?  162 TYR A CB  1 
ATOM   500  C  CG  . TYR A 1 68 ? -0.084  -13.142 8.873   1.00 24.40 ?  162 TYR A CG  1 
ATOM   501  C  CD1 . TYR A 1 68 ? 0.710   -12.457 9.777   1.00 22.09 ?  162 TYR A CD1 1 
ATOM   502  C  CD2 . TYR A 1 68 ? -0.755  -14.278 9.311   1.00 27.19 ?  162 TYR A CD2 1 
ATOM   503  C  CE1 . TYR A 1 68 ? 0.866   -12.915 11.079  1.00 23.96 ?  162 TYR A CE1 1 
ATOM   504  C  CE2 . TYR A 1 68 ? -0.613  -14.734 10.613  1.00 28.73 ?  162 TYR A CE2 1 
ATOM   505  C  CZ  . TYR A 1 68 ? 0.194   -14.042 11.486  1.00 28.18 ?  162 TYR A CZ  1 
ATOM   506  O  OH  . TYR A 1 68 ? 0.341   -14.489 12.778  1.00 32.90 ?  162 TYR A OH  1 
ATOM   507  N  N   . CYS A 1 69 ? -0.640  -10.058 5.513   1.00 18.73 ?  163 CYS A N   1 
ATOM   508  C  CA  . CYS A 1 69 ? -0.332  -9.699  4.139   1.00 19.19 ?  163 CYS A CA  1 
ATOM   509  C  C   . CYS A 1 69 ? 0.936   -10.427 3.679   1.00 20.49 ?  163 CYS A C   1 
ATOM   510  O  O   . CYS A 1 69 ? 1.614   -11.111 4.453   1.00 20.70 ?  163 CYS A O   1 
ATOM   511  C  CB  . CYS A 1 69 ? -0.174  -8.188  4.016   1.00 18.65 ?  163 CYS A CB  1 
ATOM   512  S  SG  . CYS A 1 69 ? 1.417   -7.591  4.670   1.00 16.82 ?  163 CYS A SG  1 
ATOM   513  N  N   . GLN A 1 70 ? 1.273   -10.255 2.396   1.00 20.86 ?  164 GLN A N   1 
ATOM   514  C  CA  . GLN A 1 70 ? 2.420   -10.950 1.819   1.00 22.95 ?  164 GLN A CA  1 
ATOM   515  C  C   . GLN A 1 70 ? 3.720   -10.603 2.534   1.00 21.84 ?  164 GLN A C   1 
ATOM   516  O  O   . GLN A 1 70 ? 4.609   -11.455 2.652   1.00 23.67 ?  164 GLN A O   1 
ATOM   517  C  CB  . GLN A 1 70 ? 2.515   -10.631 0.321   1.00 23.50 ?  164 GLN A CB  1 
ATOM   518  C  CG  . GLN A 1 70 ? 2.402   -9.137  -0.029  1.00 26.59 ?  164 GLN A CG  1 
ATOM   519  C  CD  . GLN A 1 70 ? 2.132   -8.869  -1.523  1.00 28.66 ?  164 GLN A CD  1 
ATOM   520  O  OE1 . GLN A 1 70 ? 2.711   -7.957  -2.126  1.00 27.50 ?  164 GLN A OE1 1 
ATOM   521  N  NE2 . GLN A 1 70 ? 1.227   -9.650  -2.110  1.00 32.32 ?  164 GLN A NE2 1 
ATOM   522  N  N   . LYS A 1 71 ? 3.855   -9.371  3.022   1.00 20.43 ?  165 LYS A N   1 
ATOM   523  C  CA  . LYS A 1 71 ? 5.112   -8.985  3.650   1.00 20.20 ?  165 LYS A CA  1 
ATOM   524  C  C   . LYS A 1 71 ? 5.267   -9.571  5.049   1.00 20.73 ?  165 LYS A C   1 
ATOM   525  O  O   . LYS A 1 71 ? 6.381   -9.915  5.458   1.00 21.30 ?  165 LYS A O   1 
ATOM   526  C  CB  . LYS A 1 71 ? 5.212   -7.463  3.718   1.00 20.24 ?  165 LYS A CB  1 
ATOM   527  C  CG  . LYS A 1 71 ? 6.490   -6.969  4.329   1.00 22.15 ?  165 LYS A CG  1 
ATOM   528  C  CD  . LYS A 1 71 ? 6.476   -5.471  4.428   1.00 22.04 ?  165 LYS A CD  1 
ATOM   529  C  CE  . LYS A 1 71 ? 7.833   -4.927  4.795   1.00 26.75 ?  165 LYS A CE  1 
ATOM   530  N  NZ  . LYS A 1 71 ? 7.841   -3.453  4.587   1.00 30.16 ?  165 LYS A NZ  1 
ATOM   531  N  N   . HIS A 1 72 ? 4.174   -9.684  5.800   1.00 20.19 ?  166 HIS A N   1 
ATOM   532  C  CA  . HIS A 1 72 ? 4.281   -9.963  7.220   1.00 19.80 ?  166 HIS A CA  1 
ATOM   533  C  C   . HIS A 1 72 ? 3.974   -11.408 7.573   1.00 22.64 ?  166 HIS A C   1 
ATOM   534  O  O   . HIS A 1 72 ? 4.200   -11.809 8.721   1.00 22.93 ?  166 HIS A O   1 
ATOM   535  C  CB  . HIS A 1 72 ? 3.390   -8.990  7.999   1.00 19.13 ?  166 HIS A CB  1 
ATOM   536  C  CG  . HIS A 1 72 ? 3.876   -7.583  7.920   1.00 17.82 ?  166 HIS A CG  1 
ATOM   537  N  ND1 . HIS A 1 72 ? 3.130   -6.576  7.347   1.00 16.80 ?  166 HIS A ND1 1 
ATOM   538  C  CD2 . HIS A 1 72 ? 5.053   -7.024  8.275   1.00 18.98 ?  166 HIS A CD2 1 
ATOM   539  C  CE1 . HIS A 1 72 ? 3.813   -5.449  7.378   1.00 17.00 ?  166 HIS A CE1 1 
ATOM   540  N  NE2 . HIS A 1 72 ? 4.991   -5.695  7.931   1.00 18.46 ?  166 HIS A NE2 1 
ATOM   541  N  N   . GLU A 1 73 ? 3.508   -12.197 6.611   1.00 23.34 ?  167 GLU A N   1 
ATOM   542  C  CA  . GLU A 1 73 ? 3.266   -13.615 6.838   1.00 23.99 ?  167 GLU A CA  1 
ATOM   543  C  C   . GLU A 1 73 ? 4.568   -14.347 7.173   1.00 27.11 ?  167 GLU A C   1 
ATOM   544  O  O   . GLU A 1 73 ? 4.538   -15.438 7.738   1.00 28.22 ?  167 GLU A O   1 
ATOM   545  C  CB  . GLU A 1 73 ? 2.563   -14.232 5.621   1.00 25.37 ?  167 GLU A CB  1 
ATOM   546  C  CG  . GLU A 1 73 ? 3.433   -14.353 4.378   1.00 29.37 ?  167 GLU A CG  1 
ATOM   547  C  CD  . GLU A 1 73 ? 2.676   -14.928 3.188   1.00 34.88 ?  167 GLU A CD  1 
ATOM   548  O  OE1 . GLU A 1 73 ? 3.275   -15.050 2.099   1.00 39.33 ?  167 GLU A OE1 1 
ATOM   549  O  OE2 . GLU A 1 73 ? 1.482   -15.256 3.344   1.00 41.35 -1 167 GLU A OE2 1 
ATOM   550  O  OXT . GLU A 1 73 ? 5.676   -13.857 6.922   1.00 26.86 -1 167 GLU A OXT 1 
ATOM   551  N  N   . ARG B 2 1  ? -6.157  -1.373  15.447  1.00 14.45 ?  1   ARG C N   1 
ATOM   552  C  CA  . ARG B 2 1  ? -7.569  -1.006  15.338  1.00 14.46 ?  1   ARG C CA  1 
ATOM   553  C  C   . ARG B 2 1  ? -7.674  0.471   15.003  1.00 14.94 ?  1   ARG C C   1 
ATOM   554  O  O   . ARG B 2 1  ? -6.740  1.222   15.251  1.00 15.63 ?  1   ARG C O   1 
ATOM   555  C  CB  . ARG B 2 1  ? -8.316  -1.316  16.641  1.00 15.92 ?  1   ARG C CB  1 
ATOM   556  C  CG  . ARG B 2 1  ? -8.233  -2.760  17.122  1.00 16.39 ?  1   ARG C CG  1 
ATOM   557  C  CD  . ARG B 2 1  ? -8.867  -3.780  16.175  1.00 16.14 ?  1   ARG C CD  1 
ATOM   558  N  NE  . ARG B 2 1  ? -9.014  -5.097  16.807  1.00 15.87 ?  1   ARG C NE  1 
ATOM   559  C  CZ  . ARG B 2 1  ? -8.030  -5.970  16.978  1.00 17.94 ?  1   ARG C CZ  1 
ATOM   560  N  NH1 . ARG B 2 1  ? -6.797  -5.719  16.554  1.00 18.07 ?  1   ARG C NH1 1 
ATOM   561  N  NH2 . ARG B 2 1  ? -8.292  -7.128  17.585  1.00 19.18 ?  1   ARG C NH2 1 
ATOM   562  N  N   . PHE B 2 2  ? -8.815  0.896   14.468  1.00 14.10 ?  2   PHE C N   1 
ATOM   563  C  CA  . PHE B 2 2  ? -8.896  2.243   13.914  1.00 16.45 ?  2   PHE C CA  1 
ATOM   564  C  C   . PHE B 2 2  ? -8.740  3.313   14.987  1.00 16.79 ?  2   PHE C C   1 
ATOM   565  O  O   . PHE B 2 2  ? -8.107  4.350   14.750  1.00 16.51 ?  2   PHE C O   1 
ATOM   566  C  CB  . PHE B 2 2  ? -10.201 2.442   13.152  1.00 15.60 ?  2   PHE C CB  1 
ATOM   567  C  CG  . PHE B 2 2  ? -10.307 3.799   12.525  1.00 15.71 ?  2   PHE C CG  1 
ATOM   568  C  CD1 . PHE B 2 2  ? -10.813 4.869   13.254  1.00 17.23 ?  2   PHE C CD1 1 
ATOM   569  C  CD2 . PHE B 2 2  ? -9.877  4.014   11.229  1.00 16.30 ?  2   PHE C CD2 1 
ATOM   570  C  CE1 . PHE B 2 2  ? -10.881 6.129   12.714  1.00 18.03 ?  2   PHE C CE1 1 
ATOM   571  C  CE2 . PHE B 2 2  ? -9.951  5.275   10.662  1.00 17.29 ?  2   PHE C CE2 1 
ATOM   572  C  CZ  . PHE B 2 2  ? -10.453 6.343   11.418  1.00 16.15 ?  2   PHE C CZ  1 
ATOM   573  N  N   . PHE B 2 3  ? -9.308  3.087   16.165  1.00 16.28 ?  3   PHE C N   1 
ATOM   574  C  CA  . PHE B 2 3  ? -9.376  4.124   17.190  1.00 18.08 ?  3   PHE C CA  1 
ATOM   575  C  C   . PHE B 2 3  ? -8.175  4.067   18.092  1.00 21.41 ?  3   PHE C C   1 
ATOM   576  O  O   . PHE B 2 3  ? -7.558  3.015   18.251  1.00 21.26 ?  3   PHE C O   1 
ATOM   577  C  CB  . PHE B 2 3  ? -10.652 3.953   18.023  1.00 18.31 ?  3   PHE C CB  1 
ATOM   578  C  CG  . PHE B 2 3  ? -11.891 4.195   17.246  1.00 17.07 ?  3   PHE C CG  1 
ATOM   579  C  CD1 . PHE B 2 3  ? -12.150 5.455   16.724  1.00 18.02 ?  3   PHE C CD1 1 
ATOM   580  C  CD2 . PHE B 2 3  ? -12.786 3.172   16.992  1.00 19.76 ?  3   PHE C CD2 1 
ATOM   581  C  CE1 . PHE B 2 3  ? -13.261 5.700   15.981  1.00 17.93 ?  3   PHE C CE1 1 
ATOM   582  C  CE2 . PHE B 2 3  ? -13.921 3.416   16.248  1.00 20.40 ?  3   PHE C CE2 1 
ATOM   583  C  CZ  . PHE B 2 3  ? -14.158 4.689   15.735  1.00 19.29 ?  3   PHE C CZ  1 
HETATM 584  N  N   . NH2 B 2 4  ? -7.860  5.202   18.702  1.00 23.41 ?  4   NH2 C N   1 
ATOM   585  N  N   . LEU C 1 1  ? -7.640  0.755   -4.278  1.00 38.00 ?  95  LEU B N   1 
ATOM   586  C  CA  . LEU C 1 1  ? -7.936  1.651   -5.391  1.00 36.50 ?  95  LEU B CA  1 
ATOM   587  C  C   . LEU C 1 1  ? -8.789  2.865   -4.986  1.00 33.55 ?  95  LEU B C   1 
ATOM   588  O  O   . LEU C 1 1  ? -8.278  3.780   -4.345  1.00 31.74 ?  95  LEU B O   1 
ATOM   589  C  CB  . LEU C 1 1  ? -8.496  0.896   -6.619  1.00 38.90 ?  95  LEU B CB  1 
ATOM   590  C  CG  . LEU C 1 1  ? -9.782  0.051   -6.634  1.00 42.83 ?  95  LEU B CG  1 
ATOM   591  C  CD1 . LEU C 1 1  ? -10.139 -0.327  -8.065  1.00 45.85 ?  95  LEU B CD1 1 
ATOM   592  C  CD2 . LEU C 1 1  ? -9.661  -1.208  -5.776  1.00 38.98 ?  95  LEU B CD2 1 
ATOM   593  N  N   . GLY C 1 2  ? -10.068 2.872   -5.343  1.00 36.96 ?  96  GLY B N   1 
ATOM   594  C  CA  . GLY C 1 2  ? -10.874 4.065   -5.132  1.00 35.60 ?  96  GLY B CA  1 
ATOM   595  C  C   . GLY C 1 2  ? -10.325 5.206   -5.970  1.00 34.97 ?  96  GLY B C   1 
ATOM   596  O  O   . GLY C 1 2  ? -10.283 5.136   -7.205  1.00 37.12 ?  96  GLY B O   1 
ATOM   597  N  N   . SER C 1 3  ? -9.875  6.269   -5.308  1.00 32.42 ?  97  SER B N   1 
ATOM   598  C  CA  . SER C 1 3  ? -9.219  7.383   -5.980  1.00 32.07 ?  97  SER B CA  1 
ATOM   599  C  C   . SER C 1 3  ? -7.702  7.219   -6.058  1.00 30.32 ?  97  SER B C   1 
ATOM   600  O  O   . SER C 1 3  ? -7.015  8.146   -6.496  1.00 27.47 ?  97  SER B O   1 
ATOM   601  C  CB  . SER C 1 3  ? -9.576  8.701   -5.291  1.00 36.44 ?  97  SER B CB  1 
ATOM   602  O  OG  . SER C 1 3  ? -8.702  8.961   -4.211  1.00 36.71 ?  97  SER B OG  1 
ATOM   603  N  N   . LEU C 1 4  ? -7.174  6.069   -5.649  1.00 25.25 ?  98  LEU B N   1 
ATOM   604  C  CA  . LEU C 1 4  ? -5.748  5.777   -5.687  1.00 23.14 ?  98  LEU B CA  1 
ATOM   605  C  C   . LEU C 1 4  ? -5.471  4.745   -6.774  1.00 21.57 ?  98  LEU B C   1 
ATOM   606  O  O   . LEU C 1 4  ? -6.384  4.189   -7.390  1.00 22.25 ?  98  LEU B O   1 
ATOM   607  C  CB  . LEU C 1 4  ? -5.270  5.266   -4.323  1.00 21.01 ?  98  LEU B CB  1 
ATOM   608  C  CG  . LEU C 1 4  ? -5.390  6.256   -3.156  1.00 24.18 ?  98  LEU B CG  1 
ATOM   609  C  CD1 . LEU C 1 4  ? -4.994  5.600   -1.825  1.00 25.92 ?  98  LEU B CD1 1 
ATOM   610  C  CD2 . LEU C 1 4  ? -4.603  7.536   -3.424  1.00 25.58 ?  98  LEU B CD2 1 
ATOM   611  N  N   . CYS C 1 5  ? -4.184  4.477   -7.006  1.00 19.68 ?  99  CYS B N   1 
ATOM   612  C  CA  . CYS C 1 5  ? -3.803  3.562   -8.085  1.00 19.55 ?  99  CYS B CA  1 
ATOM   613  C  C   . CYS C 1 5  ? -4.059  2.108   -7.696  1.00 18.90 ?  99  CYS B C   1 
ATOM   614  O  O   . CYS C 1 5  ? -4.948  1.450   -8.249  1.00 22.56 ?  99  CYS B O   1 
ATOM   615  C  CB  . CYS C 1 5  ? -2.336  3.765   -8.482  1.00 16.46 ?  99  CYS B CB  1 
ATOM   616  S  SG  . CYS C 1 5  ? -1.834  2.633   -9.841  1.00 15.34 ?  99  CYS B SG  1 
ATOM   617  N  N   . GLY C 1 6  ? -3.254  1.586   -6.772  1.00 19.65 ?  100 GLY B N   1 
ATOM   618  C  CA  . GLY C 1 6  ? -3.404  0.232   -6.267  1.00 22.82 ?  100 GLY B CA  1 
ATOM   619  C  C   . GLY C 1 6  ? -3.152  -0.887  -7.257  1.00 23.80 ?  100 GLY B C   1 
ATOM   620  O  O   . GLY C 1 6  ? -3.502  -2.032  -6.968  1.00 26.67 ?  100 GLY B O   1 
ATOM   621  N  N   . ARG C 1 7  ? -2.555  -0.603  -8.407  1.00 18.66 ?  101 ARG B N   1 
ATOM   622  C  CA  . ARG C 1 7  ? -2.364  -1.627  -9.429  1.00 21.03 ?  101 ARG B CA  1 
ATOM   623  C  C   . ARG C 1 7  ? -1.454  -2.745  -8.952  1.00 17.69 ?  101 ARG B C   1 
ATOM   624  O  O   . ARG C 1 7  ? -0.422  -2.491  -8.342  1.00 17.53 ?  101 ARG B O   1 
ATOM   625  C  CB  . ARG C 1 7  ? -1.752  -1.016  -10.686 1.00 24.69 ?  101 ARG B CB  1 
ATOM   626  C  CG  . ARG C 1 7  ? -1.167  -2.057  -11.645 1.00 27.65 ?  101 ARG B CG  1 
ATOM   627  C  CD  . ARG C 1 7  ? -1.345  -1.678  -13.071 1.00 27.37 ?  101 ARG B CD  1 
ATOM   628  N  NE  . ARG C 1 7  ? -0.327  -2.273  -13.928 1.00 26.76 ?  101 ARG B NE  1 
ATOM   629  C  CZ  . ARG C 1 7  ? 0.514   -1.542  -14.648 1.00 27.48 ?  101 ARG B CZ  1 
ATOM   630  N  NH1 . ARG C 1 7  ? 0.509   -0.226  -14.583 1.00 27.09 ?  101 ARG B NH1 1 
ATOM   631  N  NH2 . ARG C 1 7  ? 1.360   -2.142  -15.473 1.00 31.21 ?  101 ARG B NH2 1 
ATOM   632  N  N   . VAL C 1 8  ? -1.836  -3.979  -9.280  1.00 18.67 ?  102 VAL B N   1 
ATOM   633  C  CA  . VAL C 1 8  ? -1.002  -5.162  -9.103  1.00 19.44 ?  102 VAL B CA  1 
ATOM   634  C  C   . VAL C 1 8  ? -0.277  -5.440  -10.409 1.00 21.85 ?  102 VAL B C   1 
ATOM   635  O  O   . VAL C 1 8  ? -0.902  -5.511  -11.474 1.00 25.39 ?  102 VAL B O   1 
ATOM   636  C  CB  . VAL C 1 8  ? -1.865  -6.371  -8.712  1.00 22.11 ?  102 VAL B CB  1 
ATOM   637  C  CG1 . VAL C 1 8  ? -1.037  -7.653  -8.716  1.00 23.97 ?  102 VAL B CG1 1 
ATOM   638  C  CG2 . VAL C 1 8  ? -2.502  -6.149  -7.366  1.00 24.68 ?  102 VAL B CG2 1 
ATOM   639  N  N   . PHE C 1 9  ? 1.036   -5.627  -10.331 1.00 18.02 ?  103 PHE B N   1 
ATOM   640  C  CA  . PHE C 1 9  ? 1.843   -5.843  -11.521 1.00 20.77 ?  103 PHE B CA  1 
ATOM   641  C  C   . PHE C 1 9  ? 1.675   -7.253  -12.070 1.00 23.71 ?  103 PHE B C   1 
ATOM   642  O  O   . PHE C 1 9  ? 1.495   -8.220  -11.326 1.00 24.09 ?  103 PHE B O   1 
ATOM   643  C  CB  . PHE C 1 9  ? 3.316   -5.574  -11.214 1.00 20.60 ?  103 PHE B CB  1 
ATOM   644  C  CG  . PHE C 1 9  ? 3.598   -4.143  -10.917 1.00 18.62 ?  103 PHE B CG  1 
ATOM   645  C  CD1 . PHE C 1 9  ? 3.432   -3.188  -11.898 1.00 19.87 ?  103 PHE B CD1 1 
ATOM   646  C  CD2 . PHE C 1 9  ? 3.971   -3.739  -9.652  1.00 19.11 ?  103 PHE B CD2 1 
ATOM   647  C  CE1 . PHE C 1 9  ? 3.673   -1.870  -11.645 1.00 20.91 ?  103 PHE B CE1 1 
ATOM   648  C  CE2 . PHE C 1 9  ? 4.209   -2.393  -9.389  1.00 17.12 ?  103 PHE B CE2 1 
ATOM   649  C  CZ  . PHE C 1 9  ? 4.053   -1.467  -10.391 1.00 18.90 ?  103 PHE B CZ  1 
ATOM   650  N  N   . LYS C 1 10 ? 1.739   -7.352  -13.395 1.00 27.90 ?  104 LYS B N   1 
ATOM   651  C  CA  . LYS C 1 10 ? 1.795   -8.620  -14.102 1.00 34.49 ?  104 LYS B CA  1 
ATOM   652  C  C   . LYS C 1 10 ? 3.234   -8.918  -14.507 1.00 34.32 ?  104 LYS B C   1 
ATOM   653  O  O   . LYS C 1 10 ? 4.107   -8.045  -14.496 1.00 28.84 ?  104 LYS B O   1 
ATOM   654  C  CB  . LYS C 1 10 ? 0.915   -8.584  -15.356 1.00 37.29 ?  104 LYS B CB  1 
ATOM   655  C  CG  . LYS C 1 10 ? -0.457  -7.961  -15.157 1.00 40.52 ?  104 LYS B CG  1 
ATOM   656  C  CD  . LYS C 1 10 ? -1.359  -8.234  -16.353 1.00 44.18 ?  104 LYS B CD  1 
ATOM   657  C  CE  . LYS C 1 10 ? -2.160  -6.995  -16.729 1.00 44.83 ?  104 LYS B CE  1 
ATOM   658  N  NZ  . LYS C 1 10 ? -3.623  -7.193  -16.536 1.00 47.83 ?  104 LYS B NZ  1 
ATOM   659  N  N   . VAL C 1 11 ? 3.465   -10.178 -14.879 1.00 38.60 ?  105 VAL B N   1 
ATOM   660  C  CA  . VAL C 1 11 ? 4.787   -10.630 -15.298 1.00 37.58 ?  105 VAL B CA  1 
ATOM   661  C  C   . VAL C 1 11 ? 5.299   -9.761  -16.440 1.00 32.04 ?  105 VAL B C   1 
ATOM   662  O  O   . VAL C 1 11 ? 4.593   -9.527  -17.426 1.00 36.22 ?  105 VAL B O   1 
ATOM   663  C  CB  . VAL C 1 11 ? 4.714   -12.117 -15.690 1.00 40.14 ?  105 VAL B CB  1 
ATOM   664  C  CG1 . VAL C 1 11 ? 3.517   -12.370 -16.599 1.00 42.16 ?  105 VAL B CG1 1 
ATOM   665  C  CG2 . VAL C 1 11 ? 6.001   -12.558 -16.360 1.00 39.53 ?  105 VAL B CG2 1 
ATOM   666  N  N   . GLY C 1 12 ? 6.523   -9.245  -16.287 1.00 32.53 ?  106 GLY B N   1 
ATOM   667  C  CA  . GLY C 1 12 ? 7.195   -8.500  -17.335 1.00 32.22 ?  106 GLY B CA  1 
ATOM   668  C  C   . GLY C 1 12 ? 6.947   -7.003  -17.352 1.00 26.87 ?  106 GLY B C   1 
ATOM   669  O  O   . GLY C 1 12 ? 7.616   -6.286  -18.110 1.00 26.76 ?  106 GLY B O   1 
ATOM   670  N  N   . GLU C 1 13 ? 6.023   -6.505  -16.547 1.00 26.38 ?  107 GLU B N   1 
ATOM   671  C  CA  . GLU C 1 13 ? 5.628   -5.111  -16.613 1.00 21.66 ?  107 GLU B CA  1 
ATOM   672  C  C   . GLU C 1 13 ? 6.669   -4.260  -15.888 1.00 21.16 ?  107 GLU B C   1 
ATOM   673  O  O   . GLU C 1 13 ? 7.260   -4.704  -14.906 1.00 18.50 ?  107 GLU B O   1 
ATOM   674  C  CB  . GLU C 1 13 ? 4.287   -4.961  -15.909 1.00 24.12 ?  107 GLU B CB  1 
ATOM   675  C  CG  . GLU C 1 13 ? 3.085   -5.186  -16.820 1.00 29.84 ?  107 GLU B CG  1 
ATOM   676  C  CD  . GLU C 1 13 ? 1.780   -4.794  -16.163 1.00 33.68 ?  107 GLU B CD  1 
ATOM   677  O  OE1 . GLU C 1 13 ? 0.869   -4.307  -16.871 1.00 33.24 ?  107 GLU B OE1 1 
ATOM   678  O  OE2 . GLU C 1 13 ? 1.666   -4.953  -14.929 1.00 34.86 -1 107 GLU B OE2 1 
ATOM   679  N  N   . PRO C 1 14 ? 6.928   -3.047  -16.352 1.00 17.95 ?  108 PRO B N   1 
ATOM   680  C  CA  . PRO C 1 14 ? 7.983   -2.243  -15.726 1.00 17.44 ?  108 PRO B CA  1 
ATOM   681  C  C   . PRO C 1 14 ? 7.501   -1.649  -14.412 1.00 17.37 ?  108 PRO B C   1 
ATOM   682  O  O   . PRO C 1 14 ? 6.335   -1.276  -14.263 1.00 18.08 ?  108 PRO B O   1 
ATOM   683  C  CB  . PRO C 1 14 ? 8.248   -1.144  -16.763 1.00 19.01 ?  108 PRO B CB  1 
ATOM   684  C  CG  . PRO C 1 14 ? 6.955   -1.027  -17.519 1.00 21.42 ?  108 PRO B CG  1 
ATOM   685  C  CD  . PRO C 1 14 ? 6.351   -2.395  -17.546 1.00 22.09 ?  108 PRO B CD  1 
ATOM   686  N  N   . THR C 1 15 ? 8.411   -1.594  -13.444 1.00 15.23 ?  109 THR B N   1 
ATOM   687  C  CA  . THR C 1 15 ? 8.219   -0.889  -12.182 1.00 14.45 ?  109 THR B CA  1 
ATOM   688  C  C   . THR C 1 15 ? 9.360   0.102   -12.021 1.00 14.83 ?  109 THR B C   1 
ATOM   689  O  O   . THR C 1 15 ? 10.474  -0.136  -12.506 1.00 15.17 ?  109 THR B O   1 
ATOM   690  C  CB  . THR C 1 15 ? 8.176   -1.866  -10.971 1.00 14.17 ?  109 THR B CB  1 
ATOM   691  O  OG1 . THR C 1 15 ? 9.504   -2.230  -10.552 1.00 14.68 ?  109 THR B OG1 1 
ATOM   692  C  CG2 . THR C 1 15 ? 7.365   -3.116  -11.274 1.00 14.27 ?  109 THR B CG2 1 
ATOM   693  N  N   . TYR C 1 16 ? 9.113   1.189   -11.283 1.00 14.88 ?  110 TYR B N   1 
ATOM   694  C  CA  . TYR C 1 16 ? 10.068  2.284   -11.138 1.00 13.79 ?  110 TYR B CA  1 
ATOM   695  C  C   . TYR C 1 16 ? 10.217  2.655   -9.676  1.00 15.03 ?  110 TYR B C   1 
ATOM   696  O  O   . TYR C 1 16 ? 9.247   3.095   -9.051  1.00 14.75 ?  110 TYR B O   1 
ATOM   697  C  CB  . TYR C 1 16 ? 9.619   3.517   -11.930 1.00 15.47 ?  110 TYR B CB  1 
ATOM   698  C  CG  . TYR C 1 16 ? 9.591   3.290   -13.415 1.00 16.70 ?  110 TYR B CG  1 
ATOM   699  C  CD1 . TYR C 1 16 ? 8.475   2.759   -14.037 1.00 16.25 ?  110 TYR B CD1 1 
ATOM   700  C  CD2 . TYR C 1 16 ? 10.708  3.567   -14.191 1.00 17.12 ?  110 TYR B CD2 1 
ATOM   701  C  CE1 . TYR C 1 16 ? 8.459   2.535   -15.408 1.00 16.93 ?  110 TYR B CE1 1 
ATOM   702  C  CE2 . TYR C 1 16 ? 10.698  3.352   -15.567 1.00 18.74 ?  110 TYR B CE2 1 
ATOM   703  C  CZ  . TYR C 1 16 ? 9.570   2.828   -16.159 1.00 18.54 ?  110 TYR B CZ  1 
ATOM   704  O  OH  . TYR C 1 16 ? 9.525   2.591   -17.519 1.00 23.35 ?  110 TYR B OH  1 
ATOM   705  N  N   . SER C 1 17 ? 11.424  2.536   -9.151  1.00 15.89 ?  111 SER B N   1 
ATOM   706  C  CA  . SER C 1 17 ? 11.712  3.101   -7.847  1.00 15.54 ?  111 SER B CA  1 
ATOM   707  C  C   . SER C 1 17 ? 12.488  4.386   -8.068  1.00 17.06 ?  111 SER B C   1 
ATOM   708  O  O   . SER C 1 17 ? 12.911  4.692   -9.179  1.00 20.05 ?  111 SER B O   1 
ATOM   709  C  CB  . SER C 1 17 ? 12.487  2.109   -6.970  1.00 16.40 ?  111 SER B CB  1 
ATOM   710  O  OG  . SER C 1 17 ? 12.618  2.600   -5.641  1.00 17.32 ?  111 SER B OG  1 
ATOM   711  N  N   . CYS C 1 18 ? 12.627  5.177   -7.018  1.00 19.55 ?  112 CYS B N   1 
ATOM   712  C  CA  . CYS C 1 18 ? 13.403  6.402   -7.105  1.00 18.99 ?  112 CYS B CA  1 
ATOM   713  C  C   . CYS C 1 18 ? 14.472  6.346   -6.032  1.00 20.70 ?  112 CYS B C   1 
ATOM   714  O  O   . CYS C 1 18 ? 14.155  6.309   -4.842  1.00 20.31 ?  112 CYS B O   1 
ATOM   715  C  CB  . CYS C 1 18 ? 12.523  7.641   -6.934  1.00 18.26 ?  112 CYS B CB  1 
ATOM   716  S  SG  . CYS C 1 18 ? 13.494  9.157   -7.042  1.00 18.16 ?  112 CYS B SG  1 
ATOM   717  N  N   . ARG C 1 19 ? 15.739  6.331   -6.451  1.00 20.17 ?  113 ARG B N   1 
ATOM   718  C  CA  . ARG C 1 19 ? 16.819  6.286   -5.470  1.00 21.69 ?  113 ARG B CA  1 
ATOM   719  C  C   . ARG C 1 19 ? 16.795  7.504   -4.556  1.00 22.39 ?  113 ARG B C   1 
ATOM   720  O  O   . ARG C 1 19 ? 17.207  7.413   -3.393  1.00 24.25 ?  113 ARG B O   1 
ATOM   721  C  CB  . ARG C 1 19 ? 18.169  6.185   -6.177  1.00 24.33 ?  113 ARG B CB  1 
ATOM   722  C  CG  . ARG C 1 19 ? 18.263  4.985   -7.100  1.00 25.88 ?  113 ARG B CG  1 
ATOM   723  C  CD  . ARG C 1 19 ? 19.692  4.698   -7.527  1.00 29.81 ?  113 ARG B CD  1 
ATOM   724  N  NE  . ARG C 1 19 ? 19.725  3.575   -8.455  1.00 30.73 ?  113 ARG B NE  1 
ATOM   725  C  CZ  . ARG C 1 19 ? 20.147  2.361   -8.132  1.00 32.63 ?  113 ARG B CZ  1 
ATOM   726  N  NH1 . ARG C 1 19 ? 20.576  2.083   -6.909  1.00 32.16 ?  113 ARG B NH1 1 
ATOM   727  N  NH2 . ARG C 1 19 ? 20.126  1.400   -9.052  1.00 33.46 ?  113 ARG B NH2 1 
ATOM   728  N  N   . ASP C 1 20 ? 16.307  8.642   -5.057  1.00 21.44 ?  114 ASP B N   1 
ATOM   729  C  CA  . ASP C 1 20 ? 16.317  9.867   -4.268  1.00 21.54 ?  114 ASP B CA  1 
ATOM   730  C  C   . ASP C 1 20 ? 15.158  9.946   -3.280  1.00 22.96 ?  114 ASP B C   1 
ATOM   731  O  O   . ASP C 1 20 ? 15.317  10.530  -2.204  1.00 25.05 ?  114 ASP B O   1 
ATOM   732  C  CB  . ASP C 1 20 ? 16.302  11.095  -5.183  1.00 23.41 ?  114 ASP B CB  1 
ATOM   733  C  CG  . ASP C 1 20 ? 17.467  11.112  -6.159  1.00 23.88 ?  114 ASP B CG  1 
ATOM   734  O  OD1 . ASP C 1 20 ? 18.623  10.955  -5.723  1.00 24.34 ?  114 ASP B OD1 1 
ATOM   735  O  OD2 . ASP C 1 20 ? 17.225  11.289  -7.365  1.00 24.47 -1 114 ASP B OD2 1 
ATOM   736  N  N   . CYS C 1 21 ? 13.983  9.398   -3.615  1.00 18.14 ?  115 CYS B N   1 
ATOM   737  C  CA  . CYS C 1 21 ? 12.791  9.597   -2.798  1.00 20.33 ?  115 CYS B CA  1 
ATOM   738  C  C   . CYS C 1 21 ? 12.203  8.339   -2.175  1.00 18.46 ?  115 CYS B C   1 
ATOM   739  O  O   . CYS C 1 21 ? 11.449  8.455   -1.204  1.00 19.24 ?  115 CYS B O   1 
ATOM   740  C  CB  . CYS C 1 21 ? 11.683  10.288  -3.604  1.00 18.25 ?  115 CYS B CB  1 
ATOM   741  S  SG  . CYS C 1 21 ? 12.186  11.798  -4.462  1.00 19.09 ?  115 CYS B SG  1 
ATOM   742  N  N   . ALA C 1 22 ? 12.481  7.157   -2.709  1.00 18.68 ?  116 ALA B N   1 
ATOM   743  C  CA  . ALA C 1 22 ? 11.874  5.955   -2.151  1.00 16.24 ?  116 ALA B CA  1 
ATOM   744  C  C   . ALA C 1 22 ? 12.335  5.752   -0.711  1.00 18.56 ?  116 ALA B C   1 
ATOM   745  O  O   . ALA C 1 22 ? 13.521  5.887   -0.397  1.00 19.02 ?  116 ALA B O   1 
ATOM   746  C  CB  . ALA C 1 22 ? 12.256  4.736   -2.995  1.00 18.13 ?  116 ALA B CB  1 
ATOM   747  N  N   . VAL C 1 23 ? 11.395  5.392   0.167   1.00 16.66 ?  117 VAL B N   1 
ATOM   748  C  CA  . VAL C 1 23 ? 11.765  5.125   1.557   1.00 19.23 ?  117 VAL B CA  1 
ATOM   749  C  C   . VAL C 1 23 ? 12.699  3.921   1.638   1.00 20.18 ?  117 VAL B C   1 
ATOM   750  O  O   . VAL C 1 23 ? 13.623  3.880   2.465   1.00 20.69 ?  117 VAL B O   1 
ATOM   751  C  CB  . VAL C 1 23 ? 10.507  4.988   2.438   1.00 17.67 ?  117 VAL B CB  1 
ATOM   752  C  CG1 . VAL C 1 23 ? 10.846  4.320   3.780   1.00 20.64 ?  117 VAL B CG1 1 
ATOM   753  C  CG2 . VAL C 1 23 ? 9.897   6.362   2.687   1.00 19.63 ?  117 VAL B CG2 1 
ATOM   754  N  N   . ASP C 1 24 ? 12.502  2.945   0.765   1.00 17.53 ?  118 ASP B N   1 
ATOM   755  C  CA  . ASP C 1 24 ? 13.390  1.795   0.679   1.00 17.60 ?  118 ASP B CA  1 
ATOM   756  C  C   . ASP C 1 24 ? 13.297  1.235   -0.732  1.00 18.35 ?  118 ASP B C   1 
ATOM   757  O  O   . ASP C 1 24 ? 12.420  1.633   -1.513  1.00 17.30 ?  118 ASP B O   1 
ATOM   758  C  CB  . ASP C 1 24 ? 13.071  0.759   1.771   1.00 19.41 ?  118 ASP B CB  1 
ATOM   759  C  CG  . ASP C 1 24 ? 11.753  0.066   1.572   1.00 19.94 ?  118 ASP B CG  1 
ATOM   760  O  OD1 . ASP C 1 24 ? 11.505  -0.502  0.493   1.00 19.55 ?  118 ASP B OD1 1 
ATOM   761  O  OD2 . ASP C 1 24 ? 10.946  0.062   2.518   1.00 23.90 -1 118 ASP B OD2 1 
ATOM   762  N  N   . PRO C 1 25 ? 14.214  0.338   -1.110  1.00 16.98 ?  119 PRO B N   1 
ATOM   763  C  CA  . PRO C 1 25 ? 14.260  -0.121  -2.506  1.00 17.72 ?  119 PRO B CA  1 
ATOM   764  C  C   . PRO C 1 25 ? 13.051  -0.920  -2.978  1.00 16.03 ?  119 PRO B C   1 
ATOM   765  O  O   . PRO C 1 25 ? 12.956  -1.174  -4.190  1.00 16.00 ?  119 PRO B O   1 
ATOM   766  C  CB  . PRO C 1 25 ? 15.537  -0.964  -2.555  1.00 16.70 ?  119 PRO B CB  1 
ATOM   767  C  CG  . PRO C 1 25 ? 16.390  -0.365  -1.472  1.00 19.36 ?  119 PRO B CG  1 
ATOM   768  C  CD  . PRO C 1 25 ? 15.416  -0.100  -0.373  1.00 18.42 ?  119 PRO B CD  1 
ATOM   769  N  N   . THR C 1 26 ? 12.126  -1.315  -2.107  1.00 16.13 ?  120 THR B N   1 
ATOM   770  C  CA  . THR C 1 26 ? 10.918  -1.993  -2.567  1.00 15.14 ?  120 THR B CA  1 
ATOM   771  C  C   . THR C 1 26 ? 9.805   -1.026  -2.952  1.00 15.49 ?  120 THR B C   1 
ATOM   772  O  O   . THR C 1 26 ? 8.761   -1.478  -3.434  1.00 14.63 ?  120 THR B O   1 
ATOM   773  C  CB  . THR C 1 26 ? 10.369  -2.979  -1.519  1.00 15.50 ?  120 THR B CB  1 
ATOM   774  O  OG1 . THR C 1 26 ? 9.749   -2.257  -0.437  1.00 16.89 ?  120 THR B OG1 1 
ATOM   775  C  CG2 . THR C 1 26 ? 11.486  -3.897  -0.985  1.00 17.77 ?  120 THR B CG2 1 
ATOM   776  N  N   . CYS C 1 27 ? 9.992   0.276   -2.740  1.00 13.48 ?  121 CYS B N   1 
ATOM   777  C  CA  . CYS C 1 27 ? 8.945   1.254   -3.045  1.00 14.96 ?  121 CYS B CA  1 
ATOM   778  C  C   . CYS C 1 27 ? 8.983   1.560   -4.537  1.00 14.02 ?  121 CYS B C   1 
ATOM   779  O  O   . CYS C 1 27 ? 10.020  1.983   -5.063  1.00 14.78 ?  121 CYS B O   1 
ATOM   780  C  CB  . CYS C 1 27 ? 9.129   2.522   -2.206  1.00 15.49 ?  121 CYS B CB  1 
ATOM   781  S  SG  . CYS C 1 27 ? 9.053   2.279   -0.418  1.00 16.64 ?  121 CYS B SG  1 
ATOM   782  N  N   . VAL C 1 28 ? 7.866   1.311   -5.227  1.00 14.51 ?  122 VAL B N   1 
ATOM   783  C  CA  . VAL C 1 28 ? 7.840   1.368   -6.683  1.00 14.87 ?  122 VAL B CA  1 
ATOM   784  C  C   . VAL C 1 28 ? 6.564   2.040   -7.172  1.00 14.73 ?  122 VAL B C   1 
ATOM   785  O  O   . VAL C 1 28 ? 5.531   2.057   -6.492  1.00 14.40 ?  122 VAL B O   1 
ATOM   786  C  CB  . VAL C 1 28 ? 7.988   -0.032  -7.327  1.00 14.45 ?  122 VAL B CB  1 
ATOM   787  C  CG1 . VAL C 1 28 ? 9.391   -0.604  -7.094  1.00 15.72 ?  122 VAL B CG1 1 
ATOM   788  C  CG2 . VAL C 1 28 ? 6.897   -0.976  -6.814  1.00 15.34 ?  122 VAL B CG2 1 
ATOM   789  N  N   . LEU C 1 29 ? 6.636   2.539   -8.408  1.00 14.28 ?  123 LEU B N   1 
ATOM   790  C  CA  . LEU C 1 29 ? 5.500   3.088   -9.135  1.00 14.36 ?  123 LEU B CA  1 
ATOM   791  C  C   . LEU C 1 29 ? 5.310   2.319   -10.433 1.00 15.18 ?  123 LEU B C   1 
ATOM   792  O  O   . LEU C 1 29 ? 6.276   1.860   -11.050 1.00 14.55 ?  123 LEU B O   1 
ATOM   793  C  CB  . LEU C 1 29 ? 5.766   4.550   -9.485  1.00 14.38 ?  123 LEU B CB  1 
ATOM   794  C  CG  . LEU C 1 29 ? 5.922   5.496   -8.293  1.00 15.69 ?  123 LEU B CG  1 
ATOM   795  C  CD1 . LEU C 1 29 ? 6.396   6.856   -8.769  1.00 18.52 ?  123 LEU B CD1 1 
ATOM   796  C  CD2 . LEU C 1 29 ? 4.610   5.619   -7.533  1.00 15.15 ?  123 LEU B CD2 1 
ATOM   797  N  N   . CYS C 1 30 ? 4.059   2.195   -10.849 1.00 14.29 ?  124 CYS B N   1 
ATOM   798  C  CA  . CYS C 1 30 ? 3.769   1.690   -12.179 1.00 13.00 ?  124 CYS B CA  1 
ATOM   799  C  C   . CYS C 1 30 ? 4.190   2.720   -13.218 1.00 15.04 ?  124 CYS B C   1 
ATOM   800  O  O   . CYS C 1 30 ? 4.494   3.872   -12.909 1.00 14.27 ?  124 CYS B O   1 
ATOM   801  C  CB  . CYS C 1 30 ? 2.282   1.342   -12.317 1.00 15.24 ?  124 CYS B CB  1 
ATOM   802  S  SG  . CYS C 1 30 ? 1.143   2.735   -12.336 1.00 14.80 ?  124 CYS B SG  1 
ATOM   803  N  N   . MET C 1 31 ? 4.201   2.279   -14.474 1.00 14.81 ?  125 MET B N   1 
ATOM   804  C  CA  . MET C 1 31 ? 4.646   3.133   -15.566 1.00 13.82 ?  125 MET B CA  1 
ATOM   805  C  C   . MET C 1 31 ? 3.838   4.428   -15.631 1.00 14.58 ?  125 MET B C   1 
ATOM   806  O  O   . MET C 1 31 ? 4.402   5.526   -15.710 1.00 14.47 ?  125 MET B O   1 
ATOM   807  C  CB  . MET C 1 31 ? 4.460   2.382   -16.877 1.00 15.83 ?  125 MET B CB  1 
ATOM   808  C  CG  . MET C 1 31 ? 4.981   3.176   -18.043 1.00 16.93 ?  125 MET B CG  1 
ATOM   809  S  SD  . MET C 1 31 ? 5.022   2.205   -19.533 1.00 17.78 ?  125 MET B SD  1 
ATOM   810  C  CE  . MET C 1 31 ? 5.064   3.484   -20.777 1.00 20.11 ?  125 MET B CE  1 
ATOM   811  N  N   . GLU C 1 32 ? 2.507   4.317   -15.576 1.00 14.00 ?  126 GLU B N   1 
ATOM   812  C  CA  . GLU C 1 32 ? 1.673   5.504   -15.693 1.00 15.14 ?  126 GLU B CA  1 
ATOM   813  C  C   . GLU C 1 32 ? 1.952   6.471   -14.553 1.00 14.58 ?  126 GLU B C   1 
ATOM   814  O  O   . GLU C 1 32 ? 2.086   7.684   -14.763 1.00 15.93 ?  126 GLU B O   1 
ATOM   815  C  CB  . GLU C 1 32 ? 0.198   5.099   -15.714 1.00 18.09 ?  126 GLU B CB  1 
ATOM   816  C  CG  . GLU C 1 32 ? -0.744  6.291   -15.692 1.00 19.59 ?  126 GLU B CG  1 
ATOM   817  C  CD  . GLU C 1 32 ? -2.202  5.923   -15.492 1.00 19.53 ?  126 GLU B CD  1 
ATOM   818  O  OE1 . GLU C 1 32 ? -2.523  4.752   -15.155 1.00 21.53 ?  126 GLU B OE1 1 
ATOM   819  O  OE2 . GLU C 1 32 ? -3.018  6.847   -15.659 1.00 20.80 -1 126 GLU B OE2 1 
ATOM   820  N  N   . CYS C 1 33 ? 2.075   5.948   -13.334 1.00 15.48 ?  127 CYS B N   1 
ATOM   821  C  CA  . CYS C 1 33 ? 2.296   6.821   -12.193 1.00 14.22 ?  127 CYS B CA  1 
ATOM   822  C  C   . CYS C 1 33 ? 3.686   7.427   -12.237 1.00 15.07 ?  127 CYS B C   1 
ATOM   823  O  O   . CYS C 1 33 ? 3.867   8.619   -11.950 1.00 16.41 ?  127 CYS B O   1 
ATOM   824  C  CB  . CYS C 1 33 ? 2.050   6.028   -10.917 1.00 14.20 ?  127 CYS B CB  1 
ATOM   825  S  SG  . CYS C 1 33 ? 0.271   5.672   -10.649 1.00 14.39 ?  127 CYS B SG  1 
ATOM   826  N  N   . PHE C 1 34 ? 4.686   6.623   -12.597 1.00 14.77 ?  128 PHE B N   1 
ATOM   827  C  CA  . PHE C 1 34 ? 6.052   7.126   -12.712 1.00 14.74 ?  128 PHE B CA  1 
ATOM   828  C  C   . PHE C 1 34 ? 6.142   8.275   -13.707 1.00 14.86 ?  128 PHE B C   1 
ATOM   829  O  O   . PHE C 1 34 ? 6.705   9.336   -13.400 1.00 16.23 ?  128 PHE B O   1 
ATOM   830  C  CB  . PHE C 1 34 ? 6.993   5.997   -13.133 1.00 16.02 ?  128 PHE B CB  1 
ATOM   831  C  CG  . PHE C 1 34 ? 8.379   6.469   -13.463 1.00 16.75 ?  128 PHE B CG  1 
ATOM   832  C  CD1 . PHE C 1 34 ? 9.225   6.913   -12.461 1.00 17.73 ?  128 PHE B CD1 1 
ATOM   833  C  CD2 . PHE C 1 34 ? 8.824   6.488   -14.776 1.00 17.31 ?  128 PHE B CD2 1 
ATOM   834  C  CE1 . PHE C 1 34 ? 10.516  7.354   -12.759 1.00 18.86 ?  128 PHE B CE1 1 
ATOM   835  C  CE2 . PHE C 1 34 ? 10.116  6.923   -15.076 1.00 18.79 ?  128 PHE B CE2 1 
ATOM   836  C  CZ  . PHE C 1 34 ? 10.947  7.365   -14.070 1.00 19.62 ?  128 PHE B CZ  1 
ATOM   837  N  N   . LEU C 1 35 ? 5.586   8.081   -14.904 1.00 14.77 ?  129 LEU B N   1 
ATOM   838  C  CA  . LEU C 1 35 ? 5.732   9.085   -15.952 1.00 16.00 ?  129 LEU B CA  1 
ATOM   839  C  C   . LEU C 1 35 ? 4.954   10.360  -15.656 1.00 16.63 ?  129 LEU B C   1 
ATOM   840  O  O   . LEU C 1 35 ? 5.253   11.399  -16.255 1.00 17.52 ?  129 LEU B O   1 
ATOM   841  C  CB  . LEU C 1 35 ? 5.304   8.513   -17.302 1.00 15.75 ?  129 LEU B CB  1 
ATOM   842  C  CG  . LEU C 1 35 ? 6.204   7.397   -17.838 1.00 16.63 ?  129 LEU B CG  1 
ATOM   843  C  CD1 . LEU C 1 35 ? 5.555   6.760   -19.044 1.00 17.94 ?  129 LEU B CD1 1 
ATOM   844  C  CD2 . LEU C 1 35 ? 7.588   7.898   -18.189 1.00 18.85 ?  129 LEU B CD2 1 
ATOM   845  N  N   . GLY C 1 36 ? 3.973   10.310  -14.761 1.00 16.98 ?  130 GLY B N   1 
ATOM   846  C  CA  . GLY C 1 36 ? 3.261   11.502  -14.355 1.00 18.09 ?  130 GLY B CA  1 
ATOM   847  C  C   . GLY C 1 36 ? 3.695   12.032  -13.006 1.00 18.16 ?  130 GLY B C   1 
ATOM   848  O  O   . GLY C 1 36 ? 2.969   12.815  -12.388 1.00 19.04 ?  130 GLY B O   1 
ATOM   849  N  N   . SER C 1 37 ? 4.872   11.624  -12.544 1.00 17.29 ?  131 SER B N   1 
ATOM   850  C  CA  . SER C 1 37 ? 5.390   11.978  -11.225 1.00 18.39 ?  131 SER B CA  1 
ATOM   851  C  C   . SER C 1 37 ? 6.662   12.812  -11.349 1.00 20.10 ?  131 SER B C   1 
ATOM   852  O  O   . SER C 1 37 ? 7.267   12.922  -12.417 1.00 19.82 ?  131 SER B O   1 
ATOM   853  C  CB  . SER C 1 37 ? 5.708   10.720  -10.403 1.00 18.29 ?  131 SER B CB  1 
ATOM   854  O  OG  . SER C 1 37 ? 6.963   10.185  -10.761 1.00 17.62 ?  131 SER B OG  1 
ATOM   855  N  N   . ILE C 1 38 ? 7.082   13.395  -10.218 1.00 19.24 ?  132 ILE B N   1 
ATOM   856  C  CA  . ILE C 1 38 ? 8.325   14.162  -10.189 1.00 20.84 ?  132 ILE B CA  1 
ATOM   857  C  C   . ILE C 1 38 ? 9.551   13.278  -10.375 1.00 21.12 ?  132 ILE B C   1 
ATOM   858  O  O   . ILE C 1 38 ? 10.623  13.775  -10.741 1.00 21.67 ?  132 ILE B O   1 
ATOM   859  C  CB  . ILE C 1 38 ? 8.454   15.000  -8.899  1.00 22.16 ?  132 ILE B CB  1 
ATOM   860  C  CG1 . ILE C 1 38 ? 8.587   14.097  -7.659  1.00 21.34 ?  132 ILE B CG1 1 
ATOM   861  C  CG2 . ILE C 1 38 ? 7.288   15.976  -8.784  1.00 24.51 ?  132 ILE B CG2 1 
ATOM   862  C  CD1 . ILE C 1 38 ? 9.025   14.848  -6.395  1.00 23.87 ?  132 ILE B CD1 1 
ATOM   863  N  N   . HIS C 1 39 ? 9.423   11.971  -10.147 1.00 19.22 ?  133 HIS B N   1 
ATOM   864  C  CA  . HIS C 1 39 ? 10.566  11.071  -10.113 1.00 19.67 ?  133 HIS B CA  1 
ATOM   865  C  C   . HIS C 1 39 ? 11.105  10.743  -11.495 1.00 18.78 ?  133 HIS B C   1 
ATOM   866  O  O   . HIS C 1 39 ? 12.209  10.196  -11.596 1.00 20.28 ?  133 HIS B O   1 
ATOM   867  C  CB  . HIS C 1 39 ? 10.174  9.803   -9.355  1.00 18.56 ?  133 HIS B CB  1 
ATOM   868  C  CG  . HIS C 1 39 ? 9.511   10.100  -8.052  1.00 18.88 ?  133 HIS B CG  1 
ATOM   869  N  ND1 . HIS C 1 39 ? 10.190  10.652  -6.986  1.00 17.34 ?  133 HIS B ND1 1 
ATOM   870  C  CD2 . HIS C 1 39 ? 8.216   10.012  -7.670  1.00 18.97 ?  133 HIS B CD2 1 
ATOM   871  C  CE1 . HIS C 1 39 ? 9.342   10.864  -5.993  1.00 17.66 ?  133 HIS B CE1 1 
ATOM   872  N  NE2 . HIS C 1 39 ? 8.143   10.466  -6.376  1.00 18.69 ?  133 HIS B NE2 1 
ATOM   873  N  N   . ARG C 1 40 ? 10.374  11.105  -12.553 1.00 19.36 ?  134 ARG B N   1 
ATOM   874  C  CA  . ARG C 1 40 ? 10.897  10.906  -13.900 1.00 21.38 ?  134 ARG B CA  1 
ATOM   875  C  C   . ARG C 1 40 ? 12.170  11.707  -14.151 1.00 21.94 ?  134 ARG B C   1 
ATOM   876  O  O   . ARG C 1 40 ? 12.927  11.369  -15.069 1.00 23.19 ?  134 ARG B O   1 
ATOM   877  C  CB  . ARG C 1 40 ? 9.831   11.229  -14.944 1.00 20.45 ?  134 ARG B CB  1 
ATOM   878  C  CG  . ARG C 1 40 ? 9.345   12.663  -14.957 1.00 22.20 ?  134 ARG B CG  1 
ATOM   879  C  CD  . ARG C 1 40 ? 8.331   12.876  -16.082 1.00 22.81 ?  134 ARG B CD  1 
ATOM   880  N  NE  . ARG C 1 40 ? 8.987   12.746  -17.380 1.00 22.98 ?  134 ARG B NE  1 
ATOM   881  C  CZ  . ARG C 1 40 ? 8.536   12.035  -18.406 1.00 20.56 ?  134 ARG B CZ  1 
ATOM   882  N  NH1 . ARG C 1 40 ? 7.355   11.441  -18.375 1.00 18.79 ?  134 ARG B NH1 1 
ATOM   883  N  NH2 . ARG C 1 40 ? 9.286   11.928  -19.496 1.00 21.49 ?  134 ARG B NH2 1 
ATOM   884  N  N   . ASP C 1 41 ? 12.429  12.746  -13.356 1.00 21.34 ?  135 ASP B N   1 
ATOM   885  C  CA  . ASP C 1 41 ? 13.620  13.576  -13.478 1.00 23.19 ?  135 ASP B CA  1 
ATOM   886  C  C   . ASP C 1 41 ? 14.662  13.268  -12.411 1.00 24.39 ?  135 ASP B C   1 
ATOM   887  O  O   . ASP C 1 41 ? 15.618  14.034  -12.252 1.00 25.00 ?  135 ASP B O   1 
ATOM   888  C  CB  . ASP C 1 41 ? 13.237  15.058  -13.405 1.00 24.42 ?  135 ASP B CB  1 
ATOM   889  C  CG  . ASP C 1 41 ? 12.259  15.462  -14.494 1.00 25.93 ?  135 ASP B CG  1 
ATOM   890  O  OD1 . ASP C 1 41 ? 12.504  15.113  -15.665 1.00 29.10 ?  135 ASP B OD1 1 
ATOM   891  O  OD2 . ASP C 1 41 ? 11.247  16.124  -14.173 1.00 28.04 ?  135 ASP B OD2 1 
ATOM   892  N  N   . HIS C 1 42 ? 14.490  12.180  -11.664 1.00 20.59 ?  136 HIS B N   1 
ATOM   893  C  CA  . HIS C 1 42 ? 15.362  11.798  -10.569 1.00 20.93 ?  136 HIS B CA  1 
ATOM   894  C  C   . HIS C 1 42 ? 16.155  10.555  -10.962 1.00 21.98 ?  136 HIS B C   1 
ATOM   895  O  O   . HIS C 1 42 ? 16.048  10.052  -12.084 1.00 23.30 ?  136 HIS B O   1 
ATOM   896  C  CB  . HIS C 1 42 ? 14.527  11.520  -9.318  1.00 20.28 ?  136 HIS B CB  1 
ATOM   897  C  CG  . HIS C 1 42 ? 13.792  12.716  -8.799  1.00 20.62 ?  136 HIS B CG  1 
ATOM   898  N  ND1 . HIS C 1 42 ? 12.882  12.634  -7.768  1.00 18.54 ?  136 HIS B ND1 1 
ATOM   899  C  CD2 . HIS C 1 42 ? 13.832  14.020  -9.163  1.00 22.07 ?  136 HIS B CD2 1 
ATOM   900  C  CE1 . HIS C 1 42 ? 12.395  13.836  -7.515  1.00 21.86 ?  136 HIS B CE1 1 
ATOM   901  N  NE2 . HIS C 1 42 ? 12.948  14.693  -8.354  1.00 22.34 ?  136 HIS B NE2 1 
ATOM   902  N  N   . ARG C 1 43 ? 16.945  10.048  -10.013 1.00 22.37 ?  137 ARG B N   1 
ATOM   903  C  CA  . ARG C 1 43 ? 17.733  8.824   -10.203 1.00 21.80 ?  137 ARG B CA  1 
ATOM   904  C  C   . ARG C 1 43 ? 16.819  7.623   -10.002 1.00 22.83 ?  137 ARG B C   1 
ATOM   905  O  O   . ARG C 1 43 ? 16.745  7.045   -8.919  1.00 26.31 ?  137 ARG B O   1 
ATOM   906  C  CB  . ARG C 1 43 ? 18.890  8.765   -9.210  1.00 22.67 ?  137 ARG B CB  1 
ATOM   907  C  CG  . ARG C 1 43 ? 20.003  9.769   -9.451  1.00 25.41 ?  137 ARG B CG  1 
ATOM   908  C  CD  . ARG C 1 43 ? 21.129  9.539   -8.455  1.00 26.00 ?  137 ARG B CD  1 
ATOM   909  N  NE  . ARG C 1 43 ? 20.633  9.579   -7.083  1.00 25.70 ?  137 ARG B NE  1 
ATOM   910  C  CZ  . ARG C 1 43 ? 21.102  8.839   -6.089  1.00 27.89 ?  137 ARG B CZ  1 
ATOM   911  N  NH1 . ARG C 1 43 ? 22.097  7.986   -6.272  1.00 29.81 ?  137 ARG B NH1 1 
ATOM   912  N  NH2 . ARG C 1 43 ? 20.559  8.960   -4.880  1.00 28.16 ?  137 ARG B NH2 1 
ATOM   913  N  N   . TYR C 1 44 ? 16.144  7.203   -11.059 1.00 21.01 ?  138 TYR B N   1 
ATOM   914  C  CA  . TYR C 1 44 ? 15.174  6.126   -10.931 1.00 21.53 ?  138 TYR B CA  1 
ATOM   915  C  C   . TYR C 1 44 ? 15.785  4.770   -11.276 1.00 21.36 ?  138 TYR B C   1 
ATOM   916  O  O   . TYR C 1 44 ? 16.813  4.676   -11.950 1.00 21.85 ?  138 TYR B O   1 
ATOM   917  C  CB  . TYR C 1 44 ? 13.948  6.406   -11.799 1.00 20.59 ?  138 TYR B CB  1 
ATOM   918  C  CG  . TYR C 1 44 ? 14.197  6.415   -13.286 1.00 19.99 ?  138 TYR B CG  1 
ATOM   919  C  CD1 . TYR C 1 44 ? 14.123  5.242   -14.022 1.00 21.75 ?  138 TYR B CD1 1 
ATOM   920  C  CD2 . TYR C 1 44 ? 14.459  7.595   -13.959 1.00 23.09 ?  138 TYR B CD2 1 
ATOM   921  C  CE1 . TYR C 1 44 ? 14.328  5.240   -15.384 1.00 23.57 ?  138 TYR B CE1 1 
ATOM   922  C  CE2 . TYR C 1 44 ? 14.671  7.604   -15.327 1.00 23.72 ?  138 TYR B CE2 1 
ATOM   923  C  CZ  . TYR C 1 44 ? 14.601  6.421   -16.029 1.00 25.55 ?  138 TYR B CZ  1 
ATOM   924  O  OH  . TYR C 1 44 ? 14.802  6.422   -17.390 1.00 30.74 ?  138 TYR B OH  1 
ATOM   925  N  N   . ARG C 1 45 ? 15.116  3.708   -10.815 1.00 18.91 ?  139 ARG B N   1 
ATOM   926  C  CA  . ARG C 1 45 ? 15.514  2.322   -11.062 1.00 18.68 ?  139 ARG B CA  1 
ATOM   927  C  C   . ARG C 1 45 ? 14.326  1.597   -11.684 1.00 18.33 ?  139 ARG B C   1 
ATOM   928  O  O   . ARG C 1 45 ? 13.300  1.393   -11.024 1.00 16.45 ?  139 ARG B O   1 
ATOM   929  C  CB  . ARG C 1 45 ? 15.937  1.625   -9.768  1.00 18.86 ?  139 ARG B CB  1 
ATOM   930  C  CG  . ARG C 1 45 ? 16.465  0.209   -9.977  1.00 18.78 ?  139 ARG B CG  1 
ATOM   931  C  CD  . ARG C 1 45 ? 16.288  -0.660  -8.722  1.00 18.04 ?  139 ARG B CD  1 
ATOM   932  N  NE  . ARG C 1 45 ? 14.887  -0.997  -8.474  1.00 16.08 ?  139 ARG B NE  1 
ATOM   933  C  CZ  . ARG C 1 45 ? 14.343  -1.096  -7.263  1.00 15.38 ?  139 ARG B CZ  1 
ATOM   934  N  NH1 . ARG C 1 45 ? 15.052  -0.904  -6.164  1.00 16.41 ?  139 ARG B NH1 1 
ATOM   935  N  NH2 . ARG C 1 45 ? 13.042  -1.355  -7.151  1.00 14.65 ?  139 ARG B NH2 1 
ATOM   936  N  N   . MET C 1 46 ? 14.447  1.217   -12.951 1.00 18.81 ?  140 MET B N   1 
ATOM   937  C  CA  . MET C 1 46 ? 13.420  0.407   -13.591 1.00 18.48 ?  140 MET B CA  1 
ATOM   938  C  C   . MET C 1 46 ? 13.777  -1.056  -13.384 1.00 18.87 ?  140 MET B C   1 
ATOM   939  O  O   . MET C 1 46 ? 14.883  -1.488  -13.728 1.00 20.33 ?  140 MET B O   1 
ATOM   940  C  CB  . MET C 1 46 ? 13.312  0.721   -15.082 1.00 19.63 ?  140 MET B CB  1 
ATOM   941  C  CG  . MET C 1 46 ? 12.040  0.183   -15.759 1.00 20.01 ?  140 MET B CG  1 
ATOM   942  S  SD  . MET C 1 46 ? 11.905  -1.610  -15.925 1.00 22.18 ?  140 MET B SD  1 
ATOM   943  C  CE  . MET C 1 46 ? 12.589  -1.842  -17.558 1.00 23.43 ?  140 MET B CE  1 
ATOM   944  N  N   . THR C 1 47 ? 12.867  -1.807  -12.782 1.00 16.11 ?  141 THR B N   1 
ATOM   945  C  CA  . THR C 1 47 ? 13.006  -3.241  -12.586 1.00 18.01 ?  141 THR B CA  1 
ATOM   946  C  C   . THR C 1 47 ? 11.724  -3.881  -13.094 1.00 17.84 ?  141 THR B C   1 
ATOM   947  O  O   . THR C 1 47 ? 10.625  -3.488  -12.683 1.00 16.80 ?  141 THR B O   1 
ATOM   948  C  CB  . THR C 1 47 ? 13.202  -3.568  -11.095 1.00 18.00 ?  141 THR B CB  1 
ATOM   949  O  OG1 . THR C 1 47 ? 14.307  -2.814  -10.578 1.00 18.13 ?  141 THR B OG1 1 
ATOM   950  C  CG2 . THR C 1 47 ? 13.453  -5.071  -10.901 1.00 19.12 ?  141 THR B CG2 1 
ATOM   951  N  N   . THR C 1 48 ? 11.848  -4.846  -13.999 1.00 19.11 ?  142 THR B N   1 
ATOM   952  C  CA  . THR C 1 48 ? 10.647  -5.489  -14.503 1.00 19.65 ?  142 THR B CA  1 
ATOM   953  C  C   . THR C 1 48 ? 10.073  -6.398  -13.426 1.00 20.75 ?  142 THR B C   1 
ATOM   954  O  O   . THR C 1 48 ? 10.805  -6.997  -12.638 1.00 23.13 ?  142 THR B O   1 
ATOM   955  C  CB  . THR C 1 48 ? 10.946  -6.278  -15.776 1.00 24.15 ?  142 THR B CB  1 
ATOM   956  O  OG1 . THR C 1 48 ? 11.886  -7.307  -15.480 1.00 28.83 ?  142 THR B OG1 1 
ATOM   957  C  CG2 . THR C 1 48 ? 11.538  -5.379  -16.816 1.00 23.60 ?  142 THR B CG2 1 
ATOM   958  N  N   . SER C 1 49 ? 8.747   -6.490  -13.384 1.00 19.02 ?  143 SER B N   1 
ATOM   959  C  CA  . SER C 1 49 ? 8.096   -7.266  -12.338 1.00 21.97 ?  143 SER B CA  1 
ATOM   960  C  C   . SER C 1 49 ? 8.278   -8.756  -12.580 1.00 29.15 ?  143 SER B C   1 
ATOM   961  O  O   . SER C 1 49 ? 8.187   -9.234  -13.711 1.00 32.10 ?  143 SER B O   1 
ATOM   962  C  CB  . SER C 1 49 ? 6.596   -6.966  -12.291 1.00 19.45 ?  143 SER B CB  1 
ATOM   963  O  OG  . SER C 1 49 ? 5.936   -7.888  -11.436 1.00 22.93 ?  143 SER B OG  1 
ATOM   964  N  N   . GLY C 1 50 ? 8.520   -9.487  -11.499 1.00 33.22 ?  144 GLY B N   1 
ATOM   965  C  CA  . GLY C 1 50 ? 8.347   -10.924 -11.519 1.00 34.00 ?  144 GLY B CA  1 
ATOM   966  C  C   . GLY C 1 50 ? 6.987   -11.321 -10.978 1.00 33.05 ?  144 GLY B C   1 
ATOM   967  O  O   . GLY C 1 50 ? 6.901   -12.108 -10.028 1.00 38.81 ?  144 GLY B O   1 
ATOM   968  N  N   . GLY C 1 51 ? 5.920   -10.794 -11.587 1.00 38.28 ?  145 GLY B N   1 
ATOM   969  C  CA  . GLY C 1 51 ? 4.556   -11.098 -11.190 1.00 36.56 ?  145 GLY B CA  1 
ATOM   970  C  C   . GLY C 1 51 ? 4.210   -10.635 -9.792  1.00 31.06 ?  145 GLY B C   1 
ATOM   971  O  O   . GLY C 1 51 ? 4.958   -10.877 -8.846  1.00 34.87 ?  145 GLY B O   1 
ATOM   972  N  N   . GLY C 1 52 ? 3.084   -9.960  -9.635  1.00 29.98 ?  146 GLY B N   1 
ATOM   973  C  CA  . GLY C 1 52 ? 2.730   -9.495  -8.315  1.00 27.24 ?  146 GLY B CA  1 
ATOM   974  C  C   . GLY C 1 52 ? 3.552   -8.293  -7.886  1.00 25.57 ?  146 GLY B C   1 
ATOM   975  O  O   . GLY C 1 52 ? 4.358   -7.726  -8.638  1.00 25.37 ?  146 GLY B O   1 
ATOM   976  N  N   . GLY C 1 53 ? 3.361   -7.928  -6.622  1.00 22.86 ?  147 GLY B N   1 
ATOM   977  C  CA  . GLY C 1 53 ? 3.735   -6.613  -6.153  1.00 21.57 ?  147 GLY B CA  1 
ATOM   978  C  C   . GLY C 1 53 ? 2.722   -5.599  -6.647  1.00 20.06 ?  147 GLY B C   1 
ATOM   979  O  O   . GLY C 1 53 ? 1.835   -5.898  -7.448  1.00 19.89 ?  147 GLY B O   1 
ATOM   980  N  N   . PHE C 1 54 ? 2.849   -4.373  -6.156  1.00 16.63 ?  148 PHE B N   1 
ATOM   981  C  CA  . PHE C 1 54 ? 1.825   -3.378  -6.427  1.00 15.30 ?  148 PHE B CA  1 
ATOM   982  C  C   . PHE C 1 54 ? 2.423   -1.978  -6.439  1.00 14.67 ?  148 PHE B C   1 
ATOM   983  O  O   . PHE C 1 54 ? 3.489   -1.721  -5.869  1.00 14.38 ?  148 PHE B O   1 
ATOM   984  C  CB  . PHE C 1 54 ? 0.651   -3.446  -5.424  1.00 15.80 ?  148 PHE B CB  1 
ATOM   985  C  CG  . PHE C 1 54 ? 1.069   -3.345  -3.968  1.00 17.52 ?  148 PHE B CG  1 
ATOM   986  C  CD1 . PHE C 1 54 ? 1.434   -4.489  -3.251  1.00 17.66 ?  148 PHE B CD1 1 
ATOM   987  C  CD2 . PHE C 1 54 ? 1.098   -2.118  -3.316  1.00 15.66 ?  148 PHE B CD2 1 
ATOM   988  C  CE1 . PHE C 1 54 ? 1.811   -4.409  -1.911  1.00 19.66 ?  148 PHE B CE1 1 
ATOM   989  C  CE2 . PHE C 1 54 ? 1.470   -2.032  -1.969  1.00 17.45 ?  148 PHE B CE2 1 
ATOM   990  C  CZ  . PHE C 1 54 ? 1.837   -3.185  -1.276  1.00 17.40 ?  148 PHE B CZ  1 
ATOM   991  N  N   . CYS C 1 55 ? 1.707   -1.069  -7.096  1.00 14.35 ?  149 CYS B N   1 
ATOM   992  C  CA  . CYS C 1 55 ? 2.129   0.319   -7.177  1.00 14.40 ?  149 CYS B CA  1 
ATOM   993  C  C   . CYS C 1 55 ? 1.926   1.010   -5.832  1.00 14.30 ?  149 CYS B C   1 
ATOM   994  O  O   . CYS C 1 55 ? 0.868   0.872   -5.204  1.00 15.19 ?  149 CYS B O   1 
ATOM   995  C  CB  . CYS C 1 55 ? 1.275   1.033   -8.236  1.00 16.15 ?  149 CYS B CB  1 
ATOM   996  S  SG  . CYS C 1 55 ? 1.742   2.773   -8.484  1.00 14.63 ?  149 CYS B SG  1 
ATOM   997  N  N   . ASP C 1 56 ? 2.918   1.797   -5.427  1.00 12.83 ?  150 ASP B N   1 
ATOM   998  C  CA  . ASP C 1 56 ? 2.897   2.549   -4.175  1.00 14.86 ?  150 ASP B CA  1 
ATOM   999  C  C   . ASP C 1 56 ? 2.527   4.018   -4.346  1.00 14.79 ?  150 ASP B C   1 
ATOM   1000 O  O   . ASP C 1 56 ? 2.723   4.799   -3.416  1.00 14.82 ?  150 ASP B O   1 
ATOM   1001 C  CB  . ASP C 1 56 ? 4.231   2.426   -3.428  1.00 14.99 ?  150 ASP B CB  1 
ATOM   1002 C  CG  . ASP C 1 56 ? 4.604   0.986   -3.145  1.00 14.55 ?  150 ASP B CG  1 
ATOM   1003 O  OD1 . ASP C 1 56 ? 3.783   0.290   -2.508  1.00 15.00 ?  150 ASP B OD1 1 
ATOM   1004 O  OD2 . ASP C 1 56 ? 5.717   0.541   -3.523  1.00 14.41 -1 150 ASP B OD2 1 
ATOM   1005 N  N   . CYS C 1 57 ? 2.000   4.408   -5.506  1.00 14.92 ?  151 CYS B N   1 
ATOM   1006 C  CA  . CYS C 1 57 ? 1.508   5.772   -5.665  1.00 14.99 ?  151 CYS B CA  1 
ATOM   1007 C  C   . CYS C 1 57 ? 0.456   6.074   -4.612  1.00 14.93 ?  151 CYS B C   1 
ATOM   1008 O  O   . CYS C 1 57 ? -0.481  5.292   -4.425  1.00 16.10 ?  151 CYS B O   1 
ATOM   1009 C  CB  . CYS C 1 57 ? 0.881   5.950   -7.041  1.00 14.06 ?  151 CYS B CB  1 
ATOM   1010 S  SG  . CYS C 1 57 ? 0.291   7.651   -7.329  1.00 16.67 ?  151 CYS B SG  1 
ATOM   1011 N  N   . GLY C 1 58 ? 0.623   7.206   -3.939  1.00 15.61 ?  152 GLY B N   1 
ATOM   1012 C  CA  . GLY C 1 58 ? -0.327  7.626   -2.937  1.00 17.37 ?  152 GLY B CA  1 
ATOM   1013 C  C   . GLY C 1 58 ? -0.154  6.987   -1.583  1.00 19.32 ?  152 GLY B C   1 
ATOM   1014 O  O   . GLY C 1 58 ? -1.006  7.202   -0.710  1.00 19.99 ?  152 GLY B O   1 
ATOM   1015 N  N   . ASP C 1 59 ? 0.896   6.191   -1.376  1.00 16.99 ?  153 ASP B N   1 
ATOM   1016 C  CA  . ASP C 1 59 ? 1.238   5.742   -0.029  1.00 15.27 ?  153 ASP B CA  1 
ATOM   1017 C  C   . ASP C 1 59 ? 2.284   6.721   0.483   1.00 18.24 ?  153 ASP B C   1 
ATOM   1018 O  O   . ASP C 1 59 ? 3.466   6.634   0.143   1.00 16.37 ?  153 ASP B O   1 
ATOM   1019 C  CB  . ASP C 1 59 ? 1.770   4.314   -0.016  1.00 15.77 ?  153 ASP B CB  1 
ATOM   1020 C  CG  . ASP C 1 59 ? 1.981   3.800   1.397   1.00 17.92 ?  153 ASP B CG  1 
ATOM   1021 O  OD1 . ASP C 1 59 ? 1.829   4.601   2.353   1.00 17.49 ?  153 ASP B OD1 1 
ATOM   1022 O  OD2 . ASP C 1 59 ? 2.307   2.606   1.559   1.00 16.81 -1 153 ASP B OD2 1 
ATOM   1023 N  N   . THR C 1 60 ? 1.856   7.663   1.314   1.00 17.62 ?  154 THR B N   1 
ATOM   1024 C  CA  . THR C 1 60 ? 2.789   8.668   1.800   1.00 18.76 ?  154 THR B CA  1 
ATOM   1025 C  C   . THR C 1 60 ? 3.870   8.059   2.676   1.00 18.83 ?  154 THR B C   1 
ATOM   1026 O  O   . THR C 1 60 ? 4.904   8.692   2.891   1.00 22.13 ?  154 THR B O   1 
ATOM   1027 C  CB  . THR C 1 60 ? 2.043   9.804   2.517   1.00 19.83 ?  154 THR B CB  1 
ATOM   1028 O  OG1 . THR C 1 60 ? 1.214   9.263   3.556   1.00 21.88 ?  154 THR B OG1 1 
ATOM   1029 C  CG2 . THR C 1 60 ? 1.171   10.583  1.535   1.00 21.27 ?  154 THR B CG2 1 
ATOM   1030 N  N   . GLU C 1 61 ? 3.668   6.834   3.159   1.00 18.65 ?  155 GLU B N   1 
ATOM   1031 C  CA  . GLU C 1 61 ? 4.716   6.155   3.910   1.00 19.74 ?  155 GLU B CA  1 
ATOM   1032 C  C   . GLU C 1 61 ? 5.821   5.582   3.027   1.00 18.69 ?  155 GLU B C   1 
ATOM   1033 O  O   . GLU C 1 61 ? 6.865   5.176   3.552   1.00 18.66 ?  155 GLU B O   1 
ATOM   1034 C  CB  . GLU C 1 61 ? 4.102   5.042   4.768   1.00 20.92 ?  155 GLU B CB  1 
ATOM   1035 C  CG  . GLU C 1 61 ? 3.055   5.529   5.766   1.00 23.23 ?  155 GLU B CG  1 
ATOM   1036 C  CD  . GLU C 1 61 ? 3.586   5.666   7.186   1.00 24.26 ?  155 GLU B CD  1 
ATOM   1037 O  OE1 . GLU C 1 61 ? 4.594   5.004   7.517   1.00 27.17 ?  155 GLU B OE1 1 
ATOM   1038 O  OE2 . GLU C 1 61 ? 2.984   6.428   7.979   1.00 25.87 -1 155 GLU B OE2 1 
ATOM   1039 N  N   . ALA C 1 62 ? 5.638   5.549   1.704   1.00 17.35 ?  156 ALA B N   1 
ATOM   1040 C  CA  . ALA C 1 62 ? 6.598   4.929   0.797   1.00 16.62 ?  156 ALA B CA  1 
ATOM   1041 C  C   . ALA C 1 62 ? 7.562   5.924   0.166   1.00 16.75 ?  156 ALA B C   1 
ATOM   1042 O  O   . ALA C 1 62 ? 8.529   5.499   -0.480  1.00 16.33 ?  156 ALA B O   1 
ATOM   1043 C  CB  . ALA C 1 62 ? 5.861   4.181   -0.326  1.00 16.69 ?  156 ALA B CB  1 
ATOM   1044 N  N   . TRP C 1 63 ? 7.336   7.224   0.337   1.00 18.11 ?  157 TRP B N   1 
ATOM   1045 C  CA  . TRP C 1 63 ? 8.065   8.246   -0.397  1.00 17.09 ?  157 TRP B CA  1 
ATOM   1046 C  C   . TRP C 1 63 ? 8.439   9.384   0.538   1.00 19.33 ?  157 TRP B C   1 
ATOM   1047 O  O   . TRP C 1 63 ? 7.610   9.847   1.324   1.00 20.89 ?  157 TRP B O   1 
ATOM   1048 C  CB  . TRP C 1 63 ? 7.226   8.791   -1.581  1.00 18.46 ?  157 TRP B CB  1 
ATOM   1049 C  CG  . TRP C 1 63 ? 6.739   7.681   -2.462  1.00 15.34 ?  157 TRP B CG  1 
ATOM   1050 C  CD1 . TRP C 1 63 ? 5.491   7.118   -2.468  1.00 16.20 ?  157 TRP B CD1 1 
ATOM   1051 C  CD2 . TRP C 1 63 ? 7.516   6.937   -3.415  1.00 16.04 ?  157 TRP B CD2 1 
ATOM   1052 N  NE1 . TRP C 1 63 ? 5.433   6.092   -3.377  1.00 15.75 ?  157 TRP B NE1 1 
ATOM   1053 C  CE2 . TRP C 1 63 ? 6.664   5.957   -3.967  1.00 14.42 ?  157 TRP B CE2 1 
ATOM   1054 C  CE3 . TRP C 1 63 ? 8.844   7.017   -3.872  1.00 16.65 ?  157 TRP B CE3 1 
ATOM   1055 C  CZ2 . TRP C 1 63 ? 7.096   5.056   -4.947  1.00 15.60 ?  157 TRP B CZ2 1 
ATOM   1056 C  CZ3 . TRP C 1 63 ? 9.267   6.116   -4.846  1.00 15.90 ?  157 TRP B CZ3 1 
ATOM   1057 C  CH2 . TRP C 1 63 ? 8.396   5.148   -5.366  1.00 15.70 ?  157 TRP B CH2 1 
ATOM   1058 N  N   . LYS C 1 64 ? 9.684   9.841   0.431   1.00 19.83 ?  158 LYS B N   1 
ATOM   1059 C  CA  . LYS C 1 64 ? 10.132  11.012  1.173   1.00 21.62 ?  158 LYS B CA  1 
ATOM   1060 C  C   . LYS C 1 64 ? 9.635   12.307  0.549   1.00 21.88 ?  158 LYS B C   1 
ATOM   1061 O  O   . LYS C 1 64 ? 9.567   13.332  1.238   1.00 22.82 ?  158 LYS B O   1 
ATOM   1062 C  CB  . LYS C 1 64 ? 11.659  11.041  1.171   1.00 22.81 ?  158 LYS B CB  1 
ATOM   1063 C  CG  . LYS C 1 64 ? 12.285  9.968   2.036   1.00 25.40 ?  158 LYS B CG  1 
ATOM   1064 C  CD  . LYS C 1 64 ? 13.803  10.070  2.047   1.00 26.37 ?  158 LYS B CD  1 
ATOM   1065 C  CE  . LYS C 1 64 ? 14.425  9.107   1.061   1.00 27.14 ?  158 LYS B CE  1 
ATOM   1066 N  NZ  . LYS C 1 64 ? 15.743  8.594   1.541   1.00 31.74 ?  158 LYS B NZ  1 
ATOM   1067 N  N   . GLU C 1 65 ? 9.300   12.275  -0.738  1.00 19.50 ?  159 GLU B N   1 
ATOM   1068 C  CA  . GLU C 1 65 ? 8.862   13.415  -1.524  1.00 21.05 ?  159 GLU B CA  1 
ATOM   1069 C  C   . GLU C 1 65 ? 8.053   12.868  -2.688  1.00 21.52 ?  159 GLU B C   1 
ATOM   1070 O  O   . GLU C 1 65 ? 8.305   11.756  -3.157  1.00 19.84 ?  159 GLU B O   1 
ATOM   1071 C  CB  . GLU C 1 65 ? 10.078  14.183  -2.055  1.00 24.08 ?  159 GLU B CB  1 
ATOM   1072 C  CG  . GLU C 1 65 ? 9.750   15.525  -2.661  1.00 29.01 ?  159 GLU B CG  1 
ATOM   1073 C  CD  . GLU C 1 65 ? 10.980  16.261  -3.170  1.00 38.66 ?  159 GLU B CD  1 
ATOM   1074 O  OE1 . GLU C 1 65 ? 12.078  15.663  -3.180  1.00 40.67 ?  159 GLU B OE1 1 
ATOM   1075 O  OE2 . GLU C 1 65 ? 10.834  17.428  -3.597  1.00 44.74 -1 159 GLU B OE2 1 
ATOM   1076 N  N   . GLY C 1 66 ? 7.074   13.648  -3.132  1.00 20.99 ?  160 GLY B N   1 
ATOM   1077 C  CA  . GLY C 1 66 ? 6.264   13.311  -4.283  1.00 20.77 ?  160 GLY B CA  1 
ATOM   1078 C  C   . GLY C 1 66 ? 5.561   11.966  -4.213  1.00 19.89 ?  160 GLY B C   1 
ATOM   1079 O  O   . GLY C 1 66 ? 5.708   11.126  -5.111  1.00 19.68 ?  160 GLY B O   1 
ATOM   1080 N  N   . PRO C 1 67 ? 4.752   11.740  -3.173  1.00 18.91 ?  161 PRO B N   1 
ATOM   1081 C  CA  . PRO C 1 67 ? 4.075   10.438  -3.060  1.00 17.86 ?  161 PRO B CA  1 
ATOM   1082 C  C   . PRO C 1 67 ? 2.955   10.225  -4.071  1.00 18.30 ?  161 PRO B C   1 
ATOM   1083 O  O   . PRO C 1 67 ? 2.555   9.075   -4.281  1.00 17.59 ?  161 PRO B O   1 
ATOM   1084 C  CB  . PRO C 1 67 ? 3.522   10.459  -1.627  1.00 18.22 ?  161 PRO B CB  1 
ATOM   1085 C  CG  . PRO C 1 67 ? 3.292   11.914  -1.371  1.00 19.55 ?  161 PRO B CG  1 
ATOM   1086 C  CD  . PRO C 1 67 ? 4.473   12.596  -2.001  1.00 19.49 ?  161 PRO B CD  1 
ATOM   1087 N  N   . TYR C 1 68 ? 2.410   11.279  -4.681  1.00 17.96 ?  162 TYR B N   1 
ATOM   1088 C  CA  . TYR C 1 68 ? 1.329   11.142  -5.653  1.00 17.81 ?  162 TYR B CA  1 
ATOM   1089 C  C   . TYR C 1 68 ? 1.780   11.597  -7.035  1.00 19.75 ?  162 TYR B C   1 
ATOM   1090 O  O   . TYR C 1 68 ? 2.436   12.637  -7.172  1.00 20.45 ?  162 TYR B O   1 
ATOM   1091 C  CB  . TYR C 1 68 ? 0.123   12.014  -5.282  1.00 19.81 ?  162 TYR B CB  1 
ATOM   1092 C  CG  . TYR C 1 68 ? -0.536  11.699  -3.958  1.00 20.05 ?  162 TYR B CG  1 
ATOM   1093 C  CD1 . TYR C 1 68 ? -1.559  10.758  -3.867  1.00 20.90 ?  162 TYR B CD1 1 
ATOM   1094 C  CD2 . TYR C 1 68 ? -0.150  12.361  -2.804  1.00 21.44 ?  162 TYR B CD2 1 
ATOM   1095 C  CE1 . TYR C 1 68 ? -2.174  10.485  -2.650  1.00 22.27 ?  162 TYR B CE1 1 
ATOM   1096 C  CE2 . TYR C 1 68 ? -0.756  12.096  -1.594  1.00 22.01 ?  162 TYR B CE2 1 
ATOM   1097 C  CZ  . TYR C 1 68 ? -1.759  11.160  -1.525  1.00 22.99 ?  162 TYR B CZ  1 
ATOM   1098 O  OH  . TYR C 1 68 ? -2.344  10.897  -0.305  1.00 25.16 ?  162 TYR B OH  1 
ATOM   1099 N  N   . CYS C 1 69 ? 1.386   10.841  -8.057  1.00 18.52 ?  163 CYS B N   1 
ATOM   1100 C  CA  . CYS C 1 69 ? 1.485   11.315  -9.428  1.00 19.29 ?  163 CYS B CA  1 
ATOM   1101 C  C   . CYS C 1 69 ? 0.373   12.330  -9.713  1.00 19.62 ?  163 CYS B C   1 
ATOM   1102 O  O   . CYS C 1 69 ? -0.526  12.559  -8.894  1.00 19.87 ?  163 CYS B O   1 
ATOM   1103 C  CB  . CYS C 1 69 ? 1.428   10.143  -10.407 1.00 18.95 ?  163 CYS B CB  1 
ATOM   1104 S  SG  . CYS C 1 69 ? -0.219  9.507   -10.643 1.00 16.51 ?  163 CYS B SG  1 
ATOM   1105 N  N   . GLN C 1 70 ? 0.432   12.933  -10.910 1.00 19.88 ?  164 GLN B N   1 
ATOM   1106 C  CA  . GLN C 1 70 ? -0.520  13.978  -11.271 1.00 22.22 ?  164 GLN B CA  1 
ATOM   1107 C  C   . GLN C 1 70 ? -1.949  13.447  -11.326 1.00 22.78 ?  164 GLN B C   1 
ATOM   1108 O  O   . GLN C 1 70 ? -2.895  14.191  -11.048 1.00 22.65 ?  164 GLN B O   1 
ATOM   1109 C  CB  . GLN C 1 70 ? -0.140  14.599  -12.623 1.00 23.23 ?  164 GLN B CB  1 
ATOM   1110 C  CG  . GLN C 1 70 ? -0.195  13.624  -13.812 1.00 26.78 ?  164 GLN B CG  1 
ATOM   1111 C  CD  . GLN C 1 70 ? 0.686   14.019  -15.004 1.00 27.14 ?  164 GLN B CD  1 
ATOM   1112 O  OE1 . GLN C 1 70 ? 1.610   14.834  -14.889 1.00 31.26 ?  164 GLN B OE1 1 
ATOM   1113 N  NE2 . GLN C 1 70 ? 0.387   13.440  -16.164 1.00 24.84 ?  164 GLN B NE2 1 
ATOM   1114 N  N   . LYS C 1 71 ? -2.134  12.174  -11.678 1.00 20.10 ?  165 LYS B N   1 
ATOM   1115 C  CA  . LYS C 1 71 ? -3.484  11.628  -11.776 1.00 21.69 ?  165 LYS B CA  1 
ATOM   1116 C  C   . LYS C 1 71 ? -4.103  11.424  -10.399 1.00 22.87 ?  165 LYS B C   1 
ATOM   1117 O  O   . LYS C 1 71 ? -5.309  11.634  -10.223 1.00 22.92 ?  165 LYS B O   1 
ATOM   1118 C  CB  . LYS C 1 71 ? -3.469  10.321  -12.575 1.00 20.21 ?  165 LYS B CB  1 
ATOM   1119 C  CG  . LYS C 1 71 ? -4.801  9.565   -12.624 1.00 24.88 ?  165 LYS B CG  1 
ATOM   1120 C  CD  . LYS C 1 71 ? -4.663  8.284   -13.434 1.00 24.94 ?  165 LYS B CD  1 
ATOM   1121 C  CE  . LYS C 1 71 ? -5.899  7.999   -14.282 1.00 29.20 ?  165 LYS B CE  1 
ATOM   1122 N  NZ  . LYS C 1 71 ? -5.617  6.982   -15.350 1.00 27.99 ?  165 LYS B NZ  1 
ATOM   1123 N  N   . HIS C 1 72 ? -3.298  11.043  -9.409  1.00 19.80 ?  166 HIS B N   1 
ATOM   1124 C  CA  . HIS C 1 72 ? -3.811  10.598  -8.122  1.00 20.24 ?  166 HIS B CA  1 
ATOM   1125 C  C   . HIS C 1 72 ? -3.637  11.617  -7.008  1.00 20.47 ?  166 HIS B C   1 
ATOM   1126 O  O   . HIS C 1 72 ? -4.118  11.378  -5.895  1.00 23.64 ?  166 HIS B O   1 
ATOM   1127 C  CB  . HIS C 1 72 ? -3.155  9.262   -7.756  1.00 19.75 ?  166 HIS B CB  1 
ATOM   1128 C  CG  . HIS C 1 72 ? -3.491  8.171   -8.716  1.00 18.11 ?  166 HIS B CG  1 
ATOM   1129 N  ND1 . HIS C 1 72 ? -2.533  7.500   -9.448  1.00 17.06 ?  166 HIS B ND1 1 
ATOM   1130 C  CD2 . HIS C 1 72 ? -4.684  7.661   -9.102  1.00 20.99 ?  166 HIS B CD2 1 
ATOM   1131 C  CE1 . HIS C 1 72 ? -3.118  6.612   -10.228 1.00 18.40 ?  166 HIS B CE1 1 
ATOM   1132 N  NE2 . HIS C 1 72 ? -4.427  6.696   -10.044 1.00 20.19 ?  166 HIS B NE2 1 
ATOM   1133 N  N   . GLU C 1 73 ? -2.991  12.746  -7.277  1.00 23.32 ?  167 GLU B N   1 
ATOM   1134 C  CA  . GLU C 1 73 ? -2.798  13.787  -6.270  1.00 24.38 ?  167 GLU B CA  1 
ATOM   1135 C  C   . GLU C 1 73 ? -4.115  14.438  -5.839  1.00 28.49 ?  167 GLU B C   1 
ATOM   1136 O  O   . GLU C 1 73 ? -4.125  15.259  -4.920  1.00 34.97 ?  167 GLU B O   1 
ATOM   1137 C  CB  . GLU C 1 73 ? -1.830  14.855  -6.782  1.00 25.73 ?  167 GLU B CB  1 
ATOM   1138 C  CG  . GLU C 1 73 ? -2.378  15.667  -7.938  1.00 29.30 ?  167 GLU B CG  1 
ATOM   1139 C  CD  . GLU C 1 73 ? -1.342  16.588  -8.560  1.00 30.46 ?  167 GLU B CD  1 
ATOM   1140 O  OE1 . GLU C 1 73 ? -0.154  16.528  -8.174  1.00 33.61 ?  167 GLU B OE1 1 
ATOM   1141 O  OE2 . GLU C 1 73 ? -1.719  17.376  -9.450  1.00 38.01 -1 167 GLU B OE2 1 
ATOM   1142 O  OXT . GLU C 1 73 ? -5.190  14.168  -6.386  1.00 28.29 -1 167 GLU B OXT 1 
ATOM   1143 N  N   . ARG D 2 1  ? 4.383   -2.183  -3.239  1.00 14.79 ?  1   ARG D N   1 
ATOM   1144 C  CA  . ARG D 2 1  ? 5.778   -2.554  -2.999  1.00 15.24 ?  1   ARG D CA  1 
ATOM   1145 C  C   . ARG D 2 1  ? 6.157   -3.657  -3.979  1.00 15.80 ?  1   ARG D C   1 
ATOM   1146 O  O   . ARG D 2 1  ? 5.285   -4.368  -4.483  1.00 16.10 ?  1   ARG D O   1 
ATOM   1147 C  CB  . ARG D 2 1  ? 5.988   -3.015  -1.542  1.00 14.66 ?  1   ARG D CB  1 
ATOM   1148 C  CG  . ARG D 2 1  ? 5.534   -2.016  -0.457  1.00 14.66 ?  1   ARG D CG  1 
ATOM   1149 C  CD  . ARG D 2 1  ? 6.379   -0.743  -0.424  1.00 14.87 ?  1   ARG D CD  1 
ATOM   1150 N  NE  . ARG D 2 1  ? 6.165   0.043   0.795   1.00 16.26 ?  1   ARG D NE  1 
ATOM   1151 C  CZ  . ARG D 2 1  ? 5.090   0.776   1.067   1.00 15.98 ?  1   ARG D CZ  1 
ATOM   1152 N  NH1 . ARG D 2 1  ? 4.073   0.862   0.221   1.00 16.58 ?  1   ARG D NH1 1 
ATOM   1153 N  NH2 . ARG D 2 1  ? 5.031   1.431   2.227   1.00 18.19 ?  1   ARG D NH2 1 
ATOM   1154 N  N   . PHE D 2 2  ? 7.457   -3.818  -4.227  1.00 14.18 ?  2   PHE D N   1 
ATOM   1155 C  CA  . PHE D 2 2  ? 7.899   -4.632  -5.358  1.00 14.33 ?  2   PHE D CA  1 
ATOM   1156 C  C   . PHE D 2 2  ? 7.555   -6.112  -5.212  1.00 16.91 ?  2   PHE D C   1 
ATOM   1157 O  O   . PHE D 2 2  ? 7.131   -6.745  -6.183  1.00 17.72 ?  2   PHE D O   1 
ATOM   1158 C  CB  . PHE D 2 2  ? 9.396   -4.444  -5.598  1.00 15.28 ?  2   PHE D CB  1 
ATOM   1159 C  CG  . PHE D 2 2  ? 9.901   -5.220  -6.774  1.00 15.59 ?  2   PHE D CG  1 
ATOM   1160 C  CD1 . PHE D 2 2  ? 9.827   -4.689  -8.049  1.00 16.93 ?  2   PHE D CD1 1 
ATOM   1161 C  CD2 . PHE D 2 2  ? 10.429  -6.493  -6.605  1.00 17.32 ?  2   PHE D CD2 1 
ATOM   1162 C  CE1 . PHE D 2 2  ? 10.259  -5.404  -9.144  1.00 17.85 ?  2   PHE D CE1 1 
ATOM   1163 C  CE2 . PHE D 2 2  ? 10.873  -7.218  -7.695  1.00 18.65 ?  2   PHE D CE2 1 
ATOM   1164 C  CZ  . PHE D 2 2  ? 10.800  -6.671  -8.963  1.00 18.71 ?  2   PHE D CZ  1 
ATOM   1165 N  N   . PHE D 2 3  ? 7.749   -6.694  -4.033  1.00 17.23 ?  3   PHE D N   1 
ATOM   1166 C  CA  . PHE D 2 3  ? 7.600   -8.144  -3.884  1.00 19.35 ?  3   PHE D CA  1 
ATOM   1167 C  C   . PHE D 2 3  ? 6.166   -8.570  -3.591  1.00 22.94 ?  3   PHE D C   1 
ATOM   1168 O  O   . PHE D 2 3  ? 5.839   -9.758  -3.664  1.00 28.09 ?  3   PHE D O   1 
ATOM   1169 C  CB  . PHE D 2 3  ? 8.528   -8.690  -2.786  1.00 18.89 ?  3   PHE D CB  1 
ATOM   1170 C  CG  . PHE D 2 3  ? 9.983   -8.618  -3.139  1.00 16.86 ?  3   PHE D CG  1 
ATOM   1171 C  CD1 . PHE D 2 3  ? 10.487  -9.329  -4.220  1.00 18.25 ?  3   PHE D CD1 1 
ATOM   1172 C  CD2 . PHE D 2 3  ? 10.849  -7.831  -2.400  1.00 17.99 ?  3   PHE D CD2 1 
ATOM   1173 C  CE1 . PHE D 2 3  ? 11.818  -9.254  -4.552  1.00 17.28 ?  3   PHE D CE1 1 
ATOM   1174 C  CE2 . PHE D 2 3  ? 12.189  -7.750  -2.727  1.00 19.22 ?  3   PHE D CE2 1 
ATOM   1175 C  CZ  . PHE D 2 3  ? 12.673  -8.473  -3.824  1.00 18.85 ?  3   PHE D CZ  1 
HETATM 1176 N  N   . NH2 D 2 4  ? 5.321   -7.611  -3.244  1.00 21.02 ?  4   NH2 D N   1 
HETATM 1177 ZN ZN  . ZN  E 3 .  ? 0.181   -2.502  8.099   1.00 14.41 ?  201 ZN  A ZN  1 
HETATM 1178 ZN ZN  . ZN  F 3 .  ? 1.158   -6.562  6.711   1.00 15.85 ?  202 ZN  A ZN  1 
HETATM 1179 ZN ZN  . ZN  G 3 .  ? -11.240 -10.118 3.276   1.00 21.20 ?  203 ZN  A ZN  1 
HETATM 1180 ZN ZN  . ZN  H 3 .  ? 0.330   3.317   -10.232 1.00 14.97 ?  201 ZN  B ZN  1 
HETATM 1181 ZN ZN  . ZN  I 3 .  ? -0.517  7.543   -9.459  1.00 16.19 ?  202 ZN  B ZN  1 
HETATM 1182 ZN ZN  . ZN  J 3 .  ? 12.215  11.034  -6.646  1.00 18.21 ?  203 ZN  B ZN  1 
HETATM 1183 O  O   . HOH K 4 .  ? 8.290   -5.828  11.155  1.00 34.78 ?  301 HOH A O   1 
HETATM 1184 O  O   . HOH K 4 .  ? 7.514   -11.501 7.544   1.00 25.77 ?  302 HOH A O   1 
HETATM 1185 O  O   . HOH K 4 .  ? -11.660 -5.523  17.916  1.00 24.49 ?  303 HOH A O   1 
HETATM 1186 O  O   . HOH K 4 .  ? -6.844  5.684   12.322  1.00 19.81 ?  304 HOH A O   1 
HETATM 1187 O  O   . HOH K 4 .  ? -16.157 -10.464 -1.630  1.00 35.49 ?  305 HOH A O   1 
HETATM 1188 O  O   . HOH K 4 .  ? -11.786 -5.513  -4.113  1.00 29.80 ?  306 HOH A O   1 
HETATM 1189 O  O   . HOH K 4 .  ? -18.858 -6.128  7.026   1.00 34.77 ?  307 HOH A O   1 
HETATM 1190 O  O   . HOH K 4 .  ? 2.154   -8.074  12.312  1.00 26.67 ?  308 HOH A O   1 
HETATM 1191 O  O   . HOH K 4 .  ? -15.208 -7.426  18.229  1.00 30.27 ?  309 HOH A O   1 
HETATM 1192 O  O   . HOH K 4 .  ? -17.205 -10.966 13.763  1.00 30.60 ?  310 HOH A O   1 
HETATM 1193 O  O   . HOH K 4 .  ? 3.438   7.598   13.231  1.00 37.04 ?  311 HOH A O   1 
HETATM 1194 O  O   . HOH K 4 .  ? 4.959   -0.745  14.418  1.00 25.32 ?  312 HOH A O   1 
HETATM 1195 O  O   . HOH K 4 .  ? -0.023  -5.027  12.838  1.00 17.50 ?  313 HOH A O   1 
HETATM 1196 O  O   . HOH K 4 .  ? -13.488 7.174   2.440   1.00 32.68 ?  314 HOH A O   1 
HETATM 1197 O  O   . HOH K 4 .  ? -1.191  -7.851  -4.071  1.00 31.38 ?  315 HOH A O   1 
HETATM 1198 O  O   . HOH K 4 .  ? -2.249  3.625   5.122   1.00 15.97 ?  316 HOH A O   1 
HETATM 1199 O  O   . HOH K 4 .  ? -16.976 -9.345  8.454   1.00 27.85 ?  317 HOH A O   1 
HETATM 1200 O  O   . HOH K 4 .  ? -5.810  -8.073  -7.172  1.00 31.38 ?  318 HOH A O   1 
HETATM 1201 O  O   . HOH K 4 .  ? -7.705  -12.145 -3.078  1.00 30.65 ?  319 HOH A O   1 
HETATM 1202 O  O   . HOH K 4 .  ? -8.132  -17.448 2.496   1.00 42.27 ?  320 HOH A O   1 
HETATM 1203 O  O   . HOH K 4 .  ? 8.720   -9.790  4.026   1.00 20.54 ?  321 HOH A O   1 
HETATM 1204 O  O   . HOH K 4 .  ? 7.147   -0.822  4.960   1.00 29.60 ?  322 HOH A O   1 
HETATM 1205 O  O   . HOH K 4 .  ? -11.669 -12.526 17.276  1.00 30.09 ?  323 HOH A O   1 
HETATM 1206 O  O   . HOH K 4 .  ? -0.282  9.648   14.369  1.00 29.86 ?  324 HOH A O   1 
HETATM 1207 O  O   . HOH K 4 .  ? -7.296  -14.964 11.702  1.00 24.30 ?  325 HOH A O   1 
HETATM 1208 O  O   . HOH K 4 .  ? -9.545  9.082   13.102  1.00 19.96 ?  326 HOH A O   1 
HETATM 1209 O  O   . HOH K 4 .  ? -12.388 -2.033  18.773  1.00 22.18 ?  327 HOH A O   1 
HETATM 1210 O  O   . HOH K 4 .  ? -10.466 -14.936 -0.613  1.00 38.32 ?  328 HOH A O   1 
HETATM 1211 O  O   . HOH K 4 .  ? 2.036   -5.838  1.956   1.00 18.74 ?  329 HOH A O   1 
HETATM 1212 O  O   . HOH K 4 .  ? 3.367   1.040   5.483   1.00 22.49 ?  330 HOH A O   1 
HETATM 1213 O  O   . HOH K 4 .  ? -3.888  -11.844 3.161   1.00 25.36 ?  331 HOH A O   1 
HETATM 1214 O  O   . HOH K 4 .  ? 6.563   -1.946  11.099  1.00 32.28 ?  332 HOH A O   1 
HETATM 1215 O  O   . HOH K 4 .  ? -8.952  -5.119  5.483   1.00 21.76 ?  333 HOH A O   1 
HETATM 1216 O  O   . HOH K 4 .  ? -9.929  -10.148 20.486  1.00 30.12 ?  334 HOH A O   1 
HETATM 1217 O  O   . HOH K 4 .  ? 4.449   -4.797  1.313   1.00 23.10 ?  335 HOH A O   1 
HETATM 1218 O  O   . HOH K 4 .  ? 0.015   13.367  8.275   1.00 32.22 ?  336 HOH A O   1 
HETATM 1219 O  O   . HOH K 4 .  ? -15.674 -3.713  8.318   1.00 25.01 ?  337 HOH A O   1 
HETATM 1220 O  O   . HOH K 4 .  ? -10.662 11.518  2.437   1.00 35.54 ?  338 HOH A O   1 
HETATM 1221 O  O   . HOH K 4 .  ? 6.772   -3.501  7.851   1.00 28.97 ?  339 HOH A O   1 
HETATM 1222 O  O   . HOH K 4 .  ? -6.078  15.323  13.501  1.00 34.37 ?  340 HOH A O   1 
HETATM 1223 O  O   . HOH K 4 .  ? -1.232  12.090  12.927  1.00 31.13 ?  341 HOH A O   1 
HETATM 1224 O  O   . HOH K 4 .  ? -5.493  12.774  15.959  1.00 30.81 ?  342 HOH A O   1 
HETATM 1225 O  O   . HOH K 4 .  ? -6.943  8.838   3.006   1.00 23.55 ?  343 HOH A O   1 
HETATM 1226 O  O   . HOH K 4 .  ? -11.313 1.542   7.335   1.00 17.07 ?  344 HOH A O   1 
HETATM 1227 O  O   . HOH K 4 .  ? -4.805  6.141   18.954  1.00 31.48 ?  345 HOH A O   1 
HETATM 1228 O  O   . HOH K 4 .  ? -8.275  7.360   15.079  1.00 20.00 ?  346 HOH A O   1 
HETATM 1229 O  O   . HOH K 4 .  ? 3.526   5.356   12.071  1.00 29.57 ?  347 HOH A O   1 
HETATM 1230 O  O   . HOH K 4 .  ? -1.946  -12.816 16.105  1.00 22.00 ?  348 HOH A O   1 
HETATM 1231 O  O   . HOH K 4 .  ? -9.348  -6.250  -7.248  1.00 35.04 ?  349 HOH A O   1 
HETATM 1232 O  O   . HOH K 4 .  ? -1.431  11.771  5.226   1.00 27.46 ?  350 HOH A O   1 
HETATM 1233 O  O   . HOH K 4 .  ? -10.779 2.765   -1.891  1.00 31.02 ?  351 HOH A O   1 
HETATM 1234 O  O   . HOH K 4 .  ? 4.177   3.469   13.810  1.00 22.80 ?  352 HOH A O   1 
HETATM 1235 O  O   . HOH K 4 .  ? -15.260 -9.250  -3.868  1.00 36.58 ?  353 HOH A O   1 
HETATM 1236 O  O   . HOH K 4 .  ? -6.621  -17.512 6.468   1.00 34.30 ?  354 HOH A O   1 
HETATM 1237 O  O   . HOH K 4 .  ? -3.647  -5.646  16.362  1.00 22.83 ?  355 HOH A O   1 
HETATM 1238 O  O   . HOH K 4 .  ? -16.071 4.880   3.497   1.00 32.02 ?  356 HOH A O   1 
HETATM 1239 O  O   . HOH K 4 .  ? -2.851  -14.657 6.256   1.00 27.20 ?  357 HOH A O   1 
HETATM 1240 O  O   . HOH K 4 .  ? -8.053  13.387  8.065   1.00 26.56 ?  358 HOH A O   1 
HETATM 1241 O  O   . HOH K 4 .  ? -13.157 8.780   5.624   1.00 23.09 ?  359 HOH A O   1 
HETATM 1242 O  O   . HOH K 4 .  ? -10.872 -8.537  17.974  1.00 28.29 ?  360 HOH A O   1 
HETATM 1243 O  O   . HOH K 4 .  ? -1.943  4.884   17.870  1.00 26.48 ?  361 HOH A O   1 
HETATM 1244 O  O   . HOH K 4 .  ? -14.790 2.663   0.753   1.00 28.51 ?  362 HOH A O   1 
HETATM 1245 O  O   . HOH K 4 .  ? -14.236 -14.133 5.478   1.00 34.62 ?  363 HOH A O   1 
HETATM 1246 O  O   . HOH K 4 .  ? -15.656 -2.786  -1.832  1.00 28.65 ?  364 HOH A O   1 
HETATM 1247 O  O   . HOH K 4 .  ? -18.514 0.255   9.049   1.00 22.50 ?  365 HOH A O   1 
HETATM 1248 O  O   . HOH K 4 .  ? -14.997 0.408   -1.384  1.00 32.67 ?  366 HOH A O   1 
HETATM 1249 O  O   . HOH K 4 .  ? 4.347   -1.974  7.412   1.00 25.70 ?  367 HOH A O   1 
HETATM 1250 O  O   . HOH K 4 .  ? 8.625   -8.651  13.716  1.00 33.02 ?  368 HOH A O   1 
HETATM 1251 O  O   . HOH K 4 .  ? -14.897 -3.318  18.890  1.00 28.53 ?  369 HOH A O   1 
HETATM 1252 O  O   . HOH K 4 .  ? 2.489   -9.922  13.870  1.00 34.63 ?  370 HOH A O   1 
HETATM 1253 O  O   . HOH K 4 .  ? -14.417 5.438   0.616   1.00 34.72 ?  371 HOH A O   1 
HETATM 1254 O  O   . HOH K 4 .  ? -3.932  10.725  17.257  1.00 34.94 ?  372 HOH A O   1 
HETATM 1255 O  O   . HOH K 4 .  ? 5.953   -9.100  0.337   1.00 22.18 ?  373 HOH A O   1 
HETATM 1256 O  O   . HOH K 4 .  ? 10.251  -4.407  6.973   1.00 35.82 ?  374 HOH A O   1 
HETATM 1257 O  O   . HOH K 4 .  ? -1.128  -15.521 15.990  1.00 28.93 ?  375 HOH A O   1 
HETATM 1258 O  O   . HOH K 4 .  ? -3.534  -14.582 3.159   1.00 30.95 ?  376 HOH A O   1 
HETATM 1259 O  O   . HOH K 4 .  ? 6.628   -16.178 11.001  1.00 38.57 ?  377 HOH A O   1 
HETATM 1260 O  O   . HOH K 4 .  ? 0.535   13.259  11.690  1.00 38.49 ?  378 HOH A O   1 
HETATM 1261 O  O   . HOH K 4 .  ? 7.182   -10.325 15.568  1.00 34.12 ?  379 HOH A O   1 
HETATM 1262 O  O   . HOH K 4 .  ? 2.425   9.332   14.583  1.00 33.40 ?  380 HOH A O   1 
HETATM 1263 O  O   . HOH K 4 .  ? -6.899  14.848  5.979   1.00 34.07 ?  381 HOH A O   1 
HETATM 1264 O  O   . HOH K 4 .  ? 8.323   -0.258  7.321   1.00 35.60 ?  382 HOH A O   1 
HETATM 1265 O  O   . HOH K 4 .  ? 10.369  -8.474  5.698   1.00 24.52 ?  383 HOH A O   1 
HETATM 1266 O  O   . HOH K 4 .  ? -5.147  -16.441 2.994   1.00 37.66 ?  384 HOH A O   1 
HETATM 1267 O  O   . HOH K 4 .  ? 4.467   -16.892 12.592  1.00 49.36 ?  385 HOH A O   1 
HETATM 1268 O  O   . HOH K 4 .  ? -11.728 0.635   19.361  1.00 24.01 ?  386 HOH A O   1 
HETATM 1269 O  O   . HOH K 4 .  ? -1.538  7.125   18.594  1.00 32.52 ?  387 HOH A O   1 
HETATM 1270 O  O   . HOH K 4 .  ? 11.497  -5.383  2.730   1.00 25.99 ?  388 HOH A O   1 
HETATM 1271 O  O   . HOH K 4 .  ? -18.841 -10.068 -2.518  1.00 44.57 ?  389 HOH A O   1 
HETATM 1272 O  O   . HOH K 4 .  ? 11.641  -6.096  5.105   1.00 25.47 ?  390 HOH A O   1 
HETATM 1273 O  O   . HOH K 4 .  ? 8.562   -8.791  1.463   1.00 19.66 ?  391 HOH A O   1 
HETATM 1274 O  O   . HOH K 4 .  ? -2.333  14.240  14.745  1.00 39.07 ?  392 HOH A O   1 
HETATM 1275 O  O   . HOH K 4 .  ? 5.944   0.213   8.716   1.00 31.11 ?  393 HOH A O   1 
HETATM 1276 O  O   . HOH K 4 .  ? 1.537   14.073  9.848   1.00 41.68 ?  394 HOH A O   1 
HETATM 1277 O  O   . HOH K 4 .  ? -6.575  17.330  12.296  1.00 36.17 ?  395 HOH A O   1 
HETATM 1278 O  O   . HOH K 4 .  ? 4.547   -18.850 11.404  1.00 41.85 ?  396 HOH A O   1 
HETATM 1279 O  O   . HOH K 4 .  ? -15.498 -13.414 14.041  1.00 37.93 ?  397 HOH A O   1 
HETATM 1280 O  O   . HOH K 4 .  ? -2.160  -17.267 8.939   1.00 41.59 ?  398 HOH A O   1 
HETATM 1281 O  O   . HOH K 4 .  ? -6.652  17.175  7.590   0.50 36.19 ?  399 HOH A O   1 
HETATM 1282 O  O   . HOH L 4 .  ? -9.023  7.607   17.957  1.00 23.20 ?  101 HOH C O   1 
HETATM 1283 O  O   . HOH L 4 .  ? -8.482  5.435   21.456  1.00 28.46 ?  102 HOH C O   1 
HETATM 1284 O  O   . HOH L 4 .  ? -10.362 0.834   17.713  1.00 24.87 ?  103 HOH C O   1 
HETATM 1285 O  O   . HOH L 4 .  ? -8.790  0.749   19.690  1.00 24.22 ?  104 HOH C O   1 
HETATM 1286 O  O   . HOH M 4 .  ? 10.883  -9.432  -10.837 1.00 25.65 ?  301 HOH B O   1 
HETATM 1287 O  O   . HOH M 4 .  ? 9.084   -4.252  -18.326 1.00 31.45 ?  302 HOH B O   1 
HETATM 1288 O  O   . HOH M 4 .  ? 8.196   -9.125  -9.014  1.00 33.22 ?  303 HOH B O   1 
HETATM 1289 O  O   . HOH M 4 .  ? 1.873   15.038  -8.469  1.00 30.94 ?  304 HOH B O   1 
HETATM 1290 O  O   . HOH M 4 .  ? 2.280   9.516   5.872   1.00 26.20 ?  305 HOH B O   1 
HETATM 1291 O  O   . HOH M 4 .  ? 6.731   -6.783  -9.038  1.00 28.44 ?  306 HOH B O   1 
HETATM 1292 O  O   . HOH M 4 .  ? 8.350   -14.150 -10.668 1.00 31.67 ?  307 HOH B O   1 
HETATM 1293 O  O   . HOH M 4 .  ? -1.890  2.260   -15.478 1.00 24.99 ?  308 HOH B O   1 
HETATM 1294 O  O   . HOH M 4 .  ? 0.900   1.837   -16.110 1.00 18.27 ?  309 HOH B O   1 
HETATM 1295 O  O   . HOH M 4 .  ? 8.332   0.114   2.648   1.00 26.09 ?  310 HOH B O   1 
HETATM 1296 O  O   . HOH M 4 .  ? -6.614  13.051  -8.400  1.00 32.22 ?  311 HOH B O   1 
HETATM 1297 O  O   . HOH M 4 .  ? 6.023   -13.042 -13.049 1.00 40.34 ?  312 HOH B O   1 
HETATM 1298 O  O   . HOH M 4 .  ? 12.397  17.320  -8.379  1.00 36.70 ?  313 HOH B O   1 
HETATM 1299 O  O   . HOH M 4 .  ? 4.807   14.064  -16.219 1.00 26.52 ?  314 HOH B O   1 
HETATM 1300 O  O   . HOH M 4 .  ? 15.915  7.263   -1.022  1.00 28.36 ?  315 HOH B O   1 
HETATM 1301 O  O   . HOH M 4 .  ? 11.513  0.756   5.073   1.00 25.16 ?  316 HOH B O   1 
HETATM 1302 O  O   . HOH M 4 .  ? 15.635  10.951  -14.605 1.00 27.67 ?  317 HOH B O   1 
HETATM 1303 O  O   . HOH M 4 .  ? -1.334  1.422   -13.453 1.00 27.11 ?  318 HOH B O   1 
HETATM 1304 O  O   . HOH M 4 .  ? 6.894   -9.815  -7.253  1.00 32.36 ?  319 HOH B O   1 
HETATM 1305 O  O   . HOH M 4 .  ? 12.515  10.237  -17.514 1.00 30.85 ?  320 HOH B O   1 
HETATM 1306 O  O   . HOH M 4 .  ? 15.537  -2.658  -16.107 1.00 33.57 ?  321 HOH B O   1 
HETATM 1307 O  O   . HOH M 4 .  ? -8.342  4.063   -1.622  1.00 24.63 ?  322 HOH B O   1 
HETATM 1308 O  O   . HOH M 4 .  ? -3.476  8.410   0.096   1.00 26.97 ?  323 HOH B O   1 
HETATM 1309 O  O   . HOH M 4 .  ? 2.515   16.895  -13.273 1.00 36.38 ?  324 HOH B O   1 
HETATM 1310 O  O   . HOH M 4 .  ? 2.643   -0.945  -17.623 1.00 19.65 ?  325 HOH B O   1 
HETATM 1311 O  O   . HOH M 4 .  ? 5.177   11.178  1.423   1.00 23.17 ?  326 HOH B O   1 
HETATM 1312 O  O   . HOH M 4 .  ? -1.239  2.684   -5.211  1.00 18.50 ?  327 HOH B O   1 
HETATM 1313 O  O   . HOH M 4 .  ? 12.163  17.143  -6.019  1.00 39.52 ?  328 HOH B O   1 
HETATM 1314 O  O   . HOH M 4 .  ? 0.272   9.614   -13.927 1.00 17.85 ?  329 HOH B O   1 
HETATM 1315 O  O   . HOH M 4 .  ? -1.784  9.337   -15.737 1.00 20.87 ?  330 HOH B O   1 
HETATM 1316 O  O   . HOH M 4 .  ? 1.221   -9.052  -5.242  1.00 33.87 ?  331 HOH B O   1 
HETATM 1317 O  O   . HOH M 4 .  ? 6.333   14.945  -14.087 1.00 29.35 ?  332 HOH B O   1 
HETATM 1318 O  O   . HOH M 4 .  ? -2.495  6.487   -5.933  1.00 21.14 ?  333 HOH B O   1 
HETATM 1319 O  O   . HOH M 4 .  ? 21.373  3.163   -4.468  1.00 29.85 ?  334 HOH B O   1 
HETATM 1320 O  O   . HOH M 4 .  ? 10.698  16.474  -11.462 1.00 30.80 ?  335 HOH B O   1 
HETATM 1321 O  O   . HOH M 4 .  ? 5.466   5.071   10.168  1.00 35.96 ?  336 HOH B O   1 
HETATM 1322 O  O   . HOH M 4 .  ? 14.473  5.964   4.119   1.00 29.64 ?  337 HOH B O   1 
HETATM 1323 O  O   . HOH M 4 .  ? 3.801   -0.473  -15.138 1.00 17.04 ?  338 HOH B O   1 
HETATM 1324 O  O   . HOH M 4 .  ? -6.224  10.649  -4.194  1.00 35.23 ?  339 HOH B O   1 
HETATM 1325 O  O   . HOH M 4 .  ? 7.913   6.140   5.971   1.00 27.04 ?  340 HOH B O   1 
HETATM 1326 O  O   . HOH M 4 .  ? -0.489  5.323   3.767   1.00 17.90 ?  341 HOH B O   1 
HETATM 1327 O  O   . HOH M 4 .  ? 7.122   2.458   4.220   1.00 24.94 ?  342 HOH B O   1 
HETATM 1328 O  O   . HOH M 4 .  ? 3.863   15.032  -10.908 1.00 30.27 ?  343 HOH B O   1 
HETATM 1329 O  O   . HOH M 4 .  ? 8.533   16.549  -14.770 1.00 36.64 ?  344 HOH B O   1 
HETATM 1330 O  O   . HOH M 4 .  ? -1.001  7.478   2.094   1.00 18.86 ?  345 HOH B O   1 
HETATM 1331 O  O   . HOH M 4 .  ? 8.216   -3.735  1.423   1.00 24.43 ?  346 HOH B O   1 
HETATM 1332 O  O   . HOH M 4 .  ? 12.104  2.343   -18.656 1.00 27.83 ?  347 HOH B O   1 
HETATM 1333 O  O   . HOH M 4 .  ? -8.328  5.603   -9.197  1.00 34.28 ?  348 HOH B O   1 
HETATM 1334 O  O   . HOH M 4 .  ? 18.371  13.490  -8.749  1.00 32.65 ?  349 HOH B O   1 
HETATM 1335 O  O   . HOH M 4 .  ? 11.754  -0.736  -9.667  1.00 15.13 ?  350 HOH B O   1 
HETATM 1336 O  O   . HOH M 4 .  ? 15.107  2.694   -4.255  1.00 22.23 ?  351 HOH B O   1 
HETATM 1337 O  O   . HOH M 4 .  ? 14.019  13.664  -2.545  1.00 34.42 ?  352 HOH B O   1 
HETATM 1338 O  O   . HOH M 4 .  ? 1.123   1.918   4.091   1.00 18.05 ?  353 HOH B O   1 
HETATM 1339 O  O   . HOH M 4 .  ? 2.950   14.112  -4.529  1.00 24.21 ?  354 HOH B O   1 
HETATM 1340 O  O   . HOH M 4 .  ? 10.220  15.422  -17.410 1.00 30.34 ?  355 HOH B O   1 
HETATM 1341 O  O   . HOH M 4 .  ? 5.434   2.366   6.638   1.00 26.67 ?  356 HOH B O   1 
HETATM 1342 O  O   . HOH M 4 .  ? 6.306   15.947  -1.530  1.00 33.22 ?  357 HOH B O   1 
HETATM 1343 O  O   . HOH M 4 .  ? -6.105  4.834   -11.518 1.00 30.45 ?  358 HOH B O   1 
HETATM 1344 O  O   . HOH M 4 .  ? 4.449   9.977   -7.480  1.00 25.95 ?  359 HOH B O   1 
HETATM 1345 O  O   . HOH M 4 .  ? 17.931  -0.874  -5.678  1.00 19.33 ?  360 HOH B O   1 
HETATM 1346 O  O   . HOH M 4 .  ? 16.758  15.120  -14.732 1.00 35.72 ?  361 HOH B O   1 
HETATM 1347 O  O   . HOH M 4 .  ? 5.245   13.136  -7.878  1.00 23.98 ?  362 HOH B O   1 
HETATM 1348 O  O   . HOH M 4 .  ? 19.224  12.039  -3.056  1.00 35.45 ?  363 HOH B O   1 
HETATM 1349 O  O   . HOH M 4 .  ? 16.857  1.833   -14.523 1.00 25.04 ?  364 HOH B O   1 
HETATM 1350 O  O   . HOH M 4 .  ? 15.825  2.252   3.542   1.00 30.61 ?  365 HOH B O   1 
HETATM 1351 O  O   . HOH M 4 .  ? -8.074  8.685   -1.343  1.00 35.76 ?  366 HOH B O   1 
HETATM 1352 O  O   . HOH M 4 .  ? -1.673  9.891   3.357   1.00 23.33 ?  367 HOH B O   1 
HETATM 1353 O  O   . HOH M 4 .  ? 12.174  12.317  -18.891 1.00 28.35 ?  368 HOH B O   1 
HETATM 1354 O  O   . HOH M 4 .  ? 18.121  6.871   -13.485 1.00 29.31 ?  369 HOH B O   1 
HETATM 1355 O  O   . HOH M 4 .  ? -3.310  4.093   -12.346 1.00 24.40 ?  370 HOH B O   1 
HETATM 1356 O  O   . HOH M 4 .  ? 21.742  7.586   -2.488  1.00 32.43 ?  371 HOH B O   1 
HETATM 1357 O  O   . HOH M 4 .  ? -9.441  6.606   -2.330  1.00 36.30 ?  372 HOH B O   1 
HETATM 1358 O  O   . HOH M 4 .  ? 10.743  -2.821  3.433   1.00 29.60 ?  373 HOH B O   1 
HETATM 1359 O  O   . HOH M 4 .  ? -4.706  -4.497  -10.126 1.00 26.48 ?  374 HOH B O   1 
HETATM 1360 O  O   . HOH M 4 .  ? 7.379   9.646   4.420   1.00 31.86 ?  375 HOH B O   1 
HETATM 1361 O  O   . HOH M 4 .  ? 16.877  -3.287  -12.178 1.00 28.95 ?  376 HOH B O   1 
HETATM 1362 O  O   . HOH M 4 .  ? 11.099  -10.085 -14.248 0.50 31.37 ?  377 HOH B O   1 
HETATM 1363 O  O   . HOH M 4 .  ? 15.525  3.785   -1.429  1.00 26.32 ?  378 HOH B O   1 
HETATM 1364 O  O   . HOH M 4 .  ? 24.299  7.890   -8.485  1.00 40.49 ?  379 HOH B O   1 
HETATM 1365 O  O   . HOH M 4 .  ? 18.556  13.071  -11.342 1.00 32.54 ?  380 HOH B O   1 
HETATM 1366 O  O   . HOH M 4 .  ? 18.167  3.873   -14.883 1.00 35.62 ?  381 HOH B O   1 
HETATM 1367 O  O   . HOH M 4 .  ? 9.407   -11.049 -16.450 1.00 42.45 ?  382 HOH B O   1 
HETATM 1368 O  O   . HOH M 4 .  ? 17.409  1.900   -5.503  1.00 24.54 ?  383 HOH B O   1 
HETATM 1369 O  O   . HOH M 4 .  ? 4.801   9.387   6.319   1.00 33.06 ?  384 HOH B O   1 
HETATM 1370 O  O   . HOH M 4 .  ? -3.601  13.832  -14.514 1.00 24.77 ?  385 HOH B O   1 
HETATM 1371 O  O   . HOH M 4 .  ? 4.533   15.476  -6.675  1.00 30.67 ?  386 HOH B O   1 
HETATM 1372 O  O   . HOH M 4 .  ? -2.860  -8.375  -12.397 1.00 39.51 ?  387 HOH B O   1 
HETATM 1373 O  O   . HOH M 4 .  ? -8.085  7.837   -9.940  1.00 35.14 ?  388 HOH B O   1 
HETATM 1374 O  O   . HOH M 4 .  ? 19.570  10.246  -13.283 1.00 37.69 ?  389 HOH B O   1 
HETATM 1375 O  O   . HOH M 4 .  ? 7.230   -15.198 -12.310 1.00 37.60 ?  390 HOH B O   1 
HETATM 1376 O  O   . HOH M 4 .  ? 5.898   14.434  0.764   1.00 32.83 ?  391 HOH B O   1 
HETATM 1377 O  O   . HOH M 4 .  ? 13.673  2.195   5.972   1.00 34.70 ?  392 HOH B O   1 
HETATM 1378 O  O   . HOH M 4 .  ? 18.863  2.831   -3.486  1.00 27.22 ?  393 HOH B O   1 
HETATM 1379 O  O   . HOH M 4 .  ? 18.250  8.625   -14.975 1.00 36.45 ?  394 HOH B O   1 
HETATM 1380 O  O   . HOH M 4 .  ? 11.501  8.698   -19.188 1.00 35.95 ?  395 HOH B O   1 
HETATM 1381 O  O   . HOH M 4 .  ? 12.640  -1.738  5.589   1.00 33.78 ?  396 HOH B O   1 
HETATM 1382 O  O   . HOH M 4 .  ? 1.486   12.065  6.354   1.00 35.11 ?  397 HOH B O   1 
HETATM 1383 O  O   . HOH M 4 .  ? 17.077  2.990   0.718   1.00 27.98 ?  398 HOH B O   1 
HETATM 1384 O  O   . HOH M 4 .  ? 3.842   -6.907  -20.335 1.00 36.72 ?  399 HOH B O   1 
HETATM 1385 O  O   . HOH M 4 .  ? 11.659  12.388  -22.668 1.00 28.55 ?  400 HOH B O   1 
HETATM 1386 O  O   . HOH M 4 .  ? 14.560  -3.516  0.483   1.00 26.82 ?  401 HOH B O   1 
HETATM 1387 O  O   . HOH M 4 .  ? -2.173  -10.233 -10.849 1.00 41.74 ?  402 HOH B O   1 
HETATM 1388 O  O   . HOH M 4 .  ? 14.329  -2.406  3.072   1.00 28.77 ?  403 HOH B O   1 
HETATM 1389 O  O   . HOH M 4 .  ? -6.107  11.710  -2.158  1.00 38.57 ?  404 HOH B O   1 
HETATM 1390 O  O   . HOH M 4 .  ? 10.943  15.878  -20.100 1.00 30.82 ?  405 HOH B O   1 
HETATM 1391 O  O   . HOH M 4 .  ? 9.512   -6.430  1.055   1.00 23.39 ?  406 HOH B O   1 
HETATM 1392 O  O   . HOH M 4 .  ? 9.535   1.944   6.324   1.00 36.67 ?  407 HOH B O   1 
HETATM 1393 O  O   . HOH M 4 .  ? 6.538   2.182   10.467  1.00 35.92 ?  408 HOH B O   1 
HETATM 1394 O  O   . HOH M 4 .  ? -6.173  8.489   0.373   1.00 27.21 ?  409 HOH B O   1 
HETATM 1395 O  O   . HOH M 4 .  ? 8.283   17.640  -17.411 1.00 36.15 ?  410 HOH B O   1 
HETATM 1396 O  O   . HOH M 4 .  ? 12.555  7.463   5.341   1.00 35.89 ?  411 HOH B O   1 
HETATM 1397 O  O   . HOH M 4 .  ? 1.929   15.358  -2.044  1.00 34.20 ?  412 HOH B O   1 
HETATM 1398 O  O   . HOH M 4 .  ? 16.216  1.770   -17.343 1.00 37.14 ?  413 HOH B O   1 
HETATM 1399 O  O   . HOH M 4 .  ? 8.975   18.396  -10.621 1.00 38.30 ?  414 HOH B O   1 
HETATM 1400 O  O   . HOH M 4 .  ? 13.855  12.852  -20.864 1.00 37.71 ?  415 HOH B O   1 
HETATM 1401 O  O   . HOH M 4 .  ? 15.958  -0.503  3.493   1.00 27.21 ?  416 HOH B O   1 
HETATM 1402 O  O   . HOH M 4 .  ? 12.110  4.225   7.485   1.00 42.49 ?  417 HOH B O   1 
HETATM 1403 O  O   . HOH M 4 .  ? 9.496   18.388  -19.155 1.00 38.90 ?  418 HOH B O   1 
HETATM 1404 O  O   . HOH M 4 .  ? 9.118   1.863   10.735  1.00 41.39 ?  419 HOH B O   1 
HETATM 1405 O  O   . HOH N 4 .  ? 8.154   -5.711  -1.386  1.00 18.57 ?  101 HOH D O   1 
HETATM 1406 O  O   . HOH N 4 .  ? 5.538   -6.410  -0.586  1.00 25.03 ?  102 HOH D O   1 
HETATM 1407 O  O   . HOH N 4 .  ? 6.369   -11.300 -0.759  1.00 26.87 ?  103 HOH D O   1 
# 
